data_2K8Y
#
_entry.id   2K8Y
#
_entity_poly.entity_id   1
_entity_poly.type   'polypeptide(L)'
_entity_poly.pdbx_seq_one_letter_code
;GAMDPMIIRGIRGARINNEIFNLGLKFQILNADVVATKKHVLHAINQAKTKKPIAKSFWMEILVRASGQRQIHEAIKIIG
AKDGNVCLICEDEETFRKIYELIGGEIDDSVLEINEDKERLIREIFKIRGFGNVVERVLEKIALIELKKE
;
_entity_poly.pdbx_strand_id   A
#
# COMPACT_ATOMS: atom_id res chain seq x y z
N GLY A 1 -17.14 -4.48 -5.53
CA GLY A 1 -15.97 -4.13 -4.71
C GLY A 1 -14.68 -4.23 -5.51
N ALA A 2 -13.90 -5.29 -5.25
CA ALA A 2 -12.63 -5.55 -5.94
C ALA A 2 -12.41 -7.06 -6.13
N MET A 3 -11.53 -7.40 -7.09
CA MET A 3 -11.17 -8.81 -7.43
C MET A 3 -9.62 -8.94 -7.48
N ASP A 4 -8.95 -8.10 -6.65
CA ASP A 4 -7.47 -7.93 -6.66
C ASP A 4 -6.98 -7.49 -8.07
N PRO A 5 -7.20 -6.20 -8.47
CA PRO A 5 -6.87 -5.70 -9.83
C PRO A 5 -5.37 -5.79 -10.15
N MET A 6 -4.53 -5.22 -9.26
CA MET A 6 -3.07 -5.28 -9.37
C MET A 6 -2.54 -6.44 -8.54
N ILE A 7 -1.22 -6.64 -8.58
CA ILE A 7 -0.55 -7.77 -7.92
C ILE A 7 0.08 -7.27 -6.63
N ILE A 8 -0.57 -7.58 -5.50
CA ILE A 8 -0.05 -7.29 -4.17
C ILE A 8 0.35 -8.63 -3.55
N ARG A 9 1.63 -8.78 -3.18
CA ARG A 9 2.19 -10.04 -2.65
C ARG A 9 2.99 -9.73 -1.38
N GLY A 10 2.95 -10.67 -0.43
CA GLY A 10 3.60 -10.51 0.86
C GLY A 10 4.88 -11.31 0.90
N ILE A 11 5.99 -10.64 1.21
CA ILE A 11 7.31 -11.27 1.22
C ILE A 11 8.03 -10.91 2.53
N ARG A 12 8.71 -11.92 3.12
CA ARG A 12 9.33 -11.81 4.46
C ARG A 12 10.79 -12.26 4.35
N GLY A 13 11.70 -11.39 4.78
CA GLY A 13 13.15 -11.56 4.58
C GLY A 13 13.67 -10.77 3.40
N ALA A 14 12.77 -9.99 2.75
CA ALA A 14 13.08 -9.19 1.57
C ALA A 14 13.90 -7.95 1.93
N ARG A 15 15.22 -8.05 1.75
CA ARG A 15 16.15 -6.94 2.02
C ARG A 15 16.04 -5.87 0.92
N ILE A 16 15.43 -4.72 1.27
CA ILE A 16 15.23 -3.58 0.35
C ILE A 16 16.59 -2.90 0.03
N ASN A 17 16.91 -2.82 -1.27
CA ASN A 17 18.15 -2.17 -1.77
C ASN A 17 17.78 -1.12 -2.82
N ASN A 18 18.73 -0.25 -3.15
CA ASN A 18 18.49 0.88 -4.07
C ASN A 18 18.35 0.43 -5.55
N GLU A 19 18.80 -0.80 -5.88
CA GLU A 19 18.86 -1.31 -7.27
C GLU A 19 17.44 -1.57 -7.83
N ILE A 20 16.49 -1.97 -6.94
CA ILE A 20 15.07 -2.20 -7.32
C ILE A 20 14.44 -1.01 -8.06
N PHE A 21 14.93 0.22 -7.80
CA PHE A 21 14.37 1.44 -8.39
C PHE A 21 15.05 1.78 -9.73
N ASN A 22 16.25 1.24 -9.94
CA ASN A 22 17.12 1.61 -11.09
C ASN A 22 16.64 0.95 -12.41
N LEU A 23 15.71 -0.03 -12.31
CA LEU A 23 15.10 -0.68 -13.49
C LEU A 23 13.96 0.17 -14.09
N GLY A 24 13.58 1.26 -13.38
CA GLY A 24 12.56 2.21 -13.84
C GLY A 24 11.18 1.63 -14.21
N LEU A 25 10.88 0.41 -13.72
CA LEU A 25 9.58 -0.25 -13.99
C LEU A 25 8.51 0.27 -13.01
N LYS A 26 7.28 -0.19 -13.23
CA LYS A 26 6.11 0.26 -12.48
C LYS A 26 5.90 -0.63 -11.25
N PHE A 27 6.41 -0.16 -10.10
CA PHE A 27 6.28 -0.85 -8.81
C PHE A 27 6.20 0.18 -7.67
N GLN A 28 5.63 -0.25 -6.55
CA GLN A 28 5.69 0.45 -5.26
C GLN A 28 5.93 -0.63 -4.20
N ILE A 29 6.65 -0.30 -3.14
CA ILE A 29 6.86 -1.21 -2.00
C ILE A 29 6.58 -0.45 -0.71
N LEU A 30 5.62 -0.93 0.11
CA LEU A 30 5.31 -0.30 1.42
C LEU A 30 5.49 -1.34 2.54
N ASN A 31 5.28 -0.90 3.78
CA ASN A 31 5.54 -1.72 4.98
C ASN A 31 4.41 -2.77 5.16
N ALA A 32 4.76 -4.07 5.14
CA ALA A 32 3.77 -5.17 5.34
C ALA A 32 3.44 -5.40 6.83
N ASP A 33 4.08 -4.64 7.72
CA ASP A 33 3.81 -4.71 9.15
C ASP A 33 2.54 -3.92 9.51
N VAL A 34 2.30 -2.83 8.75
CA VAL A 34 1.17 -1.90 8.98
C VAL A 34 -0.03 -2.18 8.04
N VAL A 35 0.09 -3.15 7.15
CA VAL A 35 -0.95 -3.44 6.16
C VAL A 35 -2.08 -4.25 6.82
N ALA A 36 -3.33 -3.93 6.46
CA ALA A 36 -4.48 -4.75 6.82
C ALA A 36 -4.49 -5.98 5.90
N THR A 37 -4.85 -5.76 4.62
CA THR A 37 -4.84 -6.78 3.57
C THR A 37 -4.48 -6.17 2.21
N LYS A 38 -4.50 -7.01 1.15
CA LYS A 38 -4.43 -6.54 -0.25
C LYS A 38 -5.51 -5.47 -0.53
N LYS A 39 -6.73 -5.66 0.03
CA LYS A 39 -7.87 -4.73 -0.14
C LYS A 39 -7.50 -3.29 0.29
N HIS A 40 -6.58 -3.20 1.26
CA HIS A 40 -6.04 -1.92 1.73
C HIS A 40 -5.18 -1.24 0.66
N VAL A 41 -4.22 -1.99 0.09
CA VAL A 41 -3.28 -1.49 -0.91
C VAL A 41 -3.97 -1.17 -2.26
N LEU A 42 -4.69 -2.17 -2.83
CA LEU A 42 -5.39 -2.03 -4.14
C LEU A 42 -6.37 -0.84 -4.15
N HIS A 43 -6.96 -0.60 -2.98
CA HIS A 43 -7.83 0.55 -2.72
C HIS A 43 -7.04 1.85 -2.88
N ALA A 44 -5.82 1.89 -2.32
CA ALA A 44 -4.95 3.09 -2.35
C ALA A 44 -4.48 3.42 -3.78
N ILE A 45 -4.19 2.35 -4.56
CA ILE A 45 -3.92 2.43 -6.01
C ILE A 45 -5.12 3.09 -6.74
N ASN A 46 -6.31 2.57 -6.39
CA ASN A 46 -7.58 2.99 -6.96
C ASN A 46 -7.91 4.46 -6.59
N GLN A 47 -7.43 4.92 -5.41
CA GLN A 47 -7.56 6.33 -4.97
C GLN A 47 -6.69 7.23 -5.84
N ALA A 48 -5.48 6.74 -6.17
CA ALA A 48 -4.53 7.44 -7.04
C ALA A 48 -5.03 7.56 -8.50
N LYS A 49 -5.90 6.62 -8.92
CA LYS A 49 -6.47 6.60 -10.28
C LYS A 49 -7.62 7.61 -10.44
N THR A 50 -8.37 7.84 -9.34
CA THR A 50 -9.60 8.68 -9.38
C THR A 50 -9.31 10.14 -8.96
N LYS A 51 -8.53 10.31 -7.88
CA LYS A 51 -8.24 11.63 -7.28
C LYS A 51 -6.71 11.86 -7.28
N LYS A 52 -6.23 12.91 -7.96
CA LYS A 52 -4.82 13.37 -7.86
C LYS A 52 -4.73 14.65 -6.97
N PRO A 53 -4.33 14.51 -5.65
CA PRO A 53 -4.19 15.66 -4.74
C PRO A 53 -2.97 16.57 -5.04
N ILE A 54 -1.77 16.16 -4.57
CA ILE A 54 -0.55 17.03 -4.56
C ILE A 54 0.75 16.18 -4.68
N ALA A 55 0.63 14.88 -5.00
CA ALA A 55 1.76 13.93 -4.93
C ALA A 55 2.71 14.05 -6.14
N LYS A 56 3.94 13.54 -5.96
CA LYS A 56 5.01 13.61 -6.97
C LYS A 56 4.69 12.74 -8.19
N SER A 57 4.32 11.47 -7.93
CA SER A 57 4.08 10.46 -8.98
C SER A 57 2.95 9.51 -8.54
N PHE A 58 2.50 8.64 -9.48
CA PHE A 58 1.35 7.73 -9.26
C PHE A 58 1.61 6.74 -8.12
N TRP A 59 2.68 5.94 -8.26
CA TRP A 59 3.05 4.94 -7.24
C TRP A 59 3.43 5.62 -5.91
N MET A 60 4.03 6.83 -6.02
CA MET A 60 4.42 7.62 -4.83
C MET A 60 3.18 8.25 -4.16
N GLU A 61 2.08 8.32 -4.92
CA GLU A 61 0.76 8.75 -4.43
C GLU A 61 0.08 7.62 -3.63
N ILE A 62 0.22 6.36 -4.11
CA ILE A 62 -0.42 5.17 -3.49
C ILE A 62 -0.07 5.05 -1.99
N LEU A 63 1.24 5.07 -1.71
CA LEU A 63 1.78 5.05 -0.33
C LEU A 63 1.17 6.16 0.58
N VAL A 64 0.79 7.34 0.02
CA VAL A 64 0.21 8.44 0.85
C VAL A 64 -1.29 8.19 1.17
N ARG A 65 -2.02 7.52 0.23
CA ARG A 65 -3.50 7.31 0.37
C ARG A 65 -3.82 6.34 1.51
N ALA A 66 -3.03 5.25 1.55
CA ALA A 66 -3.21 4.14 2.51
C ALA A 66 -3.02 4.59 3.98
N SER A 67 -2.33 5.72 4.19
CA SER A 67 -2.07 6.29 5.52
C SER A 67 -3.10 7.40 5.92
N GLY A 68 -4.21 7.55 5.16
CA GLY A 68 -5.19 8.63 5.41
C GLY A 68 -4.84 9.94 4.74
N GLN A 69 -4.36 9.83 3.47
CA GLN A 69 -3.94 10.96 2.60
C GLN A 69 -2.82 11.80 3.26
N ARG A 70 -1.59 11.49 2.88
CA ARG A 70 -0.36 12.12 3.44
C ARG A 70 0.43 12.77 2.29
N GLN A 71 1.72 13.03 2.54
CA GLN A 71 2.69 13.46 1.51
C GLN A 71 3.82 12.42 1.47
N ILE A 72 4.59 12.44 0.37
CA ILE A 72 5.59 11.39 0.03
C ILE A 72 6.54 11.10 1.20
N HIS A 73 7.12 12.18 1.78
CA HIS A 73 8.09 12.07 2.87
C HIS A 73 7.46 11.40 4.11
N GLU A 74 6.33 11.98 4.58
CA GLU A 74 5.58 11.49 5.75
C GLU A 74 5.22 10.01 5.61
N ALA A 75 4.51 9.68 4.54
CA ALA A 75 4.02 8.31 4.26
C ALA A 75 5.16 7.26 4.14
N ILE A 76 6.34 7.68 3.68
CA ILE A 76 7.55 6.82 3.67
C ILE A 76 8.04 6.53 5.10
N LYS A 77 7.97 7.54 5.99
CA LYS A 77 8.38 7.39 7.40
C LYS A 77 7.38 6.47 8.13
N ILE A 78 6.08 6.72 7.90
CA ILE A 78 4.97 5.99 8.54
C ILE A 78 4.86 4.54 7.99
N ILE A 79 4.51 4.41 6.68
CA ILE A 79 4.25 3.09 6.06
C ILE A 79 5.14 2.79 4.83
N GLY A 80 6.35 3.38 4.76
CA GLY A 80 7.24 3.14 3.60
C GLY A 80 7.95 1.78 3.64
N ALA A 81 8.78 1.49 2.62
CA ALA A 81 9.48 0.20 2.51
C ALA A 81 10.62 0.08 3.52
N LYS A 82 10.82 -1.13 4.03
CA LYS A 82 11.87 -1.48 4.98
C LYS A 82 12.21 -2.96 4.76
N ASP A 83 13.48 -3.37 4.99
CA ASP A 83 13.90 -4.76 4.79
C ASP A 83 13.20 -5.71 5.79
N GLY A 84 13.02 -6.97 5.36
CA GLY A 84 12.33 -7.99 6.14
C GLY A 84 10.91 -8.22 5.63
N ASN A 85 9.91 -7.95 6.48
CA ASN A 85 8.50 -8.16 6.13
C ASN A 85 7.98 -6.91 5.40
N VAL A 86 7.86 -7.03 4.07
CA VAL A 86 7.51 -5.90 3.22
C VAL A 86 6.46 -6.31 2.15
N CYS A 87 5.72 -5.30 1.67
CA CYS A 87 4.54 -5.47 0.79
C CYS A 87 4.90 -5.05 -0.63
N LEU A 88 4.72 -5.97 -1.59
CA LEU A 88 5.03 -5.73 -3.00
C LEU A 88 3.75 -5.28 -3.72
N ILE A 89 3.85 -4.17 -4.43
CA ILE A 89 2.78 -3.62 -5.27
C ILE A 89 3.31 -3.54 -6.70
N CYS A 90 2.70 -4.28 -7.64
CA CYS A 90 3.14 -4.32 -9.04
C CYS A 90 1.94 -4.47 -10.02
N GLU A 91 2.19 -4.13 -11.29
CA GLU A 91 1.21 -4.33 -12.39
C GLU A 91 1.40 -5.69 -13.08
N ASP A 92 2.65 -6.03 -13.44
CA ASP A 92 2.96 -7.23 -14.26
C ASP A 92 3.71 -8.28 -13.41
N GLU A 93 3.33 -9.57 -13.55
CA GLU A 93 4.01 -10.70 -12.86
C GLU A 93 5.50 -10.78 -13.22
N GLU A 94 5.88 -10.29 -14.41
CA GLU A 94 7.29 -10.27 -14.84
C GLU A 94 8.04 -9.22 -14.00
N THR A 95 7.41 -8.03 -13.80
CA THR A 95 7.97 -6.94 -13.00
C THR A 95 8.08 -7.33 -11.51
N PHE A 96 7.08 -8.09 -11.01
CA PHE A 96 7.11 -8.62 -9.64
C PHE A 96 8.31 -9.55 -9.48
N ARG A 97 8.53 -10.40 -10.48
CA ARG A 97 9.66 -11.34 -10.52
C ARG A 97 11.00 -10.55 -10.52
N LYS A 98 11.05 -9.43 -11.30
CA LYS A 98 12.24 -8.55 -11.40
C LYS A 98 12.66 -8.04 -10.01
N ILE A 99 11.67 -7.45 -9.29
CA ILE A 99 11.89 -6.85 -7.97
C ILE A 99 12.28 -7.94 -6.94
N TYR A 100 11.53 -9.07 -6.97
CA TYR A 100 11.81 -10.26 -6.14
C TYR A 100 13.29 -10.70 -6.19
N GLU A 101 13.91 -10.64 -7.39
CA GLU A 101 15.31 -11.03 -7.59
C GLU A 101 16.26 -10.17 -6.72
N LEU A 102 16.06 -8.85 -6.72
CA LEU A 102 16.90 -7.92 -5.94
C LEU A 102 16.61 -7.97 -4.42
N ILE A 103 15.34 -8.15 -4.01
CA ILE A 103 14.96 -8.07 -2.57
C ILE A 103 15.30 -9.40 -1.84
N GLY A 104 14.90 -10.53 -2.45
CA GLY A 104 15.24 -11.86 -1.95
C GLY A 104 14.63 -12.19 -0.59
N GLY A 105 13.48 -12.86 -0.60
CA GLY A 105 12.80 -13.30 0.63
C GLY A 105 11.85 -14.45 0.34
N GLU A 106 11.01 -14.82 1.31
CA GLU A 106 10.03 -15.91 1.16
C GLU A 106 8.62 -15.33 1.09
N ILE A 107 7.81 -15.83 0.14
CA ILE A 107 6.44 -15.37 -0.07
C ILE A 107 5.52 -16.01 0.99
N ASP A 108 4.86 -15.15 1.75
CA ASP A 108 3.94 -15.51 2.82
C ASP A 108 2.81 -14.48 2.79
N ASP A 109 1.72 -14.83 2.13
CA ASP A 109 0.56 -13.95 1.92
C ASP A 109 -0.16 -13.66 3.25
N SER A 110 0.10 -14.48 4.30
CA SER A 110 -0.48 -14.31 5.64
C SER A 110 -0.13 -12.96 6.32
N VAL A 111 1.02 -12.36 5.95
CA VAL A 111 1.39 -11.02 6.45
C VAL A 111 0.41 -9.93 5.90
N LEU A 112 -0.25 -10.28 4.77
CA LEU A 112 -1.28 -9.45 4.12
C LEU A 112 -2.72 -9.96 4.40
N GLU A 113 -2.93 -10.82 5.43
CA GLU A 113 -4.31 -11.36 5.68
C GLU A 113 -4.92 -10.87 7.00
N ILE A 114 -4.16 -10.06 7.81
CA ILE A 114 -4.62 -9.48 9.08
C ILE A 114 -4.63 -10.49 10.26
N ASN A 115 -4.20 -9.99 11.44
CA ASN A 115 -4.26 -10.70 12.74
C ASN A 115 -4.31 -9.65 13.88
N GLU A 116 -4.24 -10.11 15.14
CA GLU A 116 -4.32 -9.24 16.32
C GLU A 116 -3.04 -8.35 16.50
N ASP A 117 -1.85 -8.88 16.13
CA ASP A 117 -0.58 -8.11 16.20
C ASP A 117 -0.59 -6.91 15.23
N LYS A 118 -1.02 -7.16 13.97
CA LYS A 118 -1.21 -6.09 12.97
C LYS A 118 -2.29 -5.11 13.45
N GLU A 119 -3.30 -5.64 14.16
CA GLU A 119 -4.50 -4.87 14.56
C GLU A 119 -4.12 -3.71 15.49
N ARG A 120 -3.36 -4.01 16.56
CA ARG A 120 -3.01 -3.04 17.59
C ARG A 120 -2.00 -1.98 17.10
N LEU A 121 -1.01 -2.39 16.28
CA LEU A 121 -0.03 -1.46 15.70
C LEU A 121 -0.67 -0.59 14.60
N ILE A 122 -1.65 -1.16 13.85
CA ILE A 122 -2.40 -0.46 12.77
C ILE A 122 -3.15 0.75 13.34
N ARG A 123 -3.71 0.59 14.54
CA ARG A 123 -4.45 1.68 15.18
C ARG A 123 -3.47 2.74 15.71
N GLU A 124 -2.19 2.38 15.98
CA GLU A 124 -1.14 3.38 16.30
C GLU A 124 -0.81 4.37 15.15
N ILE A 125 -0.38 3.86 13.97
CA ILE A 125 0.04 4.77 12.86
C ILE A 125 -1.15 5.38 12.09
N PHE A 126 -2.24 4.61 11.93
CA PHE A 126 -3.42 5.09 11.20
C PHE A 126 -4.41 5.81 12.13
N LYS A 127 -4.45 5.41 13.41
CA LYS A 127 -5.28 6.06 14.47
C LYS A 127 -6.77 6.06 14.11
N ILE A 128 -7.38 4.88 14.28
CA ILE A 128 -8.78 4.61 13.93
C ILE A 128 -9.51 4.15 15.20
N ARG A 129 -10.65 4.81 15.52
CA ARG A 129 -11.57 4.31 16.53
C ARG A 129 -12.54 3.33 15.84
N GLY A 130 -12.35 2.02 16.09
CA GLY A 130 -13.16 0.99 15.44
C GLY A 130 -12.74 -0.41 15.88
N PHE A 131 -13.75 -1.26 16.11
CA PHE A 131 -13.58 -2.69 16.46
C PHE A 131 -13.99 -3.57 15.26
N GLY A 132 -14.10 -4.90 15.47
CA GLY A 132 -14.55 -5.82 14.42
C GLY A 132 -13.43 -6.14 13.44
N ASN A 133 -13.66 -5.89 12.13
CA ASN A 133 -12.69 -6.20 11.06
C ASN A 133 -11.86 -4.96 10.71
N VAL A 134 -10.54 -5.08 10.89
CA VAL A 134 -9.56 -3.99 10.66
C VAL A 134 -9.49 -3.57 9.17
N VAL A 135 -9.83 -4.50 8.26
CA VAL A 135 -9.75 -4.26 6.81
C VAL A 135 -10.77 -3.19 6.39
N GLU A 136 -12.00 -3.38 6.89
CA GLU A 136 -13.11 -2.44 6.68
C GLU A 136 -12.82 -1.10 7.38
N ARG A 137 -12.26 -1.16 8.60
CA ARG A 137 -12.06 0.03 9.46
C ARG A 137 -11.00 0.98 8.88
N VAL A 138 -9.93 0.42 8.30
CA VAL A 138 -8.85 1.22 7.71
C VAL A 138 -9.33 1.92 6.44
N LEU A 139 -10.09 1.19 5.60
CA LEU A 139 -10.71 1.77 4.39
C LEU A 139 -11.71 2.87 4.73
N GLU A 140 -12.55 2.66 5.76
CA GLU A 140 -13.50 3.67 6.22
C GLU A 140 -12.80 4.99 6.60
N LYS A 141 -11.68 4.89 7.34
CA LYS A 141 -10.96 6.09 7.83
C LYS A 141 -10.24 6.82 6.67
N ILE A 142 -9.52 6.05 5.83
CA ILE A 142 -8.64 6.64 4.79
C ILE A 142 -9.47 7.17 3.62
N ALA A 143 -10.59 6.49 3.32
CA ALA A 143 -11.43 6.77 2.14
C ALA A 143 -12.61 7.69 2.46
N LEU A 144 -12.78 8.05 3.75
CA LEU A 144 -13.86 8.95 4.17
C LEU A 144 -13.68 10.30 3.48
N ILE A 145 -12.44 10.85 3.55
CA ILE A 145 -12.07 12.09 2.85
C ILE A 145 -12.00 11.89 1.32
N GLU A 146 -11.55 10.68 0.90
CA GLU A 146 -11.37 10.33 -0.54
C GLU A 146 -12.72 10.28 -1.31
N LEU A 147 -13.83 10.41 -0.56
CA LEU A 147 -15.19 10.66 -1.09
C LEU A 147 -15.86 9.36 -1.58
N LYS A 148 -15.35 8.18 -1.13
CA LYS A 148 -15.83 6.84 -1.57
C LYS A 148 -14.92 5.72 -1.02
N LYS A 149 -15.53 4.71 -0.36
CA LYS A 149 -14.83 3.50 0.14
C LYS A 149 -14.52 2.46 -1.00
N GLU A 150 -14.19 2.98 -2.20
CA GLU A 150 -14.12 2.18 -3.44
C GLU A 150 -12.66 2.21 -3.94
N GLY A 1 -13.93 -5.19 -12.74
CA GLY A 1 -12.94 -6.12 -13.35
C GLY A 1 -12.78 -7.38 -12.53
N ALA A 2 -11.52 -7.86 -12.39
CA ALA A 2 -11.18 -9.07 -11.63
C ALA A 2 -11.24 -8.81 -10.11
N MET A 3 -11.21 -9.91 -9.32
CA MET A 3 -11.18 -9.86 -7.84
C MET A 3 -10.00 -9.01 -7.37
N ASP A 4 -8.82 -9.26 -7.97
CA ASP A 4 -7.66 -8.37 -7.90
C ASP A 4 -7.48 -7.71 -9.30
N PRO A 5 -7.99 -6.45 -9.51
CA PRO A 5 -7.85 -5.75 -10.82
C PRO A 5 -6.39 -5.34 -11.09
N MET A 6 -5.68 -4.93 -10.02
CA MET A 6 -4.23 -4.68 -10.05
C MET A 6 -3.53 -5.84 -9.33
N ILE A 7 -2.19 -5.86 -9.35
CA ILE A 7 -1.41 -6.95 -8.75
C ILE A 7 -0.79 -6.42 -7.46
N ILE A 8 -1.37 -6.83 -6.32
CA ILE A 8 -0.86 -6.49 -4.98
C ILE A 8 -0.27 -7.78 -4.41
N ARG A 9 1.02 -7.79 -4.02
CA ARG A 9 1.68 -9.03 -3.60
C ARG A 9 2.37 -8.83 -2.25
N GLY A 10 2.36 -9.90 -1.45
CA GLY A 10 2.96 -9.91 -0.13
C GLY A 10 4.25 -10.70 -0.17
N ILE A 11 5.32 -10.07 0.31
CA ILE A 11 6.66 -10.65 0.31
C ILE A 11 7.41 -10.29 1.60
N ARG A 12 8.24 -11.24 2.07
CA ARG A 12 9.02 -11.11 3.32
C ARG A 12 10.52 -11.29 3.00
N GLY A 13 11.32 -10.36 3.51
CA GLY A 13 12.78 -10.35 3.26
C GLY A 13 13.15 -9.57 2.01
N ALA A 14 12.16 -8.87 1.41
CA ALA A 14 12.33 -8.09 0.19
C ALA A 14 13.16 -6.82 0.45
N ARG A 15 14.47 -6.92 0.20
CA ARG A 15 15.40 -5.81 0.39
C ARG A 15 15.21 -4.77 -0.73
N ILE A 16 14.54 -3.66 -0.38
CA ILE A 16 14.26 -2.55 -1.30
C ILE A 16 15.59 -1.89 -1.74
N ASN A 17 15.96 -2.10 -3.00
CA ASN A 17 17.21 -1.55 -3.59
C ASN A 17 16.87 -0.54 -4.69
N ASN A 18 17.85 0.25 -5.12
CA ASN A 18 17.67 1.32 -6.13
C ASN A 18 17.44 0.77 -7.56
N GLU A 19 17.77 -0.52 -7.80
CA GLU A 19 17.72 -1.12 -9.16
C GLU A 19 16.28 -1.19 -9.71
N ILE A 20 15.31 -1.47 -8.80
CA ILE A 20 13.85 -1.49 -9.11
C ILE A 20 13.35 -0.21 -9.82
N PHE A 21 14.08 0.91 -9.71
CA PHE A 21 13.67 2.20 -10.29
C PHE A 21 14.26 2.39 -11.71
N ASN A 22 15.41 1.74 -11.97
CA ASN A 22 16.23 1.97 -13.19
C ASN A 22 15.58 1.40 -14.46
N LEU A 23 14.59 0.50 -14.27
CA LEU A 23 13.86 -0.12 -15.39
C LEU A 23 12.74 0.80 -15.94
N GLY A 24 12.47 1.90 -15.20
CA GLY A 24 11.47 2.91 -15.60
C GLY A 24 10.05 2.40 -15.86
N LEU A 25 9.71 1.22 -15.33
CA LEU A 25 8.42 0.56 -15.57
C LEU A 25 7.33 1.04 -14.58
N LYS A 26 6.10 0.54 -14.77
CA LYS A 26 4.92 0.94 -13.99
C LYS A 26 4.84 0.08 -12.71
N PHE A 27 5.33 0.64 -11.58
CA PHE A 27 5.22 0.00 -10.25
C PHE A 27 5.07 1.07 -9.15
N GLN A 28 4.56 0.63 -7.99
CA GLN A 28 4.68 1.35 -6.71
C GLN A 28 4.85 0.29 -5.63
N ILE A 29 5.56 0.61 -4.56
CA ILE A 29 5.75 -0.32 -3.43
C ILE A 29 5.43 0.43 -2.13
N LEU A 30 4.54 -0.13 -1.30
CA LEU A 30 4.20 0.44 0.03
C LEU A 30 4.39 -0.63 1.12
N ASN A 31 4.25 -0.22 2.38
CA ASN A 31 4.58 -1.06 3.55
C ASN A 31 3.46 -2.11 3.80
N ALA A 32 3.85 -3.35 4.14
CA ALA A 32 2.89 -4.47 4.36
C ALA A 32 2.23 -4.43 5.76
N ASP A 33 2.60 -3.44 6.56
CA ASP A 33 2.02 -3.23 7.91
C ASP A 33 0.69 -2.47 7.82
N VAL A 34 0.52 -1.72 6.72
CA VAL A 34 -0.61 -0.78 6.54
C VAL A 34 -1.55 -1.24 5.40
N VAL A 35 -1.18 -2.34 4.72
CA VAL A 35 -1.88 -2.83 3.51
C VAL A 35 -3.36 -3.16 3.79
N ALA A 36 -3.65 -3.62 5.03
CA ALA A 36 -4.96 -4.19 5.42
C ALA A 36 -5.27 -5.41 4.53
N THR A 37 -5.85 -5.17 3.35
CA THR A 37 -6.06 -6.18 2.31
C THR A 37 -5.73 -5.58 0.94
N LYS A 38 -5.76 -6.44 -0.09
CA LYS A 38 -5.79 -5.98 -1.50
C LYS A 38 -6.88 -4.92 -1.68
N LYS A 39 -8.08 -5.18 -1.13
CA LYS A 39 -9.27 -4.29 -1.23
C LYS A 39 -8.96 -2.83 -0.84
N HIS A 40 -8.06 -2.67 0.15
CA HIS A 40 -7.60 -1.35 0.60
C HIS A 40 -6.79 -0.64 -0.50
N VAL A 41 -5.74 -1.32 -1.00
CA VAL A 41 -4.83 -0.74 -1.99
C VAL A 41 -5.49 -0.56 -3.38
N LEU A 42 -6.18 -1.61 -3.88
CA LEU A 42 -6.89 -1.57 -5.19
C LEU A 42 -7.97 -0.48 -5.21
N HIS A 43 -8.57 -0.19 -4.02
CA HIS A 43 -9.47 0.98 -3.85
C HIS A 43 -8.68 2.27 -4.12
N ALA A 44 -7.48 2.37 -3.53
CA ALA A 44 -6.64 3.58 -3.63
C ALA A 44 -6.24 3.87 -5.10
N ILE A 45 -5.82 2.81 -5.79
CA ILE A 45 -5.43 2.85 -7.22
C ILE A 45 -6.64 3.20 -8.12
N ASN A 46 -7.75 2.47 -7.92
CA ASN A 46 -9.04 2.67 -8.65
C ASN A 46 -9.48 4.14 -8.59
N GLN A 47 -9.41 4.69 -7.37
CA GLN A 47 -9.77 6.07 -7.10
C GLN A 47 -8.78 7.05 -7.77
N ALA A 48 -7.50 6.68 -7.84
CA ALA A 48 -6.48 7.49 -8.54
C ALA A 48 -6.68 7.43 -10.08
N LYS A 49 -7.39 6.39 -10.56
CA LYS A 49 -7.70 6.20 -12.00
C LYS A 49 -8.98 6.95 -12.42
N THR A 50 -10.00 7.00 -11.54
CA THR A 50 -11.31 7.61 -11.87
C THR A 50 -11.31 9.13 -11.56
N LYS A 51 -10.63 9.50 -10.45
CA LYS A 51 -10.44 10.91 -10.06
C LYS A 51 -9.23 11.49 -10.77
N LYS A 52 -9.18 12.82 -10.90
CA LYS A 52 -8.00 13.56 -11.38
C LYS A 52 -7.31 14.18 -10.14
N PRO A 53 -6.16 13.57 -9.67
CA PRO A 53 -5.42 14.02 -8.45
C PRO A 53 -4.94 15.49 -8.44
N ILE A 54 -4.34 15.88 -7.31
CA ILE A 54 -3.54 17.12 -7.19
C ILE A 54 -2.10 16.77 -6.76
N ALA A 55 -1.82 15.44 -6.68
CA ALA A 55 -0.49 14.88 -6.34
C ALA A 55 0.53 15.13 -7.47
N LYS A 56 1.77 14.67 -7.25
CA LYS A 56 2.88 14.79 -8.22
C LYS A 56 2.52 14.03 -9.52
N SER A 57 2.07 12.77 -9.35
CA SER A 57 1.66 11.88 -10.45
C SER A 57 0.69 10.78 -9.93
N PHE A 58 0.36 9.80 -10.79
CA PHE A 58 -0.60 8.71 -10.51
C PHE A 58 -0.15 7.80 -9.34
N TRP A 59 1.04 7.16 -9.47
CA TRP A 59 1.58 6.27 -8.41
C TRP A 59 1.86 7.06 -7.12
N MET A 60 2.17 8.36 -7.28
CA MET A 60 2.39 9.29 -6.16
C MET A 60 1.08 9.69 -5.46
N GLU A 61 -0.05 9.54 -6.17
CA GLU A 61 -1.39 9.68 -5.56
C GLU A 61 -1.73 8.43 -4.74
N ILE A 62 -1.43 7.25 -5.28
CA ILE A 62 -1.79 5.94 -4.64
C ILE A 62 -1.23 5.82 -3.21
N LEU A 63 0.00 6.30 -3.03
CA LEU A 63 0.68 6.27 -1.72
C LEU A 63 0.04 7.26 -0.72
N VAL A 64 -0.52 8.39 -1.21
CA VAL A 64 -1.26 9.32 -0.32
C VAL A 64 -2.73 8.85 -0.14
N ARG A 65 -3.27 8.16 -1.16
CA ARG A 65 -4.68 7.75 -1.25
C ARG A 65 -4.98 6.65 -0.21
N ALA A 66 -4.09 5.65 -0.14
CA ALA A 66 -4.16 4.56 0.86
C ALA A 66 -3.95 5.09 2.30
N SER A 67 -3.26 6.25 2.43
CA SER A 67 -3.06 6.92 3.73
C SER A 67 -4.06 8.10 3.88
N GLY A 68 -5.21 8.05 3.15
CA GLY A 68 -6.22 9.11 3.20
C GLY A 68 -5.91 10.28 2.25
N GLN A 69 -5.16 11.23 2.77
CA GLN A 69 -4.81 12.47 2.06
C GLN A 69 -3.70 13.18 2.82
N ARG A 70 -2.58 13.37 2.12
CA ARG A 70 -1.41 14.11 2.61
C ARG A 70 -0.42 14.27 1.47
N GLN A 71 0.52 15.19 1.66
CA GLN A 71 1.66 15.34 0.73
C GLN A 71 2.49 14.04 0.61
N ILE A 72 3.09 13.86 -0.59
CA ILE A 72 3.85 12.65 -0.97
C ILE A 72 4.94 12.28 0.08
N HIS A 73 5.64 13.31 0.62
CA HIS A 73 6.66 13.13 1.68
C HIS A 73 6.06 12.44 2.92
N GLU A 74 4.91 12.98 3.37
CA GLU A 74 4.17 12.45 4.54
C GLU A 74 3.80 10.97 4.36
N ALA A 75 3.23 10.65 3.19
CA ALA A 75 2.82 9.29 2.82
C ALA A 75 4.02 8.31 2.74
N ILE A 76 5.18 8.80 2.26
CA ILE A 76 6.44 8.01 2.20
C ILE A 76 6.92 7.65 3.63
N LYS A 77 6.76 8.58 4.57
CA LYS A 77 7.17 8.36 5.97
C LYS A 77 6.29 7.28 6.62
N ILE A 78 4.96 7.45 6.46
CA ILE A 78 3.96 6.57 7.08
C ILE A 78 3.89 5.20 6.38
N ILE A 79 3.46 5.17 5.10
CA ILE A 79 3.22 3.90 4.39
C ILE A 79 4.25 3.59 3.29
N GLY A 80 5.40 4.29 3.25
CA GLY A 80 6.38 4.05 2.17
C GLY A 80 7.06 2.68 2.28
N ALA A 81 7.78 2.28 1.24
CA ALA A 81 8.40 0.95 1.17
C ALA A 81 9.72 0.92 1.94
N LYS A 82 9.80 0.02 2.92
CA LYS A 82 11.07 -0.38 3.56
C LYS A 82 11.32 -1.86 3.28
N ASP A 83 12.57 -2.31 3.45
CA ASP A 83 12.95 -3.72 3.26
C ASP A 83 12.28 -4.65 4.28
N GLY A 84 12.11 -5.91 3.89
CA GLY A 84 11.53 -6.93 4.73
C GLY A 84 10.13 -7.30 4.28
N ASN A 85 9.13 -7.09 5.14
CA ASN A 85 7.73 -7.40 4.82
C ASN A 85 7.11 -6.17 4.14
N VAL A 86 6.95 -6.26 2.81
CA VAL A 86 6.50 -5.14 1.98
C VAL A 86 5.44 -5.61 0.95
N CYS A 87 4.77 -4.64 0.30
CA CYS A 87 3.66 -4.87 -0.65
C CYS A 87 3.99 -4.28 -2.01
N LEU A 88 3.94 -5.12 -3.05
CA LEU A 88 4.31 -4.74 -4.41
C LEU A 88 3.04 -4.53 -5.25
N ILE A 89 2.96 -3.33 -5.85
CA ILE A 89 1.85 -2.89 -6.70
C ILE A 89 2.34 -2.87 -8.16
N CYS A 90 1.54 -3.44 -9.08
CA CYS A 90 1.89 -3.46 -10.50
C CYS A 90 0.63 -3.59 -11.38
N GLU A 91 0.73 -3.11 -12.62
CA GLU A 91 -0.33 -3.19 -13.63
C GLU A 91 -0.26 -4.52 -14.41
N ASP A 92 0.97 -4.94 -14.73
CA ASP A 92 1.25 -6.09 -15.62
C ASP A 92 2.22 -7.07 -14.94
N GLU A 93 1.95 -8.39 -15.07
CA GLU A 93 2.65 -9.46 -14.32
C GLU A 93 4.13 -9.64 -14.69
N GLU A 94 4.52 -9.46 -15.97
CA GLU A 94 5.94 -9.65 -16.37
C GLU A 94 6.78 -8.45 -15.91
N THR A 95 6.15 -7.26 -15.77
CA THR A 95 6.73 -6.11 -15.07
C THR A 95 6.88 -6.40 -13.55
N PHE A 96 5.81 -7.00 -12.97
CA PHE A 96 5.74 -7.34 -11.53
C PHE A 96 6.93 -8.21 -11.11
N ARG A 97 7.17 -9.30 -11.88
CA ARG A 97 8.19 -10.29 -11.52
C ARG A 97 9.59 -9.66 -11.57
N LYS A 98 9.83 -8.75 -12.55
CA LYS A 98 11.12 -8.01 -12.65
C LYS A 98 11.44 -7.24 -11.35
N ILE A 99 10.41 -6.64 -10.74
CA ILE A 99 10.57 -5.92 -9.46
C ILE A 99 10.85 -6.94 -8.33
N TYR A 100 10.07 -8.05 -8.29
CA TYR A 100 10.24 -9.17 -7.35
C TYR A 100 11.67 -9.76 -7.40
N GLU A 101 12.24 -9.86 -8.60
CA GLU A 101 13.59 -10.38 -8.81
C GLU A 101 14.63 -9.52 -8.06
N LEU A 102 14.52 -8.19 -8.20
CA LEU A 102 15.48 -7.24 -7.64
C LEU A 102 15.37 -7.12 -6.11
N ILE A 103 14.13 -7.15 -5.55
CA ILE A 103 13.94 -6.98 -4.09
C ILE A 103 14.36 -8.27 -3.33
N GLY A 104 14.05 -9.45 -3.93
CA GLY A 104 14.54 -10.74 -3.45
C GLY A 104 14.03 -11.15 -2.07
N GLY A 105 12.93 -11.92 -2.04
CA GLY A 105 12.36 -12.45 -0.80
C GLY A 105 11.43 -13.62 -1.07
N GLU A 106 10.66 -14.02 -0.04
CA GLU A 106 9.74 -15.16 -0.13
C GLU A 106 8.30 -14.66 -0.03
N ILE A 107 7.39 -15.24 -0.83
CA ILE A 107 5.99 -14.79 -0.88
C ILE A 107 5.29 -15.10 0.46
N ASP A 108 4.74 -14.06 1.09
CA ASP A 108 4.00 -14.15 2.34
C ASP A 108 2.58 -13.60 2.09
N ASP A 109 1.64 -14.50 1.79
CA ASP A 109 0.24 -14.12 1.49
C ASP A 109 -0.46 -13.53 2.73
N SER A 110 -0.24 -14.15 3.90
CA SER A 110 -0.87 -13.77 5.18
C SER A 110 -0.71 -12.29 5.59
N VAL A 111 0.40 -11.63 5.20
CA VAL A 111 0.64 -10.21 5.56
C VAL A 111 -0.40 -9.28 4.86
N LEU A 112 -0.95 -9.76 3.73
CA LEU A 112 -1.98 -9.03 2.96
C LEU A 112 -3.39 -9.32 3.47
N GLU A 113 -3.61 -10.41 4.24
CA GLU A 113 -4.98 -10.91 4.51
C GLU A 113 -5.57 -10.36 5.81
N ILE A 114 -4.80 -9.54 6.59
CA ILE A 114 -5.23 -8.96 7.88
C ILE A 114 -5.13 -9.97 9.05
N ASN A 115 -4.55 -9.46 10.14
CA ASN A 115 -4.54 -10.08 11.47
C ASN A 115 -4.56 -8.95 12.51
N GLU A 116 -4.81 -9.30 13.79
CA GLU A 116 -5.09 -8.30 14.86
C GLU A 116 -3.90 -7.34 15.08
N ASP A 117 -2.66 -7.86 14.92
CA ASP A 117 -1.42 -7.05 15.06
C ASP A 117 -1.39 -5.88 14.06
N LYS A 118 -1.66 -6.18 12.78
CA LYS A 118 -1.72 -5.15 11.70
C LYS A 118 -2.90 -4.20 11.91
N GLU A 119 -3.96 -4.70 12.56
CA GLU A 119 -5.22 -3.95 12.75
C GLU A 119 -5.04 -2.82 13.78
N ARG A 120 -4.38 -3.13 14.92
CA ARG A 120 -4.16 -2.18 16.03
C ARG A 120 -3.09 -1.15 15.64
N LEU A 121 -2.07 -1.66 14.98
CA LEU A 121 -1.02 -0.87 14.33
C LEU A 121 -1.59 0.18 13.35
N ILE A 122 -2.44 -0.28 12.40
CA ILE A 122 -3.15 0.57 11.42
C ILE A 122 -3.94 1.71 12.10
N ARG A 123 -4.40 1.45 13.33
CA ARG A 123 -5.13 2.43 14.13
C ARG A 123 -4.19 3.54 14.64
N GLU A 124 -2.92 3.24 14.96
CA GLU A 124 -1.94 4.30 15.31
C GLU A 124 -1.59 5.27 14.15
N ILE A 125 -1.12 4.75 12.98
CA ILE A 125 -0.70 5.66 11.87
C ILE A 125 -1.88 6.32 11.14
N PHE A 126 -2.99 5.58 10.96
CA PHE A 126 -4.17 6.13 10.26
C PHE A 126 -5.15 6.81 11.24
N LYS A 127 -5.24 6.30 12.47
CA LYS A 127 -6.08 6.86 13.55
C LYS A 127 -7.57 6.80 13.21
N ILE A 128 -8.14 5.59 13.24
CA ILE A 128 -9.52 5.34 12.81
C ILE A 128 -10.43 5.24 14.04
N ARG A 129 -11.55 5.98 14.03
CA ARG A 129 -12.61 5.85 15.07
C ARG A 129 -13.87 5.19 14.46
N GLY A 130 -14.69 4.58 15.33
CA GLY A 130 -15.96 3.95 14.94
C GLY A 130 -16.03 2.49 15.37
N PHE A 131 -16.74 1.67 14.57
CA PHE A 131 -17.00 0.25 14.85
C PHE A 131 -16.79 -0.58 13.56
N GLY A 132 -16.66 -1.91 13.70
CA GLY A 132 -16.64 -2.81 12.54
C GLY A 132 -15.25 -3.36 12.21
N ASN A 133 -15.04 -3.68 10.93
CA ASN A 133 -13.83 -4.35 10.41
C ASN A 133 -12.82 -3.31 9.93
N VAL A 134 -11.53 -3.52 10.25
CA VAL A 134 -10.42 -2.57 9.92
C VAL A 134 -10.33 -2.20 8.43
N VAL A 135 -10.67 -3.16 7.54
CA VAL A 135 -10.57 -2.96 6.08
C VAL A 135 -11.67 -2.01 5.62
N GLU A 136 -12.89 -2.25 6.11
CA GLU A 136 -14.05 -1.41 5.82
C GLU A 136 -13.89 -0.03 6.48
N ARG A 137 -13.25 -0.01 7.67
CA ARG A 137 -13.05 1.21 8.48
C ARG A 137 -12.01 2.16 7.86
N VAL A 138 -10.93 1.59 7.30
CA VAL A 138 -9.88 2.40 6.63
C VAL A 138 -10.45 2.93 5.30
N LEU A 139 -11.32 2.12 4.65
CA LEU A 139 -12.05 2.53 3.44
C LEU A 139 -13.00 3.71 3.74
N GLU A 140 -13.66 3.69 4.91
CA GLU A 140 -14.50 4.84 5.36
C GLU A 140 -13.66 6.11 5.49
N LYS A 141 -12.48 5.99 6.15
CA LYS A 141 -11.58 7.13 6.39
C LYS A 141 -11.03 7.71 5.08
N ILE A 142 -10.54 6.84 4.19
CA ILE A 142 -9.85 7.29 2.98
C ILE A 142 -10.87 7.77 1.94
N ALA A 143 -12.13 7.26 2.02
CA ALA A 143 -13.23 7.75 1.18
C ALA A 143 -13.80 9.05 1.75
N LEU A 144 -13.50 9.37 3.03
CA LEU A 144 -13.97 10.62 3.71
C LEU A 144 -13.23 11.89 3.17
N ILE A 145 -12.48 11.73 2.07
CA ILE A 145 -11.80 12.83 1.36
C ILE A 145 -12.55 13.10 0.04
N GLU A 146 -12.88 11.99 -0.64
CA GLU A 146 -13.43 12.00 -2.02
C GLU A 146 -14.96 11.96 -2.04
N LEU A 147 -15.57 11.49 -0.95
CA LEU A 147 -17.02 11.38 -0.78
C LEU A 147 -17.55 12.67 -0.16
N LYS A 148 -16.73 13.30 0.72
CA LYS A 148 -17.13 14.47 1.51
C LYS A 148 -17.14 15.73 0.62
N LYS A 149 -18.21 16.52 0.73
CA LYS A 149 -18.41 17.75 -0.05
C LYS A 149 -17.59 18.92 0.55
N GLU A 150 -17.28 18.79 1.87
CA GLU A 150 -16.42 19.70 2.67
C GLU A 150 -17.29 20.80 3.29
N GLY A 1 -17.36 -10.05 -7.97
CA GLY A 1 -16.58 -10.59 -6.83
C GLY A 1 -15.36 -9.73 -6.53
N ALA A 2 -14.31 -9.91 -7.34
CA ALA A 2 -13.05 -9.15 -7.23
C ALA A 2 -12.32 -9.13 -8.59
N MET A 3 -11.69 -7.99 -8.90
CA MET A 3 -10.94 -7.78 -10.16
C MET A 3 -9.44 -7.62 -9.87
N ASP A 4 -9.10 -6.63 -9.00
CA ASP A 4 -7.71 -6.21 -8.70
C ASP A 4 -7.04 -5.62 -9.98
N PRO A 5 -7.07 -4.25 -10.17
CA PRO A 5 -6.52 -3.56 -11.37
C PRO A 5 -5.02 -3.88 -11.62
N MET A 6 -4.23 -3.84 -10.54
CA MET A 6 -2.80 -4.22 -10.58
C MET A 6 -2.61 -5.53 -9.80
N ILE A 7 -1.45 -6.15 -10.04
CA ILE A 7 -1.06 -7.39 -9.37
C ILE A 7 -0.38 -7.00 -8.05
N ILE A 8 -1.10 -7.19 -6.94
CA ILE A 8 -0.60 -6.87 -5.60
C ILE A 8 -0.15 -8.17 -4.94
N ARG A 9 1.13 -8.26 -4.57
CA ARG A 9 1.71 -9.48 -3.97
C ARG A 9 2.39 -9.11 -2.66
N GLY A 10 2.36 -10.03 -1.71
CA GLY A 10 2.98 -9.84 -0.40
C GLY A 10 4.28 -10.60 -0.34
N ILE A 11 5.29 -9.99 0.27
CA ILE A 11 6.61 -10.62 0.41
C ILE A 11 7.24 -10.26 1.77
N ARG A 12 7.61 -11.33 2.49
CA ARG A 12 8.32 -11.25 3.76
C ARG A 12 9.84 -11.27 3.50
N GLY A 13 10.55 -10.36 4.16
CA GLY A 13 12.01 -10.31 4.13
C GLY A 13 12.58 -9.55 2.94
N ALA A 14 11.70 -8.85 2.19
CA ALA A 14 12.07 -8.05 1.02
C ALA A 14 12.98 -6.89 1.42
N ARG A 15 14.29 -7.06 1.19
CA ARG A 15 15.28 -6.02 1.45
C ARG A 15 15.14 -4.94 0.36
N ILE A 16 14.51 -3.80 0.68
CA ILE A 16 14.23 -2.78 -0.33
C ILE A 16 15.52 -2.03 -0.71
N ASN A 17 15.91 -2.21 -1.97
CA ASN A 17 17.04 -1.50 -2.58
C ASN A 17 16.47 -0.40 -3.48
N ASN A 18 17.03 0.81 -3.40
CA ASN A 18 16.57 1.98 -4.20
C ASN A 18 17.00 1.85 -5.68
N GLU A 19 17.73 0.77 -6.01
CA GLU A 19 18.24 0.49 -7.36
C GLU A 19 17.11 -0.03 -8.26
N ILE A 20 16.01 -0.53 -7.66
CA ILE A 20 14.81 -1.04 -8.39
C ILE A 20 14.26 -0.06 -9.46
N PHE A 21 14.56 1.27 -9.34
CA PHE A 21 14.04 2.30 -10.29
C PHE A 21 14.89 2.41 -11.58
N ASN A 22 15.97 1.60 -11.71
CA ASN A 22 16.94 1.71 -12.84
C ASN A 22 16.33 1.23 -14.17
N LEU A 23 15.36 0.30 -14.06
CA LEU A 23 14.70 -0.34 -15.22
C LEU A 23 13.62 0.58 -15.82
N GLY A 24 13.35 1.71 -15.14
CA GLY A 24 12.37 2.71 -15.58
C GLY A 24 10.94 2.21 -15.81
N LEU A 25 10.63 0.99 -15.31
CA LEU A 25 9.31 0.37 -15.48
C LEU A 25 8.29 1.04 -14.56
N LYS A 26 7.02 0.90 -14.94
CA LYS A 26 5.89 1.39 -14.15
C LYS A 26 5.55 0.35 -13.06
N PHE A 27 5.98 0.67 -11.83
CA PHE A 27 5.78 -0.16 -10.63
C PHE A 27 5.69 0.77 -9.40
N GLN A 28 5.12 0.25 -8.31
CA GLN A 28 5.06 0.92 -7.01
C GLN A 28 5.26 -0.17 -5.94
N ILE A 29 5.83 0.17 -4.78
CA ILE A 29 5.92 -0.75 -3.64
C ILE A 29 5.51 0.03 -2.37
N LEU A 30 4.52 -0.50 -1.62
CA LEU A 30 4.11 0.09 -0.32
C LEU A 30 4.32 -0.94 0.80
N ASN A 31 4.15 -0.49 2.03
CA ASN A 31 4.54 -1.22 3.25
C ASN A 31 3.41 -2.17 3.72
N ALA A 32 3.78 -3.44 4.00
CA ALA A 32 2.82 -4.47 4.46
C ALA A 32 2.55 -4.42 5.97
N ASP A 33 3.26 -3.52 6.68
CA ASP A 33 2.97 -3.23 8.09
C ASP A 33 1.57 -2.62 8.23
N VAL A 34 1.28 -1.67 7.33
CA VAL A 34 0.14 -0.74 7.44
C VAL A 34 -1.02 -1.11 6.49
N VAL A 35 -0.85 -2.17 5.67
CA VAL A 35 -1.90 -2.60 4.73
C VAL A 35 -2.87 -3.56 5.47
N ALA A 36 -4.18 -3.29 5.35
CA ALA A 36 -5.23 -4.16 5.93
C ALA A 36 -5.35 -5.42 5.07
N THR A 37 -5.86 -5.22 3.85
CA THR A 37 -5.86 -6.22 2.77
C THR A 37 -5.26 -5.58 1.51
N LYS A 38 -4.92 -6.39 0.49
CA LYS A 38 -4.54 -5.88 -0.85
C LYS A 38 -5.67 -5.00 -1.46
N LYS A 39 -6.92 -5.20 -0.97
CA LYS A 39 -8.09 -4.36 -1.30
C LYS A 39 -7.87 -2.87 -0.95
N HIS A 40 -7.05 -2.63 0.10
CA HIS A 40 -6.65 -1.28 0.53
C HIS A 40 -5.87 -0.56 -0.59
N VAL A 41 -4.94 -1.31 -1.21
CA VAL A 41 -4.13 -0.81 -2.34
C VAL A 41 -4.99 -0.53 -3.58
N LEU A 42 -5.76 -1.56 -4.02
CA LEU A 42 -6.53 -1.49 -5.28
C LEU A 42 -7.61 -0.40 -5.26
N HIS A 43 -8.17 -0.14 -4.07
CA HIS A 43 -9.12 0.96 -3.82
C HIS A 43 -8.47 2.33 -4.11
N ALA A 44 -7.18 2.45 -3.77
CA ALA A 44 -6.39 3.65 -4.02
C ALA A 44 -6.06 3.81 -5.52
N ILE A 45 -5.83 2.66 -6.20
CA ILE A 45 -5.61 2.62 -7.68
C ILE A 45 -6.86 3.10 -8.44
N ASN A 46 -8.04 2.59 -8.03
CA ASN A 46 -9.36 3.00 -8.58
C ASN A 46 -9.59 4.51 -8.41
N GLN A 47 -9.12 5.04 -7.26
CA GLN A 47 -9.15 6.48 -6.98
C GLN A 47 -8.19 7.24 -7.91
N ALA A 48 -7.00 6.68 -8.17
CA ALA A 48 -6.01 7.27 -9.09
C ALA A 48 -6.53 7.27 -10.54
N LYS A 49 -7.41 6.30 -10.88
CA LYS A 49 -8.00 6.19 -12.23
C LYS A 49 -9.16 7.19 -12.43
N THR A 50 -9.92 7.48 -11.35
CA THR A 50 -11.10 8.37 -11.44
C THR A 50 -10.68 9.86 -11.23
N LYS A 51 -9.59 10.06 -10.47
CA LYS A 51 -9.06 11.40 -10.15
C LYS A 51 -7.90 11.78 -11.06
N LYS A 52 -7.93 13.03 -11.55
CA LYS A 52 -6.75 13.69 -12.12
C LYS A 52 -5.88 14.12 -10.91
N PRO A 53 -4.73 13.42 -10.66
CA PRO A 53 -4.03 13.47 -9.35
C PRO A 53 -3.44 14.84 -9.01
N ILE A 54 -3.07 14.97 -7.72
CA ILE A 54 -2.35 16.14 -7.18
C ILE A 54 -0.90 15.67 -6.88
N ALA A 55 -0.68 14.36 -7.06
CA ALA A 55 0.63 13.70 -6.94
C ALA A 55 1.49 13.94 -8.20
N LYS A 56 2.70 13.37 -8.20
CA LYS A 56 3.67 13.48 -9.30
C LYS A 56 3.25 12.64 -10.54
N SER A 57 2.47 11.57 -10.31
CA SER A 57 2.03 10.64 -11.37
C SER A 57 0.85 9.77 -10.87
N PHE A 58 0.38 8.85 -11.74
CA PHE A 58 -0.68 7.87 -11.44
C PHE A 58 -0.30 6.97 -10.23
N TRP A 59 0.89 6.34 -10.33
CA TRP A 59 1.43 5.45 -9.28
C TRP A 59 1.67 6.18 -7.97
N MET A 60 2.02 7.47 -8.10
CA MET A 60 2.26 8.36 -6.97
C MET A 60 0.92 8.75 -6.29
N GLU A 61 -0.19 8.72 -7.05
CA GLU A 61 -1.53 8.96 -6.48
C GLU A 61 -2.01 7.75 -5.68
N ILE A 62 -1.59 6.54 -6.10
CA ILE A 62 -1.91 5.29 -5.37
C ILE A 62 -1.33 5.32 -3.94
N LEU A 63 -0.04 5.71 -3.85
CA LEU A 63 0.69 5.74 -2.57
C LEU A 63 0.20 6.89 -1.66
N VAL A 64 -0.19 8.06 -2.23
CA VAL A 64 -0.70 9.19 -1.40
C VAL A 64 -2.15 8.95 -0.94
N ARG A 65 -2.97 8.28 -1.79
CA ARG A 65 -4.39 8.05 -1.51
C ARG A 65 -4.59 7.08 -0.35
N ALA A 66 -3.83 5.96 -0.38
CA ALA A 66 -3.96 4.88 0.62
C ALA A 66 -3.47 5.31 2.03
N SER A 67 -2.65 6.39 2.08
CA SER A 67 -2.19 6.99 3.36
C SER A 67 -3.14 8.10 3.88
N GLY A 68 -4.41 8.12 3.40
CA GLY A 68 -5.41 9.09 3.85
C GLY A 68 -5.51 10.32 2.95
N GLN A 69 -5.14 10.14 1.67
CA GLN A 69 -5.04 11.22 0.65
C GLN A 69 -4.05 12.30 1.14
N ARG A 70 -2.80 12.22 0.66
CA ARG A 70 -1.65 13.01 1.18
C ARG A 70 -0.78 13.54 0.03
N GLN A 71 0.48 13.87 0.36
CA GLN A 71 1.53 14.27 -0.61
C GLN A 71 2.69 13.28 -0.51
N ILE A 72 3.55 13.34 -1.55
CA ILE A 72 4.67 12.39 -1.80
C ILE A 72 5.52 12.13 -0.54
N HIS A 73 5.91 13.22 0.15
CA HIS A 73 6.75 13.18 1.37
C HIS A 73 6.12 12.30 2.46
N GLU A 74 4.84 12.58 2.81
CA GLU A 74 4.10 11.82 3.82
C GLU A 74 3.97 10.35 3.41
N ALA A 75 3.37 10.13 2.24
CA ALA A 75 2.98 8.80 1.74
C ALA A 75 4.14 7.78 1.70
N ILE A 76 5.23 8.16 1.02
CA ILE A 76 6.42 7.28 0.82
C ILE A 76 7.11 6.93 2.16
N LYS A 77 7.06 7.84 3.13
CA LYS A 77 7.67 7.62 4.45
C LYS A 77 6.74 6.82 5.41
N ILE A 78 5.42 7.12 5.37
CA ILE A 78 4.43 6.44 6.23
C ILE A 78 4.11 5.04 5.71
N ILE A 79 3.47 4.96 4.52
CA ILE A 79 3.03 3.68 3.95
C ILE A 79 3.92 3.22 2.78
N GLY A 80 5.06 3.88 2.53
CA GLY A 80 5.91 3.49 1.39
C GLY A 80 6.82 2.31 1.73
N ALA A 81 7.54 1.81 0.73
CA ALA A 81 8.36 0.59 0.87
C ALA A 81 9.51 0.74 1.90
N LYS A 82 9.69 -0.31 2.70
CA LYS A 82 10.80 -0.46 3.65
C LYS A 82 11.04 -1.97 3.86
N ASP A 83 12.25 -2.35 4.28
CA ASP A 83 12.69 -3.76 4.39
C ASP A 83 11.75 -4.65 5.24
N GLY A 84 11.75 -5.95 4.89
CA GLY A 84 10.96 -6.95 5.61
C GLY A 84 9.61 -7.21 4.93
N ASN A 85 8.53 -6.88 5.63
CA ASN A 85 7.16 -7.12 5.14
C ASN A 85 6.74 -5.95 4.25
N VAL A 86 6.65 -6.20 2.93
CA VAL A 86 6.30 -5.17 1.95
C VAL A 86 5.26 -5.73 0.93
N CYS A 87 4.72 -4.84 0.09
CA CYS A 87 3.63 -5.12 -0.87
C CYS A 87 4.02 -4.57 -2.24
N LEU A 88 4.08 -5.44 -3.25
CA LEU A 88 4.56 -5.09 -4.58
C LEU A 88 3.33 -4.85 -5.49
N ILE A 89 3.35 -3.70 -6.15
CA ILE A 89 2.30 -3.24 -7.08
C ILE A 89 2.91 -3.20 -8.48
N CYS A 90 2.42 -4.06 -9.37
CA CYS A 90 2.96 -4.19 -10.74
C CYS A 90 1.83 -4.33 -11.75
N GLU A 91 2.14 -3.97 -13.00
CA GLU A 91 1.21 -4.12 -14.14
C GLU A 91 1.08 -5.59 -14.52
N ASP A 92 2.25 -6.23 -14.74
CA ASP A 92 2.36 -7.62 -15.21
C ASP A 92 3.29 -8.42 -14.29
N GLU A 93 3.14 -9.76 -14.32
CA GLU A 93 3.99 -10.70 -13.56
C GLU A 93 5.47 -10.68 -14.05
N GLU A 94 5.71 -10.11 -15.24
CA GLU A 94 7.07 -9.95 -15.77
C GLU A 94 7.77 -8.81 -15.02
N THR A 95 7.08 -7.65 -14.87
CA THR A 95 7.53 -6.51 -14.04
C THR A 95 7.70 -6.94 -12.57
N PHE A 96 6.74 -7.77 -12.09
CA PHE A 96 6.74 -8.29 -10.72
C PHE A 96 8.03 -9.06 -10.43
N ARG A 97 8.39 -10.01 -11.31
CA ARG A 97 9.56 -10.87 -11.11
C ARG A 97 10.86 -10.05 -11.04
N LYS A 98 10.98 -9.05 -11.95
CA LYS A 98 12.18 -8.18 -12.02
C LYS A 98 12.42 -7.48 -10.67
N ILE A 99 11.35 -6.85 -10.15
CA ILE A 99 11.42 -6.07 -8.90
C ILE A 99 11.62 -7.01 -7.67
N TYR A 100 10.84 -8.13 -7.64
CA TYR A 100 10.92 -9.18 -6.60
C TYR A 100 12.34 -9.76 -6.44
N GLU A 101 13.02 -10.07 -7.57
CA GLU A 101 14.34 -10.72 -7.53
C GLU A 101 15.41 -9.78 -6.99
N LEU A 102 15.26 -8.45 -7.20
CA LEU A 102 16.16 -7.45 -6.58
C LEU A 102 15.97 -7.37 -5.05
N ILE A 103 14.71 -7.33 -4.57
CA ILE A 103 14.43 -7.08 -3.13
C ILE A 103 14.72 -8.34 -2.29
N GLY A 104 14.33 -9.52 -2.82
CA GLY A 104 14.72 -10.81 -2.26
C GLY A 104 13.97 -11.17 -0.97
N GLY A 105 13.07 -12.16 -1.07
CA GLY A 105 12.32 -12.68 0.08
C GLY A 105 11.34 -13.76 -0.35
N GLU A 106 10.48 -14.19 0.58
CA GLU A 106 9.47 -15.23 0.31
C GLU A 106 8.08 -14.59 0.20
N ILE A 107 7.22 -15.18 -0.64
CA ILE A 107 5.85 -14.70 -0.85
C ILE A 107 4.99 -15.00 0.40
N ASP A 108 4.30 -13.97 0.91
CA ASP A 108 3.48 -14.05 2.11
C ASP A 108 2.11 -13.40 1.83
N ASP A 109 1.09 -14.24 1.58
CA ASP A 109 -0.29 -13.76 1.34
C ASP A 109 -0.93 -13.19 2.62
N SER A 110 -0.56 -13.78 3.79
CA SER A 110 -1.06 -13.40 5.13
C SER A 110 -1.00 -11.88 5.48
N VAL A 111 0.07 -11.17 5.03
CA VAL A 111 0.21 -9.71 5.27
C VAL A 111 -0.87 -8.89 4.52
N LEU A 112 -1.45 -9.48 3.45
CA LEU A 112 -2.47 -8.81 2.60
C LEU A 112 -3.90 -9.29 2.94
N GLU A 113 -4.12 -9.90 4.12
CA GLU A 113 -5.47 -10.41 4.47
C GLU A 113 -5.91 -10.06 5.90
N ILE A 114 -5.15 -9.20 6.65
CA ILE A 114 -5.54 -8.69 7.98
C ILE A 114 -5.29 -9.74 9.10
N ASN A 115 -4.64 -9.28 10.17
CA ASN A 115 -4.41 -10.01 11.42
C ASN A 115 -4.17 -8.99 12.54
N GLU A 116 -4.05 -9.44 13.80
CA GLU A 116 -4.03 -8.55 14.97
C GLU A 116 -2.74 -7.70 15.04
N ASP A 117 -1.61 -8.27 14.57
CA ASP A 117 -0.33 -7.53 14.39
C ASP A 117 -0.53 -6.33 13.47
N LYS A 118 -1.16 -6.59 12.30
CA LYS A 118 -1.55 -5.54 11.33
C LYS A 118 -2.47 -4.52 12.02
N GLU A 119 -3.38 -5.02 12.84
CA GLU A 119 -4.56 -4.26 13.30
C GLU A 119 -4.20 -3.16 14.30
N ARG A 120 -3.40 -3.48 15.35
CA ARG A 120 -3.05 -2.51 16.41
C ARG A 120 -2.09 -1.44 15.86
N LEU A 121 -1.21 -1.89 15.00
CA LEU A 121 -0.30 -1.06 14.24
C LEU A 121 -1.06 -0.06 13.34
N ILE A 122 -2.07 -0.58 12.61
CA ILE A 122 -2.92 0.19 11.70
C ILE A 122 -3.73 1.25 12.47
N ARG A 123 -4.19 0.88 13.68
CA ARG A 123 -5.02 1.78 14.49
C ARG A 123 -4.15 2.89 15.09
N GLU A 124 -2.84 2.65 15.31
CA GLU A 124 -1.93 3.75 15.71
C GLU A 124 -1.63 4.77 14.59
N ILE A 125 -1.08 4.33 13.43
CA ILE A 125 -0.62 5.31 12.39
C ILE A 125 -1.80 5.94 11.61
N PHE A 126 -2.89 5.19 11.43
CA PHE A 126 -4.10 5.72 10.76
C PHE A 126 -5.10 6.31 11.76
N LYS A 127 -5.17 5.72 12.97
CA LYS A 127 -6.07 6.18 14.06
C LYS A 127 -7.55 5.97 13.72
N ILE A 128 -8.02 4.73 13.93
CA ILE A 128 -9.43 4.33 13.88
C ILE A 128 -9.75 3.70 15.24
N ARG A 129 -11.04 3.68 15.65
CA ARG A 129 -11.52 2.83 16.77
C ARG A 129 -10.90 1.43 16.71
N GLY A 130 -11.07 0.74 15.56
CA GLY A 130 -10.36 -0.53 15.30
C GLY A 130 -11.18 -1.72 15.74
N PHE A 131 -12.52 -1.58 15.60
CA PHE A 131 -13.50 -2.63 15.90
C PHE A 131 -14.20 -3.04 14.59
N GLY A 132 -14.67 -4.31 14.56
CA GLY A 132 -15.26 -4.89 13.35
C GLY A 132 -14.22 -5.17 12.28
N ASN A 133 -14.51 -4.77 11.03
CA ASN A 133 -13.60 -4.97 9.89
C ASN A 133 -12.76 -3.70 9.65
N VAL A 134 -11.44 -3.84 9.82
CA VAL A 134 -10.43 -2.77 9.62
C VAL A 134 -10.37 -2.28 8.16
N VAL A 135 -10.68 -3.17 7.21
CA VAL A 135 -10.56 -2.89 5.77
C VAL A 135 -11.55 -1.80 5.35
N GLU A 136 -12.82 -1.98 5.74
CA GLU A 136 -13.89 -1.00 5.44
C GLU A 136 -13.63 0.33 6.16
N ARG A 137 -13.00 0.27 7.35
CA ARG A 137 -12.74 1.45 8.19
C ARG A 137 -11.58 2.31 7.65
N VAL A 138 -10.54 1.67 7.07
CA VAL A 138 -9.43 2.41 6.45
C VAL A 138 -9.85 2.99 5.07
N LEU A 139 -10.60 2.18 4.30
CA LEU A 139 -11.14 2.56 2.97
C LEU A 139 -12.01 3.83 3.00
N GLU A 140 -12.85 3.96 4.06
CA GLU A 140 -13.71 5.14 4.22
C GLU A 140 -12.89 6.38 4.63
N LYS A 141 -11.82 6.19 5.44
CA LYS A 141 -10.96 7.28 5.93
C LYS A 141 -10.21 7.97 4.78
N ILE A 142 -9.63 7.13 3.89
CA ILE A 142 -8.81 7.61 2.77
C ILE A 142 -9.68 8.26 1.66
N ALA A 143 -11.01 8.13 1.82
CA ALA A 143 -12.02 8.82 1.00
C ALA A 143 -12.55 10.08 1.70
N LEU A 144 -12.55 10.06 3.06
CA LEU A 144 -13.30 11.01 3.95
C LEU A 144 -12.76 12.47 3.87
N ILE A 145 -11.77 12.73 3.01
CA ILE A 145 -11.19 14.08 2.81
C ILE A 145 -12.12 14.85 1.85
N GLU A 146 -12.64 14.10 0.86
CA GLU A 146 -13.63 14.58 -0.11
C GLU A 146 -15.05 14.12 0.31
N LEU A 147 -15.12 12.93 0.93
CA LEU A 147 -16.38 12.27 1.33
C LEU A 147 -16.83 12.77 2.73
N LYS A 148 -16.50 14.03 3.05
CA LYS A 148 -16.97 14.71 4.27
C LYS A 148 -18.12 15.65 3.90
N LYS A 149 -17.92 16.32 2.74
CA LYS A 149 -18.88 17.25 2.13
C LYS A 149 -19.02 18.51 3.00
N GLU A 150 -17.99 19.38 2.92
CA GLU A 150 -17.99 20.74 3.50
C GLU A 150 -18.02 20.69 5.04
N GLY A 1 -8.58 -5.08 -16.63
CA GLY A 1 -7.60 -6.02 -16.04
C GLY A 1 -8.28 -7.07 -15.17
N ALA A 2 -7.55 -7.57 -14.17
CA ALA A 2 -8.06 -8.56 -13.21
C ALA A 2 -8.63 -7.88 -11.95
N MET A 3 -9.21 -8.70 -11.04
CA MET A 3 -9.69 -8.25 -9.71
C MET A 3 -8.54 -7.61 -8.91
N ASP A 4 -7.32 -8.12 -9.12
CA ASP A 4 -6.07 -7.43 -8.75
C ASP A 4 -5.42 -6.92 -10.05
N PRO A 5 -5.69 -5.63 -10.46
CA PRO A 5 -5.15 -5.08 -11.73
C PRO A 5 -3.64 -4.80 -11.66
N MET A 6 -3.14 -4.41 -10.47
CA MET A 6 -1.71 -4.25 -10.21
C MET A 6 -1.23 -5.40 -9.33
N ILE A 7 0.08 -5.65 -9.30
CA ILE A 7 0.68 -6.76 -8.54
C ILE A 7 1.31 -6.20 -7.27
N ILE A 8 0.64 -6.43 -6.14
CA ILE A 8 1.12 -6.02 -4.82
C ILE A 8 1.47 -7.27 -4.02
N ARG A 9 2.73 -7.43 -3.58
CA ARG A 9 3.21 -8.65 -2.91
C ARG A 9 4.01 -8.27 -1.65
N GLY A 10 3.89 -9.11 -0.62
CA GLY A 10 4.53 -8.89 0.67
C GLY A 10 5.68 -9.84 0.86
N ILE A 11 6.88 -9.28 0.99
CA ILE A 11 8.13 -10.05 1.07
C ILE A 11 8.91 -9.71 2.35
N ARG A 12 9.23 -10.76 3.14
CA ARG A 12 10.12 -10.68 4.28
C ARG A 12 11.58 -10.83 3.82
N GLY A 13 12.46 -10.01 4.38
CA GLY A 13 13.90 -10.15 4.17
C GLY A 13 14.39 -9.47 2.90
N ALA A 14 13.51 -8.67 2.27
CA ALA A 14 13.82 -7.95 1.01
C ALA A 14 14.83 -6.81 1.25
N ARG A 15 16.06 -6.98 0.75
CA ARG A 15 17.12 -5.95 0.86
C ARG A 15 16.84 -4.83 -0.16
N ILE A 16 16.32 -3.69 0.33
CA ILE A 16 16.09 -2.51 -0.52
C ILE A 16 17.44 -1.89 -0.90
N ASN A 17 17.95 -2.32 -2.07
CA ASN A 17 19.26 -1.89 -2.59
C ASN A 17 19.03 -0.83 -3.67
N ASN A 18 20.01 0.05 -3.89
CA ASN A 18 19.87 1.15 -4.87
C ASN A 18 19.81 0.64 -6.32
N GLU A 19 20.18 -0.64 -6.53
CA GLU A 19 20.28 -1.24 -7.86
C GLU A 19 18.90 -1.42 -8.53
N ILE A 20 17.84 -1.74 -7.73
CA ILE A 20 16.45 -1.89 -8.26
C ILE A 20 15.96 -0.62 -8.98
N PHE A 21 16.53 0.55 -8.67
CA PHE A 21 16.09 1.84 -9.25
C PHE A 21 16.78 2.12 -10.61
N ASN A 22 17.90 1.41 -10.89
CA ASN A 22 18.76 1.66 -12.06
C ASN A 22 18.11 1.15 -13.36
N LEU A 23 17.15 0.23 -13.25
CA LEU A 23 16.48 -0.40 -14.42
C LEU A 23 15.34 0.50 -14.98
N GLY A 24 15.00 1.56 -14.21
CA GLY A 24 13.99 2.56 -14.60
C GLY A 24 12.57 2.05 -14.92
N LEU A 25 12.29 0.75 -14.66
CA LEU A 25 11.00 0.10 -14.98
C LEU A 25 9.85 0.64 -14.09
N LYS A 26 8.61 0.28 -14.46
CA LYS A 26 7.40 0.69 -13.75
C LYS A 26 7.23 -0.15 -12.48
N PHE A 27 7.77 0.36 -11.37
CA PHE A 27 7.62 -0.23 -10.03
C PHE A 27 7.64 0.88 -8.97
N GLN A 28 7.16 0.56 -7.79
CA GLN A 28 7.37 1.36 -6.57
C GLN A 28 7.47 0.34 -5.42
N ILE A 29 8.05 0.73 -4.28
CA ILE A 29 8.06 -0.12 -3.08
C ILE A 29 7.69 0.73 -1.85
N LEU A 30 6.73 0.23 -1.06
CA LEU A 30 6.34 0.83 0.23
C LEU A 30 6.56 -0.23 1.34
N ASN A 31 6.27 0.12 2.59
CA ASN A 31 6.46 -0.79 3.75
C ASN A 31 5.36 -1.87 3.75
N ALA A 32 5.72 -3.10 4.13
CA ALA A 32 4.76 -4.22 4.24
C ALA A 32 3.78 -3.98 5.40
N ASP A 33 4.34 -3.65 6.57
CA ASP A 33 3.59 -3.40 7.82
C ASP A 33 2.44 -2.36 7.70
N VAL A 34 2.43 -1.53 6.63
CA VAL A 34 1.41 -0.47 6.41
C VAL A 34 0.49 -0.80 5.21
N VAL A 35 0.69 -1.99 4.58
CA VAL A 35 0.01 -2.36 3.31
C VAL A 35 -1.52 -2.51 3.49
N ALA A 36 -1.94 -2.92 4.72
CA ALA A 36 -3.31 -3.38 5.00
C ALA A 36 -3.65 -4.58 4.10
N THR A 37 -4.12 -4.29 2.88
CA THR A 37 -4.34 -5.28 1.83
C THR A 37 -3.63 -4.90 0.53
N LYS A 38 -3.45 -5.89 -0.35
CA LYS A 38 -3.10 -5.67 -1.76
C LYS A 38 -4.13 -4.70 -2.38
N LYS A 39 -5.41 -4.92 -2.02
CA LYS A 39 -6.56 -4.11 -2.43
C LYS A 39 -6.37 -2.63 -2.08
N HIS A 40 -5.72 -2.39 -0.92
CA HIS A 40 -5.42 -1.02 -0.42
C HIS A 40 -4.49 -0.27 -1.38
N VAL A 41 -3.36 -0.89 -1.72
CA VAL A 41 -2.33 -0.26 -2.54
C VAL A 41 -2.77 -0.14 -4.02
N LEU A 42 -3.39 -1.19 -4.58
CA LEU A 42 -3.89 -1.16 -5.98
C LEU A 42 -5.04 -0.11 -6.12
N HIS A 43 -5.79 0.11 -5.02
CA HIS A 43 -6.77 1.22 -4.90
C HIS A 43 -6.06 2.59 -4.99
N ALA A 44 -4.89 2.68 -4.36
CA ALA A 44 -4.06 3.90 -4.34
C ALA A 44 -3.53 4.24 -5.76
N ILE A 45 -3.04 3.20 -6.44
CA ILE A 45 -2.52 3.29 -7.83
C ILE A 45 -3.64 3.67 -8.82
N ASN A 46 -4.78 2.99 -8.67
CA ASN A 46 -6.02 3.26 -9.44
C ASN A 46 -6.39 4.76 -9.35
N GLN A 47 -6.38 5.27 -8.12
CA GLN A 47 -6.69 6.67 -7.82
C GLN A 47 -5.66 7.63 -8.43
N ALA A 48 -4.39 7.19 -8.54
CA ALA A 48 -3.33 7.97 -9.21
C ALA A 48 -3.41 7.86 -10.75
N LYS A 49 -4.07 6.80 -11.26
CA LYS A 49 -4.24 6.58 -12.71
C LYS A 49 -5.41 7.40 -13.28
N THR A 50 -6.45 7.64 -12.47
CA THR A 50 -7.66 8.39 -12.91
C THR A 50 -7.63 9.86 -12.44
N LYS A 51 -7.11 10.10 -11.22
CA LYS A 51 -7.08 11.46 -10.59
C LYS A 51 -5.63 11.92 -10.30
N LYS A 52 -5.47 13.26 -10.27
CA LYS A 52 -4.22 13.94 -9.88
C LYS A 52 -4.55 15.22 -9.07
N PRO A 53 -4.00 15.37 -7.82
CA PRO A 53 -4.12 16.60 -7.02
C PRO A 53 -2.92 17.55 -7.32
N ILE A 54 -2.05 17.82 -6.32
CA ILE A 54 -0.88 18.73 -6.48
C ILE A 54 0.39 17.93 -6.11
N ALA A 55 0.39 16.63 -6.46
CA ALA A 55 1.54 15.72 -6.26
C ALA A 55 2.50 15.82 -7.45
N LYS A 56 3.79 15.46 -7.22
CA LYS A 56 4.88 15.68 -8.21
C LYS A 56 4.64 14.88 -9.51
N SER A 57 4.41 13.56 -9.36
CA SER A 57 4.30 12.64 -10.51
C SER A 57 3.49 11.38 -10.08
N PHE A 58 3.34 10.41 -11.01
CA PHE A 58 2.49 9.20 -10.84
C PHE A 58 2.87 8.35 -9.59
N TRP A 59 4.11 7.85 -9.58
CA TRP A 59 4.61 7.00 -8.47
C TRP A 59 4.73 7.79 -7.13
N MET A 60 4.84 9.14 -7.24
CA MET A 60 4.82 10.05 -6.07
C MET A 60 3.38 10.26 -5.56
N GLU A 61 2.42 10.09 -6.47
CA GLU A 61 0.99 10.23 -6.19
C GLU A 61 0.50 9.00 -5.40
N ILE A 62 0.98 7.81 -5.80
CA ILE A 62 0.60 6.52 -5.18
C ILE A 62 0.99 6.44 -3.70
N LEU A 63 2.18 6.98 -3.35
CA LEU A 63 2.68 6.93 -1.96
C LEU A 63 1.89 7.92 -1.06
N VAL A 64 1.45 9.06 -1.62
CA VAL A 64 0.59 10.02 -0.87
C VAL A 64 -0.87 9.53 -0.78
N ARG A 65 -1.29 8.72 -1.78
CA ARG A 65 -2.61 8.05 -1.78
C ARG A 65 -2.70 7.03 -0.62
N ALA A 66 -1.81 6.01 -0.66
CA ALA A 66 -1.86 4.85 0.28
C ALA A 66 -1.68 5.28 1.76
N SER A 67 -0.97 6.40 1.99
CA SER A 67 -0.90 7.03 3.32
C SER A 67 -2.19 7.84 3.56
N GLY A 68 -2.41 8.81 2.66
CA GLY A 68 -3.61 9.67 2.66
C GLY A 68 -3.24 11.10 3.07
N GLN A 69 -1.92 11.33 3.21
CA GLN A 69 -1.35 12.58 3.75
C GLN A 69 -1.34 13.70 2.69
N ARG A 70 -1.32 13.32 1.39
CA ARG A 70 -1.18 14.26 0.24
C ARG A 70 0.20 14.98 0.15
N GLN A 71 1.03 14.86 1.19
CA GLN A 71 2.36 15.47 1.26
C GLN A 71 3.42 14.41 0.92
N ILE A 72 4.18 14.63 -0.17
CA ILE A 72 5.14 13.65 -0.75
C ILE A 72 6.13 13.12 0.30
N HIS A 73 6.91 14.05 0.89
CA HIS A 73 8.03 13.74 1.81
C HIS A 73 7.52 12.99 3.05
N GLU A 74 6.41 13.52 3.60
CA GLU A 74 5.71 12.94 4.76
C GLU A 74 5.28 11.49 4.49
N ALA A 75 4.66 11.26 3.31
CA ALA A 75 4.18 9.94 2.88
C ALA A 75 5.33 8.91 2.78
N ILE A 76 6.50 9.36 2.31
CA ILE A 76 7.72 8.50 2.20
C ILE A 76 8.26 8.12 3.61
N LYS A 77 8.12 9.06 4.57
CA LYS A 77 8.51 8.81 5.97
C LYS A 77 7.57 7.77 6.61
N ILE A 78 6.26 8.01 6.46
CA ILE A 78 5.20 7.17 7.04
C ILE A 78 5.22 5.74 6.45
N ILE A 79 4.95 5.63 5.13
CA ILE A 79 4.78 4.32 4.47
C ILE A 79 5.92 3.95 3.49
N GLY A 80 7.09 4.61 3.53
CA GLY A 80 8.14 4.34 2.52
C GLY A 80 8.81 2.97 2.69
N ALA A 81 9.67 2.60 1.72
CA ALA A 81 10.34 1.30 1.70
C ALA A 81 11.54 1.27 2.65
N LYS A 82 11.78 0.09 3.24
CA LYS A 82 12.96 -0.21 4.04
C LYS A 82 13.22 -1.71 3.96
N ASP A 83 14.47 -2.15 4.17
CA ASP A 83 14.86 -3.56 4.06
C ASP A 83 14.17 -4.42 5.12
N GLY A 84 13.96 -5.70 4.79
CA GLY A 84 13.24 -6.63 5.64
C GLY A 84 11.80 -6.82 5.14
N ASN A 85 10.81 -6.51 5.99
CA ASN A 85 9.39 -6.65 5.63
C ASN A 85 8.99 -5.44 4.78
N VAL A 86 8.83 -5.69 3.47
CA VAL A 86 8.49 -4.64 2.51
C VAL A 86 7.39 -5.14 1.53
N CYS A 87 6.78 -4.18 0.83
CA CYS A 87 5.63 -4.40 -0.06
C CYS A 87 5.96 -3.85 -1.45
N LEU A 88 5.92 -4.73 -2.44
CA LEU A 88 6.37 -4.45 -3.80
C LEU A 88 5.16 -4.18 -4.72
N ILE A 89 5.23 -3.01 -5.37
CA ILE A 89 4.27 -2.54 -6.37
C ILE A 89 4.87 -2.81 -7.74
N CYS A 90 4.11 -3.47 -8.62
CA CYS A 90 4.56 -3.73 -9.99
C CYS A 90 3.39 -3.80 -10.98
N GLU A 91 3.67 -3.39 -12.22
CA GLU A 91 2.70 -3.41 -13.33
C GLU A 91 2.65 -4.79 -14.02
N ASP A 92 3.84 -5.41 -14.26
CA ASP A 92 3.96 -6.68 -15.04
C ASP A 92 4.57 -7.79 -14.18
N GLU A 93 4.13 -9.05 -14.42
CA GLU A 93 4.74 -10.26 -13.80
C GLU A 93 6.26 -10.35 -14.04
N GLU A 94 6.71 -9.96 -15.25
CA GLU A 94 8.14 -10.02 -15.61
C GLU A 94 8.91 -8.94 -14.82
N THR A 95 8.36 -7.72 -14.79
CA THR A 95 8.93 -6.57 -14.05
C THR A 95 9.00 -6.87 -12.54
N PHE A 96 7.99 -7.62 -12.05
CA PHE A 96 7.92 -8.05 -10.63
C PHE A 96 9.09 -8.98 -10.30
N ARG A 97 9.33 -9.96 -11.19
CA ARG A 97 10.40 -10.96 -11.02
C ARG A 97 11.79 -10.27 -11.04
N LYS A 98 11.91 -9.22 -11.86
CA LYS A 98 13.15 -8.43 -11.99
C LYS A 98 13.48 -7.69 -10.67
N ILE A 99 12.48 -7.03 -10.05
CA ILE A 99 12.68 -6.29 -8.79
C ILE A 99 12.91 -7.27 -7.61
N TYR A 100 12.03 -8.31 -7.53
CA TYR A 100 12.09 -9.38 -6.52
C TYR A 100 13.46 -10.08 -6.50
N GLU A 101 14.08 -10.19 -7.68
CA GLU A 101 15.42 -10.75 -7.85
C GLU A 101 16.49 -9.93 -7.09
N LEU A 102 16.51 -8.60 -7.30
CA LEU A 102 17.55 -7.71 -6.73
C LEU A 102 17.32 -7.40 -5.24
N ILE A 103 16.06 -7.46 -4.75
CA ILE A 103 15.80 -7.30 -3.29
C ILE A 103 16.09 -8.62 -2.57
N GLY A 104 15.52 -9.73 -3.07
CA GLY A 104 15.76 -11.07 -2.53
C GLY A 104 15.13 -11.31 -1.16
N GLY A 105 14.31 -12.37 -1.05
CA GLY A 105 13.71 -12.76 0.23
C GLY A 105 12.65 -13.83 0.07
N GLU A 106 11.69 -13.87 1.01
CA GLU A 106 10.60 -14.87 1.04
C GLU A 106 9.25 -14.14 1.06
N ILE A 107 8.26 -14.71 0.39
CA ILE A 107 6.92 -14.12 0.31
C ILE A 107 6.09 -14.61 1.52
N ASP A 108 5.35 -13.67 2.13
CA ASP A 108 4.37 -13.97 3.18
C ASP A 108 3.09 -13.17 2.89
N ASP A 109 2.03 -13.89 2.49
CA ASP A 109 0.70 -13.31 2.23
C ASP A 109 0.06 -12.78 3.52
N SER A 110 0.48 -13.35 4.68
CA SER A 110 0.03 -12.95 6.02
C SER A 110 0.04 -11.42 6.27
N VAL A 111 1.06 -10.71 5.77
CA VAL A 111 1.16 -9.25 5.93
C VAL A 111 0.09 -8.55 5.06
N LEU A 112 -0.07 -9.06 3.82
CA LEU A 112 -1.00 -8.52 2.81
C LEU A 112 -2.46 -8.73 3.20
N GLU A 113 -2.77 -9.81 3.93
CA GLU A 113 -4.16 -10.20 4.20
C GLU A 113 -4.67 -9.67 5.55
N ILE A 114 -3.85 -8.90 6.33
CA ILE A 114 -4.26 -8.31 7.62
C ILE A 114 -4.38 -9.34 8.76
N ASN A 115 -3.68 -9.03 9.87
CA ASN A 115 -3.74 -9.79 11.14
C ASN A 115 -3.53 -8.81 12.30
N GLU A 116 -3.47 -9.33 13.54
CA GLU A 116 -3.46 -8.50 14.77
C GLU A 116 -2.29 -7.50 14.78
N ASP A 117 -1.08 -8.02 14.50
CA ASP A 117 0.20 -7.27 14.58
C ASP A 117 0.22 -6.06 13.62
N LYS A 118 -0.11 -6.33 12.34
CA LYS A 118 -0.12 -5.31 11.27
C LYS A 118 -1.28 -4.32 11.47
N GLU A 119 -2.42 -4.84 11.93
CA GLU A 119 -3.68 -4.06 11.99
C GLU A 119 -3.61 -2.98 13.10
N ARG A 120 -3.00 -3.33 14.26
CA ARG A 120 -2.85 -2.39 15.39
C ARG A 120 -1.80 -1.31 15.10
N LEU A 121 -0.65 -1.68 14.50
CA LEU A 121 0.44 -0.71 14.17
C LEU A 121 -0.05 0.26 13.09
N ILE A 122 -0.90 -0.25 12.17
CA ILE A 122 -1.56 0.56 11.13
C ILE A 122 -2.41 1.68 11.75
N ARG A 123 -2.92 1.41 12.96
CA ARG A 123 -3.66 2.42 13.73
C ARG A 123 -2.70 3.53 14.21
N GLU A 124 -1.43 3.19 14.59
CA GLU A 124 -0.44 4.23 14.97
C GLU A 124 -0.12 5.25 13.84
N ILE A 125 0.31 4.78 12.64
CA ILE A 125 0.67 5.74 11.55
C ILE A 125 -0.58 6.36 10.88
N PHE A 126 -1.59 5.56 10.55
CA PHE A 126 -2.77 6.07 9.81
C PHE A 126 -3.79 6.76 10.74
N LYS A 127 -3.90 6.26 11.99
CA LYS A 127 -4.73 6.89 13.06
C LYS A 127 -6.23 6.88 12.71
N ILE A 128 -6.86 5.69 12.85
CA ILE A 128 -8.29 5.51 12.58
C ILE A 128 -8.94 4.91 13.85
N ARG A 129 -10.24 5.19 14.08
CA ARG A 129 -10.99 4.61 15.23
C ARG A 129 -11.04 3.06 15.11
N GLY A 130 -12.08 2.49 14.46
CA GLY A 130 -12.09 1.07 14.13
C GLY A 130 -13.45 0.69 13.55
N PHE A 131 -14.15 -0.27 14.20
CA PHE A 131 -15.52 -0.72 13.85
C PHE A 131 -15.54 -1.45 12.48
N GLY A 132 -15.59 -2.77 12.55
CA GLY A 132 -15.47 -3.65 11.38
C GLY A 132 -14.05 -4.19 11.31
N ASN A 133 -13.38 -4.00 10.17
CA ASN A 133 -11.90 -4.23 10.06
C ASN A 133 -11.22 -2.98 9.46
N VAL A 134 -9.87 -2.94 9.59
CA VAL A 134 -9.07 -1.74 9.24
C VAL A 134 -8.99 -1.49 7.72
N VAL A 135 -9.33 -2.53 6.91
CA VAL A 135 -9.19 -2.48 5.44
C VAL A 135 -10.19 -1.47 4.86
N GLU A 136 -11.46 -1.62 5.29
CA GLU A 136 -12.56 -0.69 4.96
C GLU A 136 -12.16 0.75 5.30
N ARG A 137 -11.59 0.88 6.50
CA ARG A 137 -11.35 2.16 7.16
C ARG A 137 -10.19 2.94 6.53
N VAL A 138 -9.13 2.23 6.12
CA VAL A 138 -7.94 2.86 5.51
C VAL A 138 -8.24 3.29 4.07
N LEU A 139 -8.96 2.43 3.32
CA LEU A 139 -9.43 2.73 1.94
C LEU A 139 -10.26 4.03 1.93
N GLU A 140 -11.15 4.16 2.92
CA GLU A 140 -12.01 5.34 3.08
C GLU A 140 -11.23 6.56 3.60
N LYS A 141 -10.27 6.34 4.53
CA LYS A 141 -9.54 7.42 5.20
C LYS A 141 -8.65 8.20 4.22
N ILE A 142 -8.01 7.46 3.30
CA ILE A 142 -7.10 8.05 2.32
C ILE A 142 -7.88 8.81 1.23
N ALA A 143 -9.18 8.49 1.12
CA ALA A 143 -10.14 9.19 0.23
C ALA A 143 -11.10 10.08 1.06
N LEU A 144 -10.74 10.35 2.34
CA LEU A 144 -11.57 11.18 3.28
C LEU A 144 -11.25 12.67 3.08
N ILE A 145 -10.66 13.00 1.92
CA ILE A 145 -10.35 14.38 1.51
C ILE A 145 -11.68 15.09 1.17
N GLU A 146 -12.64 14.26 0.67
CA GLU A 146 -14.04 14.67 0.39
C GLU A 146 -14.82 14.98 1.68
N LEU A 147 -14.26 14.51 2.83
CA LEU A 147 -14.79 14.70 4.21
C LEU A 147 -15.91 13.68 4.50
N LYS A 148 -15.53 12.38 4.58
CA LYS A 148 -16.45 11.29 4.96
C LYS A 148 -16.80 11.33 6.46
N LYS A 149 -17.61 10.35 6.90
CA LYS A 149 -18.15 10.27 8.28
C LYS A 149 -17.62 9.00 8.98
N GLU A 150 -16.37 8.60 8.65
CA GLU A 150 -15.80 7.31 9.08
C GLU A 150 -15.11 7.45 10.45
N GLY A 1 -17.83 -1.60 -11.36
CA GLY A 1 -17.47 -1.47 -9.94
C GLY A 1 -15.97 -1.44 -9.73
N ALA A 2 -15.48 -2.24 -8.76
CA ALA A 2 -14.05 -2.35 -8.43
C ALA A 2 -13.80 -3.64 -7.62
N MET A 3 -12.98 -4.56 -8.17
CA MET A 3 -12.64 -5.85 -7.55
C MET A 3 -11.18 -6.23 -7.86
N ASP A 4 -10.25 -5.74 -7.02
CA ASP A 4 -8.80 -6.02 -7.07
C ASP A 4 -8.16 -5.54 -8.41
N PRO A 5 -7.63 -4.28 -8.48
CA PRO A 5 -7.01 -3.75 -9.70
C PRO A 5 -5.53 -4.16 -9.87
N MET A 6 -4.75 -4.11 -8.77
CA MET A 6 -3.29 -4.39 -8.77
C MET A 6 -2.99 -5.69 -8.02
N ILE A 7 -1.71 -6.07 -8.05
CA ILE A 7 -1.17 -7.23 -7.35
C ILE A 7 -0.53 -6.76 -6.04
N ILE A 8 -1.21 -6.97 -4.91
CA ILE A 8 -0.68 -6.65 -3.57
C ILE A 8 -0.36 -7.98 -2.88
N ARG A 9 0.90 -8.17 -2.46
CA ARG A 9 1.39 -9.41 -1.85
C ARG A 9 2.08 -9.10 -0.53
N GLY A 10 2.04 -10.06 0.40
CA GLY A 10 2.68 -9.93 1.69
C GLY A 10 3.96 -10.74 1.73
N ILE A 11 5.06 -10.10 2.09
CA ILE A 11 6.37 -10.75 2.16
C ILE A 11 7.08 -10.40 3.48
N ARG A 12 7.61 -11.45 4.13
CA ARG A 12 8.28 -11.36 5.43
C ARG A 12 9.79 -11.55 5.25
N GLY A 13 10.56 -10.67 5.89
CA GLY A 13 12.02 -10.71 5.86
C GLY A 13 12.64 -9.87 4.74
N ALA A 14 11.78 -9.32 3.85
CA ALA A 14 12.20 -8.60 2.64
C ALA A 14 13.07 -7.37 2.94
N ARG A 15 14.34 -7.44 2.54
CA ARG A 15 15.29 -6.34 2.67
C ARG A 15 14.98 -5.24 1.64
N ILE A 16 14.46 -4.10 2.14
CA ILE A 16 14.14 -2.94 1.30
C ILE A 16 15.43 -2.27 0.81
N ASN A 17 15.82 -2.68 -0.39
CA ASN A 17 16.99 -2.18 -1.10
C ASN A 17 16.55 -1.05 -2.03
N ASN A 18 17.45 -0.10 -2.29
CA ASN A 18 17.18 1.05 -3.15
C ASN A 18 17.33 0.71 -4.64
N GLU A 19 17.78 -0.54 -4.91
CA GLU A 19 18.03 -1.03 -6.27
C GLU A 19 16.71 -1.14 -7.07
N ILE A 20 15.66 -1.60 -6.37
CA ILE A 20 14.32 -1.78 -6.95
C ILE A 20 13.62 -0.44 -7.25
N PHE A 21 14.19 0.70 -6.83
CA PHE A 21 13.55 2.01 -7.03
C PHE A 21 14.05 2.67 -8.34
N ASN A 22 15.33 2.45 -8.69
CA ASN A 22 15.99 3.17 -9.82
C ASN A 22 15.76 2.47 -11.17
N LEU A 23 15.01 1.34 -11.18
CA LEU A 23 14.67 0.58 -12.41
C LEU A 23 13.48 1.20 -13.17
N GLY A 24 12.88 2.26 -12.59
CA GLY A 24 11.79 3.01 -13.21
C GLY A 24 10.42 2.31 -13.32
N LEU A 25 10.36 0.99 -13.06
CA LEU A 25 9.12 0.19 -13.21
C LEU A 25 8.03 0.63 -12.23
N LYS A 26 6.78 0.28 -12.56
CA LYS A 26 5.59 0.67 -11.81
C LYS A 26 5.33 -0.34 -10.67
N PHE A 27 5.73 0.07 -9.46
CA PHE A 27 5.53 -0.70 -8.23
C PHE A 27 5.37 0.27 -7.06
N GLN A 28 4.84 -0.21 -5.94
CA GLN A 28 4.88 0.49 -4.64
C GLN A 28 5.16 -0.55 -3.56
N ILE A 29 5.91 -0.15 -2.53
CA ILE A 29 6.07 -0.96 -1.32
C ILE A 29 5.80 -0.08 -0.10
N LEU A 30 4.88 -0.55 0.76
CA LEU A 30 4.57 0.08 2.06
C LEU A 30 4.80 -0.96 3.18
N ASN A 31 4.67 -0.53 4.43
CA ASN A 31 4.97 -1.37 5.60
C ASN A 31 3.76 -2.27 5.91
N ALA A 32 3.99 -3.56 6.19
CA ALA A 32 2.91 -4.53 6.41
C ALA A 32 2.42 -4.56 7.87
N ASP A 33 2.97 -3.67 8.70
CA ASP A 33 2.53 -3.48 10.10
C ASP A 33 1.32 -2.53 10.14
N VAL A 34 1.34 -1.54 9.25
CA VAL A 34 0.36 -0.44 9.22
C VAL A 34 -0.83 -0.76 8.26
N VAL A 35 -0.74 -1.91 7.57
CA VAL A 35 -1.80 -2.37 6.67
C VAL A 35 -2.69 -3.39 7.44
N ALA A 36 -4.01 -3.24 7.30
CA ALA A 36 -4.98 -4.19 7.88
C ALA A 36 -5.04 -5.44 6.99
N THR A 37 -5.50 -5.22 5.76
CA THR A 37 -5.53 -6.23 4.70
C THR A 37 -5.03 -5.61 3.39
N LYS A 38 -4.78 -6.46 2.37
CA LYS A 38 -4.52 -6.00 0.99
C LYS A 38 -5.69 -5.12 0.44
N LYS A 39 -6.92 -5.30 1.00
CA LYS A 39 -8.08 -4.44 0.67
C LYS A 39 -7.85 -2.97 1.06
N HIS A 40 -7.03 -2.75 2.11
CA HIS A 40 -6.62 -1.40 2.54
C HIS A 40 -5.90 -0.67 1.39
N VAL A 41 -4.98 -1.39 0.72
CA VAL A 41 -4.23 -0.87 -0.42
C VAL A 41 -5.12 -0.69 -1.67
N LEU A 42 -5.85 -1.76 -2.06
CA LEU A 42 -6.61 -1.75 -3.34
C LEU A 42 -7.75 -0.71 -3.34
N HIS A 43 -8.40 -0.55 -2.17
CA HIS A 43 -9.36 0.56 -1.92
C HIS A 43 -8.68 1.92 -2.14
N ALA A 44 -7.44 2.06 -1.67
CA ALA A 44 -6.66 3.31 -1.80
C ALA A 44 -6.31 3.61 -3.28
N ILE A 45 -6.07 2.54 -4.05
CA ILE A 45 -5.85 2.61 -5.52
C ILE A 45 -7.13 3.09 -6.24
N ASN A 46 -8.28 2.50 -5.86
CA ASN A 46 -9.61 2.88 -6.40
C ASN A 46 -9.90 4.36 -6.09
N GLN A 47 -9.64 4.75 -4.82
CA GLN A 47 -9.79 6.13 -4.33
C GLN A 47 -8.87 7.10 -5.07
N ALA A 48 -7.66 6.63 -5.42
CA ALA A 48 -6.69 7.39 -6.22
C ALA A 48 -7.22 7.68 -7.65
N LYS A 49 -7.90 6.67 -8.25
CA LYS A 49 -8.37 6.74 -9.66
C LYS A 49 -9.62 7.62 -9.83
N THR A 50 -10.38 7.84 -8.74
CA THR A 50 -11.60 8.67 -8.77
C THR A 50 -11.35 10.06 -8.12
N LYS A 51 -10.57 10.07 -7.03
CA LYS A 51 -10.28 11.29 -6.25
C LYS A 51 -8.79 11.65 -6.35
N LYS A 52 -8.53 12.95 -6.54
CA LYS A 52 -7.18 13.51 -6.70
C LYS A 52 -6.81 14.34 -5.45
N PRO A 53 -5.75 13.92 -4.68
CA PRO A 53 -5.15 14.75 -3.63
C PRO A 53 -4.07 15.70 -4.22
N ILE A 54 -2.97 15.94 -3.50
CA ILE A 54 -1.88 16.85 -3.99
C ILE A 54 -0.65 15.97 -4.30
N ALA A 55 -0.90 14.81 -4.93
CA ALA A 55 0.12 13.79 -5.22
C ALA A 55 1.00 14.16 -6.42
N LYS A 56 2.25 13.67 -6.39
CA LYS A 56 3.26 13.92 -7.44
C LYS A 56 3.12 12.92 -8.60
N SER A 57 2.50 11.76 -8.30
CA SER A 57 2.36 10.63 -9.24
C SER A 57 1.24 9.70 -8.75
N PHE A 58 0.89 8.69 -9.57
CA PHE A 58 -0.12 7.67 -9.23
C PHE A 58 0.35 6.78 -8.07
N TRP A 59 1.61 6.34 -8.13
CA TRP A 59 2.20 5.49 -7.06
C TRP A 59 2.56 6.32 -5.81
N MET A 60 2.68 7.65 -5.97
CA MET A 60 2.74 8.59 -4.84
C MET A 60 1.33 8.85 -4.27
N GLU A 61 0.31 8.67 -5.12
CA GLU A 61 -1.10 8.92 -4.79
C GLU A 61 -1.68 7.80 -3.90
N ILE A 62 -1.27 6.55 -4.17
CA ILE A 62 -1.76 5.36 -3.43
C ILE A 62 -1.24 5.37 -1.97
N LEU A 63 0.04 5.78 -1.79
CA LEU A 63 0.69 5.77 -0.45
C LEU A 63 0.12 6.89 0.46
N VAL A 64 -0.23 8.06 -0.12
CA VAL A 64 -0.87 9.15 0.65
C VAL A 64 -2.35 8.79 0.95
N ARG A 65 -2.99 8.12 -0.01
CA ARG A 65 -4.43 7.79 0.05
C ARG A 65 -4.70 6.75 1.17
N ALA A 66 -3.83 5.74 1.26
CA ALA A 66 -3.90 4.69 2.30
C ALA A 66 -3.54 5.24 3.69
N SER A 67 -2.66 6.25 3.72
CA SER A 67 -2.19 6.91 4.96
C SER A 67 -3.20 7.98 5.45
N GLY A 68 -4.25 8.26 4.65
CA GLY A 68 -5.14 9.39 4.90
C GLY A 68 -4.54 10.70 4.44
N GLN A 69 -3.53 11.18 5.21
CA GLN A 69 -2.72 12.38 4.91
C GLN A 69 -2.27 12.44 3.42
N ARG A 70 -2.38 13.64 2.83
CA ARG A 70 -2.30 13.84 1.36
C ARG A 70 -0.87 14.25 0.92
N GLN A 71 0.07 14.25 1.89
CA GLN A 71 1.47 14.66 1.70
C GLN A 71 2.38 13.42 1.50
N ILE A 72 3.15 13.44 0.38
CA ILE A 72 4.09 12.35 -0.03
C ILE A 72 5.08 11.97 1.09
N HIS A 73 5.88 12.96 1.55
CA HIS A 73 6.99 12.73 2.51
C HIS A 73 6.45 12.16 3.82
N GLU A 74 5.37 12.79 4.32
CA GLU A 74 4.67 12.37 5.54
C GLU A 74 4.19 10.91 5.45
N ALA A 75 3.47 10.58 4.36
CA ALA A 75 2.97 9.20 4.10
C ALA A 75 4.11 8.15 4.07
N ILE A 76 5.27 8.54 3.52
CA ILE A 76 6.48 7.67 3.47
C ILE A 76 7.06 7.46 4.90
N LYS A 77 6.93 8.47 5.77
CA LYS A 77 7.36 8.35 7.18
C LYS A 77 6.40 7.40 7.94
N ILE A 78 5.09 7.65 7.79
CA ILE A 78 4.03 6.92 8.47
C ILE A 78 3.92 5.45 7.97
N ILE A 79 3.49 5.27 6.70
CA ILE A 79 3.22 3.92 6.15
C ILE A 79 4.32 3.40 5.20
N GLY A 80 5.48 4.09 5.10
CA GLY A 80 6.47 3.73 4.08
C GLY A 80 7.25 2.45 4.40
N ALA A 81 8.00 1.94 3.42
CA ALA A 81 8.67 0.64 3.51
C ALA A 81 9.88 0.65 4.47
N LYS A 82 10.08 -0.48 5.16
CA LYS A 82 11.23 -0.77 6.03
C LYS A 82 11.49 -2.28 5.92
N ASP A 83 12.75 -2.76 6.09
CA ASP A 83 13.06 -4.20 5.93
C ASP A 83 12.24 -5.09 6.88
N GLY A 84 11.97 -6.33 6.43
CA GLY A 84 11.16 -7.28 7.17
C GLY A 84 9.78 -7.47 6.55
N ASN A 85 8.74 -7.05 7.29
CA ASN A 85 7.33 -7.24 6.87
C ASN A 85 6.86 -6.05 6.04
N VAL A 86 6.68 -6.27 4.73
CA VAL A 86 6.20 -5.25 3.78
C VAL A 86 5.15 -5.82 2.80
N CYS A 87 4.61 -4.89 1.98
CA CYS A 87 3.55 -5.15 1.00
C CYS A 87 4.05 -4.74 -0.38
N LEU A 88 4.09 -5.68 -1.32
CA LEU A 88 4.58 -5.44 -2.68
C LEU A 88 3.39 -5.34 -3.64
N ILE A 89 3.31 -4.17 -4.28
CA ILE A 89 2.20 -3.70 -5.10
C ILE A 89 2.71 -3.47 -6.52
N CYS A 90 2.03 -4.03 -7.54
CA CYS A 90 2.50 -3.92 -8.93
C CYS A 90 1.36 -4.14 -9.94
N GLU A 91 1.60 -3.74 -11.20
CA GLU A 91 0.63 -3.89 -12.31
C GLU A 91 0.60 -5.34 -12.83
N ASP A 92 1.77 -5.89 -13.20
CA ASP A 92 1.88 -7.22 -13.85
C ASP A 92 2.72 -8.17 -12.99
N GLU A 93 2.41 -9.49 -13.07
CA GLU A 93 3.08 -10.55 -12.28
C GLU A 93 4.60 -10.59 -12.48
N GLU A 94 5.07 -10.31 -13.71
CA GLU A 94 6.50 -10.42 -14.03
C GLU A 94 7.27 -9.26 -13.37
N THR A 95 6.68 -8.04 -13.42
CA THR A 95 7.24 -6.85 -12.78
C THR A 95 7.24 -7.00 -11.24
N PHE A 96 6.18 -7.65 -10.70
CA PHE A 96 6.10 -8.04 -9.28
C PHE A 96 7.30 -8.94 -8.92
N ARG A 97 7.54 -9.94 -9.79
CA ARG A 97 8.57 -10.96 -9.58
C ARG A 97 9.99 -10.34 -9.66
N LYS A 98 10.14 -9.34 -10.55
CA LYS A 98 11.40 -8.58 -10.71
C LYS A 98 11.76 -7.80 -9.44
N ILE A 99 10.75 -7.26 -8.73
CA ILE A 99 10.97 -6.57 -7.46
C ILE A 99 11.22 -7.61 -6.32
N TYR A 100 10.39 -8.68 -6.29
CA TYR A 100 10.45 -9.76 -5.27
C TYR A 100 11.83 -10.43 -5.19
N GLU A 101 12.44 -10.74 -6.35
CA GLU A 101 13.72 -11.45 -6.41
C GLU A 101 14.87 -10.65 -5.75
N LEU A 102 14.85 -9.31 -5.88
CA LEU A 102 15.90 -8.44 -5.28
C LEU A 102 15.73 -8.29 -3.75
N ILE A 103 14.47 -8.16 -3.25
CA ILE A 103 14.23 -7.91 -1.80
C ILE A 103 14.48 -9.19 -0.97
N GLY A 104 13.98 -10.34 -1.49
CA GLY A 104 14.25 -11.66 -0.91
C GLY A 104 13.50 -11.91 0.41
N GLY A 105 12.56 -12.86 0.41
CA GLY A 105 11.80 -13.21 1.61
C GLY A 105 10.81 -14.32 1.34
N GLU A 106 9.84 -14.48 2.25
CA GLU A 106 8.80 -15.52 2.16
C GLU A 106 7.41 -14.88 2.01
N ILE A 107 6.60 -15.41 1.09
CA ILE A 107 5.23 -14.93 0.86
C ILE A 107 4.31 -15.43 2.00
N ASP A 108 3.65 -14.49 2.67
CA ASP A 108 2.80 -14.72 3.84
C ASP A 108 1.61 -13.75 3.73
N ASP A 109 0.48 -14.24 3.21
CA ASP A 109 -0.76 -13.44 3.09
C ASP A 109 -1.40 -13.16 4.46
N SER A 110 -1.05 -13.93 5.52
CA SER A 110 -1.53 -13.68 6.90
C SER A 110 -1.20 -12.27 7.43
N VAL A 111 -0.15 -11.65 6.91
CA VAL A 111 0.21 -10.26 7.26
C VAL A 111 -0.83 -9.27 6.66
N LEU A 112 -1.49 -9.71 5.56
CA LEU A 112 -2.54 -8.95 4.84
C LEU A 112 -3.95 -9.55 5.07
N GLU A 113 -4.16 -10.41 6.09
CA GLU A 113 -5.49 -11.03 6.30
C GLU A 113 -6.26 -10.38 7.49
N ILE A 114 -5.60 -9.44 8.22
CA ILE A 114 -6.11 -8.75 9.43
C ILE A 114 -5.63 -9.50 10.68
N ASN A 115 -4.93 -8.77 11.58
CA ASN A 115 -4.34 -9.29 12.82
C ASN A 115 -4.55 -8.26 13.92
N GLU A 116 -4.51 -8.72 15.19
CA GLU A 116 -4.64 -7.85 16.37
C GLU A 116 -3.45 -6.86 16.44
N ASP A 117 -2.26 -7.36 16.08
CA ASP A 117 -1.00 -6.60 16.15
C ASP A 117 -1.06 -5.37 15.22
N LYS A 118 -1.49 -5.61 13.97
CA LYS A 118 -1.69 -4.52 12.99
C LYS A 118 -2.79 -3.57 13.48
N GLU A 119 -3.87 -4.16 14.03
CA GLU A 119 -5.13 -3.44 14.29
C GLU A 119 -4.95 -2.36 15.38
N ARG A 120 -4.24 -2.69 16.47
CA ARG A 120 -4.02 -1.76 17.61
C ARG A 120 -3.10 -0.57 17.22
N LEU A 121 -2.03 -0.84 16.43
CA LEU A 121 -1.10 0.20 15.99
C LEU A 121 -1.74 1.08 14.89
N ILE A 122 -2.61 0.48 14.05
CA ILE A 122 -3.33 1.18 12.96
C ILE A 122 -4.18 2.32 13.52
N ARG A 123 -4.84 2.04 14.64
CA ARG A 123 -5.71 3.02 15.30
C ARG A 123 -4.86 4.07 16.02
N GLU A 124 -3.60 3.77 16.40
CA GLU A 124 -2.67 4.82 16.88
C GLU A 124 -2.28 5.87 15.81
N ILE A 125 -1.70 5.46 14.65
CA ILE A 125 -1.21 6.45 13.65
C ILE A 125 -2.35 7.05 12.80
N PHE A 126 -3.47 6.34 12.65
CA PHE A 126 -4.61 6.85 11.88
C PHE A 126 -5.67 7.49 12.81
N LYS A 127 -5.82 6.96 14.04
CA LYS A 127 -6.78 7.46 15.08
C LYS A 127 -8.21 7.42 14.54
N ILE A 128 -8.80 6.23 14.56
CA ILE A 128 -10.15 5.99 14.04
C ILE A 128 -11.07 5.56 15.20
N ARG A 129 -12.09 6.36 15.50
CA ARG A 129 -13.02 6.08 16.62
C ARG A 129 -14.07 5.06 16.15
N GLY A 130 -13.96 3.81 16.60
CA GLY A 130 -14.87 2.74 16.20
C GLY A 130 -14.23 1.37 16.36
N PHE A 131 -14.86 0.52 17.18
CA PHE A 131 -14.47 -0.89 17.37
C PHE A 131 -15.02 -1.74 16.18
N GLY A 132 -14.91 -3.08 16.24
CA GLY A 132 -15.42 -3.95 15.18
C GLY A 132 -14.29 -4.51 14.33
N ASN A 133 -14.39 -4.31 13.02
CA ASN A 133 -13.36 -4.71 12.04
C ASN A 133 -12.66 -3.46 11.50
N VAL A 134 -11.33 -3.37 11.73
CA VAL A 134 -10.54 -2.15 11.44
C VAL A 134 -10.40 -1.88 9.93
N VAL A 135 -10.68 -2.90 9.07
CA VAL A 135 -10.53 -2.74 7.60
C VAL A 135 -11.62 -1.79 7.09
N GLU A 136 -12.88 -2.12 7.45
CA GLU A 136 -14.04 -1.26 7.16
C GLU A 136 -13.84 0.14 7.78
N ARG A 137 -13.26 0.15 8.99
CA ARG A 137 -13.10 1.35 9.81
C ARG A 137 -12.07 2.33 9.17
N VAL A 138 -10.94 1.80 8.64
CA VAL A 138 -9.88 2.61 8.00
C VAL A 138 -10.32 3.07 6.60
N LEU A 139 -11.01 2.17 5.88
CA LEU A 139 -11.53 2.41 4.51
C LEU A 139 -12.51 3.60 4.49
N GLU A 140 -13.34 3.73 5.54
CA GLU A 140 -14.28 4.85 5.69
C GLU A 140 -13.56 6.16 6.03
N LYS A 141 -12.55 6.09 6.93
CA LYS A 141 -11.89 7.30 7.48
C LYS A 141 -10.99 7.98 6.43
N ILE A 142 -10.43 7.19 5.49
CA ILE A 142 -9.64 7.74 4.37
C ILE A 142 -10.56 8.18 3.22
N ALA A 143 -11.81 7.66 3.20
CA ALA A 143 -12.85 8.11 2.24
C ALA A 143 -13.59 9.36 2.79
N LEU A 144 -13.42 9.61 4.12
CA LEU A 144 -14.02 10.74 4.87
C LEU A 144 -13.39 12.11 4.49
N ILE A 145 -12.37 12.06 3.60
CA ILE A 145 -11.53 13.20 3.25
C ILE A 145 -12.12 13.89 2.01
N GLU A 146 -12.34 13.08 0.97
CA GLU A 146 -12.79 13.54 -0.35
C GLU A 146 -14.32 13.37 -0.50
N LEU A 147 -14.90 12.53 0.37
CA LEU A 147 -16.33 12.23 0.41
C LEU A 147 -16.78 12.27 1.88
N LYS A 148 -16.66 13.49 2.45
CA LYS A 148 -17.12 13.82 3.82
C LYS A 148 -18.52 13.24 4.12
N LYS A 149 -18.62 12.47 5.22
CA LYS A 149 -19.85 11.74 5.62
C LYS A 149 -20.63 12.54 6.68
N GLU A 150 -20.30 13.84 6.78
CA GLU A 150 -20.94 14.78 7.69
C GLU A 150 -21.73 15.77 6.83
N GLY A 1 -8.53 -9.95 -9.61
CA GLY A 1 -9.76 -9.81 -10.41
C GLY A 1 -10.74 -8.83 -9.80
N ALA A 2 -12.03 -9.19 -9.83
CA ALA A 2 -13.11 -8.35 -9.27
C ALA A 2 -13.10 -8.42 -7.72
N MET A 3 -12.45 -7.38 -7.12
CA MET A 3 -12.28 -7.10 -5.65
C MET A 3 -10.77 -7.16 -5.29
N ASP A 4 -9.92 -7.18 -6.33
CA ASP A 4 -8.45 -7.32 -6.20
C ASP A 4 -7.80 -6.93 -7.56
N PRO A 5 -7.87 -5.61 -7.96
CA PRO A 5 -7.48 -5.14 -9.31
C PRO A 5 -5.96 -5.22 -9.58
N MET A 6 -5.17 -4.49 -8.77
CA MET A 6 -3.70 -4.48 -8.86
C MET A 6 -3.14 -5.67 -8.08
N ILE A 7 -1.82 -5.88 -8.18
CA ILE A 7 -1.14 -6.97 -7.51
C ILE A 7 -0.63 -6.44 -6.18
N ILE A 8 -1.35 -6.79 -5.09
CA ILE A 8 -0.98 -6.40 -3.74
C ILE A 8 -0.59 -7.68 -3.01
N ARG A 9 0.66 -7.75 -2.55
CA ARG A 9 1.22 -8.95 -1.92
C ARG A 9 1.98 -8.53 -0.67
N GLY A 10 2.01 -9.40 0.33
CA GLY A 10 2.70 -9.11 1.58
C GLY A 10 4.01 -9.86 1.62
N ILE A 11 4.98 -9.29 2.34
CA ILE A 11 6.33 -9.86 2.42
C ILE A 11 7.04 -9.58 3.77
N ARG A 12 7.53 -10.66 4.39
CA ARG A 12 8.33 -10.62 5.63
C ARG A 12 9.83 -10.55 5.30
N GLY A 13 10.54 -9.65 5.98
CA GLY A 13 12.01 -9.58 5.93
C GLY A 13 12.56 -8.99 4.63
N ALA A 14 11.75 -8.18 3.94
CA ALA A 14 12.13 -7.49 2.71
C ALA A 14 12.97 -6.23 3.01
N ARG A 15 14.26 -6.27 2.65
CA ARG A 15 15.17 -5.13 2.83
C ARG A 15 14.84 -4.06 1.78
N ILE A 16 14.29 -2.92 2.24
CA ILE A 16 14.00 -1.78 1.36
C ILE A 16 15.34 -1.13 0.92
N ASN A 17 15.82 -1.60 -0.24
CA ASN A 17 17.10 -1.17 -0.82
C ASN A 17 16.87 -0.23 -2.00
N ASN A 18 17.82 0.70 -2.20
CA ASN A 18 17.73 1.78 -3.21
C ASN A 18 17.49 1.28 -4.66
N GLU A 19 17.90 0.03 -4.96
CA GLU A 19 17.88 -0.51 -6.34
C GLU A 19 16.45 -0.69 -6.88
N ILE A 20 15.49 -1.04 -5.99
CA ILE A 20 14.06 -1.18 -6.37
C ILE A 20 13.44 0.13 -6.86
N PHE A 21 14.10 1.28 -6.63
CA PHE A 21 13.59 2.60 -7.05
C PHE A 21 14.42 3.12 -8.25
N ASN A 22 15.63 2.53 -8.43
CA ASN A 22 16.59 2.92 -9.50
C ASN A 22 16.07 2.55 -10.90
N LEU A 23 15.19 1.53 -10.92
CA LEU A 23 14.65 0.93 -12.16
C LEU A 23 13.56 1.81 -12.80
N GLY A 24 13.13 2.87 -12.06
CA GLY A 24 12.12 3.82 -12.54
C GLY A 24 10.78 3.24 -12.99
N LEU A 25 10.49 1.98 -12.60
CA LEU A 25 9.25 1.27 -13.01
C LEU A 25 8.08 1.68 -12.11
N LYS A 26 6.88 1.24 -12.52
CA LYS A 26 5.62 1.57 -11.84
C LYS A 26 5.37 0.61 -10.67
N PHE A 27 5.70 1.07 -9.45
CA PHE A 27 5.48 0.31 -8.20
C PHE A 27 5.23 1.30 -7.04
N GLN A 28 4.66 0.79 -5.95
CA GLN A 28 4.60 1.49 -4.65
C GLN A 28 4.87 0.43 -3.57
N ILE A 29 5.53 0.80 -2.46
CA ILE A 29 5.69 -0.08 -1.30
C ILE A 29 5.32 0.71 -0.03
N LEU A 30 4.41 0.14 0.77
CA LEU A 30 4.08 0.68 2.10
C LEU A 30 4.38 -0.39 3.16
N ASN A 31 4.20 -0.06 4.43
CA ASN A 31 4.54 -0.95 5.56
C ASN A 31 3.40 -1.97 5.76
N ALA A 32 3.77 -3.23 6.02
CA ALA A 32 2.77 -4.32 6.22
C ALA A 32 2.25 -4.37 7.66
N ASP A 33 2.79 -3.49 8.52
CA ASP A 33 2.35 -3.36 9.91
C ASP A 33 1.22 -2.34 10.01
N VAL A 34 1.24 -1.34 9.12
CA VAL A 34 0.28 -0.23 9.12
C VAL A 34 -1.00 -0.58 8.31
N VAL A 35 -0.92 -1.64 7.48
CA VAL A 35 -2.05 -2.05 6.63
C VAL A 35 -2.87 -3.14 7.34
N ALA A 36 -4.21 -3.00 7.28
CA ALA A 36 -5.15 -3.99 7.83
C ALA A 36 -5.18 -5.23 6.91
N THR A 37 -5.70 -5.02 5.70
CA THR A 37 -5.74 -6.03 4.61
C THR A 37 -5.39 -5.35 3.28
N LYS A 38 -5.13 -6.16 2.23
CA LYS A 38 -4.90 -5.63 0.86
C LYS A 38 -6.10 -4.79 0.34
N LYS A 39 -7.33 -5.03 0.90
CA LYS A 39 -8.53 -4.22 0.59
C LYS A 39 -8.32 -2.73 0.92
N HIS A 40 -7.55 -2.47 2.00
CA HIS A 40 -7.18 -1.12 2.45
C HIS A 40 -6.39 -0.40 1.34
N VAL A 41 -5.42 -1.12 0.75
CA VAL A 41 -4.59 -0.61 -0.35
C VAL A 41 -5.41 -0.37 -1.63
N LEU A 42 -6.14 -1.41 -2.09
CA LEU A 42 -6.85 -1.36 -3.40
C LEU A 42 -7.96 -0.28 -3.44
N HIS A 43 -8.54 0.02 -2.27
CA HIS A 43 -9.48 1.16 -2.11
C HIS A 43 -8.75 2.51 -2.26
N ALA A 44 -7.49 2.56 -1.82
CA ALA A 44 -6.64 3.76 -1.96
C ALA A 44 -6.22 3.98 -3.43
N ILE A 45 -5.90 2.86 -4.10
CA ILE A 45 -5.62 2.82 -5.56
C ILE A 45 -6.87 3.26 -6.33
N ASN A 46 -8.02 2.76 -5.90
CA ASN A 46 -9.35 3.10 -6.43
C ASN A 46 -9.56 4.62 -6.43
N GLN A 47 -9.26 5.23 -5.27
CA GLN A 47 -9.33 6.69 -5.10
C GLN A 47 -8.32 7.40 -6.02
N ALA A 48 -7.15 6.78 -6.25
CA ALA A 48 -6.13 7.29 -7.17
C ALA A 48 -6.53 7.12 -8.65
N LYS A 49 -7.39 6.13 -8.94
CA LYS A 49 -7.81 5.79 -10.32
C LYS A 49 -8.97 6.68 -10.78
N THR A 50 -9.99 6.85 -9.92
CA THR A 50 -11.23 7.57 -10.27
C THR A 50 -11.18 9.07 -9.88
N LYS A 51 -10.46 9.38 -8.78
CA LYS A 51 -10.31 10.77 -8.28
C LYS A 51 -8.87 11.29 -8.49
N LYS A 52 -8.73 12.64 -8.46
CA LYS A 52 -7.42 13.32 -8.47
C LYS A 52 -7.46 14.58 -7.54
N PRO A 53 -6.93 14.47 -6.26
CA PRO A 53 -6.70 15.63 -5.36
C PRO A 53 -5.57 16.56 -5.89
N ILE A 54 -4.47 16.75 -5.11
CA ILE A 54 -3.32 17.63 -5.47
C ILE A 54 -2.01 16.84 -5.22
N ALA A 55 -2.08 15.51 -5.45
CA ALA A 55 -0.97 14.57 -5.19
C ALA A 55 0.06 14.56 -6.33
N LYS A 56 1.30 14.10 -6.02
CA LYS A 56 2.44 14.09 -6.97
C LYS A 56 2.15 13.22 -8.21
N SER A 57 1.90 11.93 -7.99
CA SER A 57 1.67 10.94 -9.07
C SER A 57 0.69 9.86 -8.58
N PHE A 58 0.37 8.90 -9.47
CA PHE A 58 -0.56 7.78 -9.20
C PHE A 58 -0.17 7.00 -7.92
N TRP A 59 1.06 6.49 -7.91
CA TRP A 59 1.60 5.70 -6.80
C TRP A 59 1.74 6.52 -5.51
N MET A 60 2.08 7.81 -5.68
CA MET A 60 2.26 8.75 -4.58
C MET A 60 0.89 9.21 -4.03
N GLU A 61 -0.15 9.03 -4.86
CA GLU A 61 -1.54 9.27 -4.46
C GLU A 61 -2.08 8.10 -3.63
N ILE A 62 -1.70 6.86 -4.02
CA ILE A 62 -2.14 5.61 -3.33
C ILE A 62 -1.76 5.65 -1.83
N LEU A 63 -0.54 6.13 -1.56
CA LEU A 63 -0.01 6.18 -0.19
C LEU A 63 -0.72 7.28 0.66
N VAL A 64 -1.15 8.40 0.03
CA VAL A 64 -1.86 9.47 0.74
C VAL A 64 -3.35 9.10 0.98
N ARG A 65 -3.97 8.38 0.02
CA ARG A 65 -5.39 7.98 0.12
C ARG A 65 -5.58 6.90 1.22
N ALA A 66 -4.61 5.97 1.31
CA ALA A 66 -4.61 4.90 2.34
C ALA A 66 -4.42 5.47 3.77
N SER A 67 -3.72 6.62 3.88
CA SER A 67 -3.47 7.28 5.17
C SER A 67 -4.55 8.34 5.49
N GLY A 68 -5.50 8.57 4.56
CA GLY A 68 -6.47 9.67 4.67
C GLY A 68 -5.84 11.07 4.68
N GLN A 69 -4.58 11.17 4.27
CA GLN A 69 -3.82 12.43 4.31
C GLN A 69 -3.69 12.98 2.87
N ARG A 70 -3.57 14.30 2.73
CA ARG A 70 -3.38 14.95 1.42
C ARG A 70 -1.88 14.98 1.02
N GLN A 71 -1.01 15.00 2.04
CA GLN A 71 0.44 15.23 1.89
C GLN A 71 1.20 13.92 1.66
N ILE A 72 1.97 13.89 0.55
CA ILE A 72 2.92 12.80 0.22
C ILE A 72 3.96 12.63 1.34
N HIS A 73 4.50 13.76 1.82
CA HIS A 73 5.56 13.79 2.85
C HIS A 73 5.08 13.16 4.16
N GLU A 74 3.91 13.61 4.65
CA GLU A 74 3.25 13.01 5.84
C GLU A 74 3.02 11.51 5.63
N ALA A 75 2.32 11.13 4.54
CA ALA A 75 1.90 9.75 4.27
C ALA A 75 3.07 8.74 4.20
N ILE A 76 4.20 9.15 3.61
CA ILE A 76 5.41 8.29 3.53
C ILE A 76 6.04 8.08 4.92
N LYS A 77 5.93 9.08 5.81
CA LYS A 77 6.38 8.94 7.21
C LYS A 77 5.42 8.03 8.01
N ILE A 78 4.11 8.25 7.82
CA ILE A 78 3.03 7.52 8.53
C ILE A 78 2.97 6.04 8.09
N ILE A 79 2.62 5.78 6.82
CA ILE A 79 2.39 4.41 6.31
C ILE A 79 3.52 3.88 5.41
N GLY A 80 4.63 4.62 5.25
CA GLY A 80 5.61 4.30 4.18
C GLY A 80 6.46 3.07 4.47
N ALA A 81 7.31 2.69 3.48
CA ALA A 81 8.09 1.44 3.51
C ALA A 81 9.27 1.51 4.49
N LYS A 82 9.50 0.41 5.20
CA LYS A 82 10.62 0.21 6.13
C LYS A 82 11.03 -1.27 6.04
N ASP A 83 12.33 -1.61 6.13
CA ASP A 83 12.80 -3.00 5.91
C ASP A 83 12.21 -3.96 6.96
N GLY A 84 11.86 -5.17 6.51
CA GLY A 84 11.12 -6.14 7.33
C GLY A 84 9.76 -6.45 6.72
N ASN A 85 8.68 -6.16 7.45
CA ASN A 85 7.31 -6.39 6.97
C ASN A 85 6.85 -5.22 6.09
N VAL A 86 6.72 -5.45 4.78
CA VAL A 86 6.16 -4.46 3.83
C VAL A 86 5.14 -5.10 2.87
N CYS A 87 4.52 -4.23 2.08
CA CYS A 87 3.41 -4.57 1.19
C CYS A 87 3.74 -3.99 -0.20
N LEU A 88 3.78 -4.87 -1.20
CA LEU A 88 4.23 -4.53 -2.54
C LEU A 88 2.99 -4.35 -3.47
N ILE A 89 2.93 -3.15 -4.04
CA ILE A 89 1.84 -2.65 -4.88
C ILE A 89 2.39 -2.53 -6.31
N CYS A 90 1.76 -3.22 -7.28
CA CYS A 90 2.21 -3.18 -8.69
C CYS A 90 1.05 -3.50 -9.64
N GLU A 91 1.28 -3.25 -10.94
CA GLU A 91 0.31 -3.54 -12.01
C GLU A 91 0.60 -4.90 -12.66
N ASP A 92 1.88 -5.13 -13.00
CA ASP A 92 2.30 -6.31 -13.79
C ASP A 92 3.15 -7.22 -12.90
N GLU A 93 2.93 -8.55 -13.00
CA GLU A 93 3.69 -9.55 -12.22
C GLU A 93 5.19 -9.55 -12.58
N GLU A 94 5.52 -9.08 -13.79
CA GLU A 94 6.92 -8.95 -14.22
C GLU A 94 7.62 -7.85 -13.39
N THR A 95 6.93 -6.69 -13.25
CA THR A 95 7.40 -5.56 -12.46
C THR A 95 7.34 -5.88 -10.94
N PHE A 96 6.33 -6.67 -10.52
CA PHE A 96 6.17 -7.13 -9.12
C PHE A 96 7.38 -7.97 -8.71
N ARG A 97 7.69 -8.99 -9.53
CA ARG A 97 8.80 -9.91 -9.26
C ARG A 97 10.14 -9.18 -9.39
N LYS A 98 10.22 -8.21 -10.31
CA LYS A 98 11.42 -7.37 -10.49
C LYS A 98 11.78 -6.66 -9.16
N ILE A 99 10.76 -6.18 -8.44
CA ILE A 99 10.94 -5.58 -7.11
C ILE A 99 11.25 -6.68 -6.06
N TYR A 100 10.43 -7.76 -6.04
CA TYR A 100 10.52 -8.87 -5.07
C TYR A 100 11.92 -9.52 -5.00
N GLU A 101 12.55 -9.76 -6.17
CA GLU A 101 13.88 -10.38 -6.24
C GLU A 101 14.93 -9.50 -5.52
N LEU A 102 14.83 -8.17 -5.69
CA LEU A 102 15.78 -7.20 -5.12
C LEU A 102 15.62 -7.05 -3.59
N ILE A 103 14.37 -6.99 -3.08
CA ILE A 103 14.13 -6.81 -1.62
C ILE A 103 14.43 -8.12 -0.86
N GLY A 104 14.17 -9.26 -1.54
CA GLY A 104 14.70 -10.57 -1.14
C GLY A 104 14.13 -11.14 0.15
N GLY A 105 12.89 -10.76 0.50
CA GLY A 105 12.19 -11.36 1.64
C GLY A 105 11.36 -12.57 1.21
N GLU A 106 10.52 -13.07 2.13
CA GLU A 106 9.62 -14.20 1.88
C GLU A 106 8.18 -13.70 1.89
N ILE A 107 7.31 -14.29 1.07
CA ILE A 107 5.91 -13.83 0.94
C ILE A 107 5.12 -14.14 2.24
N ASP A 108 4.53 -13.09 2.82
CA ASP A 108 3.76 -13.15 4.07
C ASP A 108 2.32 -12.71 3.75
N ASP A 109 1.41 -13.66 3.61
CA ASP A 109 -0.01 -13.37 3.39
C ASP A 109 -0.67 -12.75 4.65
N SER A 110 -0.34 -13.30 5.84
CA SER A 110 -0.94 -12.90 7.13
C SER A 110 -0.84 -11.40 7.51
N VAL A 111 0.15 -10.68 6.99
CA VAL A 111 0.26 -9.22 7.23
C VAL A 111 -0.85 -8.44 6.49
N LEU A 112 -1.48 -9.08 5.49
CA LEU A 112 -2.60 -8.51 4.71
C LEU A 112 -3.94 -9.19 5.11
N GLU A 113 -4.02 -9.89 6.25
CA GLU A 113 -5.26 -10.61 6.63
C GLU A 113 -5.94 -10.03 7.89
N ILE A 114 -5.25 -9.12 8.64
CA ILE A 114 -5.76 -8.52 9.90
C ILE A 114 -5.58 -9.52 11.07
N ASN A 115 -4.94 -9.04 12.15
CA ASN A 115 -4.67 -9.81 13.38
C ASN A 115 -4.43 -8.83 14.54
N GLU A 116 -4.00 -9.36 15.72
CA GLU A 116 -3.83 -8.57 16.95
C GLU A 116 -2.74 -7.48 16.77
N ASP A 117 -1.58 -7.88 16.21
CA ASP A 117 -0.44 -6.97 15.95
C ASP A 117 -0.85 -5.84 14.99
N LYS A 118 -1.58 -6.23 13.93
CA LYS A 118 -2.13 -5.28 12.93
C LYS A 118 -3.07 -4.27 13.60
N GLU A 119 -3.92 -4.79 14.48
CA GLU A 119 -5.06 -4.04 15.02
C GLU A 119 -4.60 -2.95 16.00
N ARG A 120 -3.74 -3.32 16.98
CA ARG A 120 -3.36 -2.40 18.07
C ARG A 120 -2.57 -1.20 17.55
N LEU A 121 -1.46 -1.46 16.82
CA LEU A 121 -0.56 -0.37 16.36
C LEU A 121 -1.27 0.58 15.37
N ILE A 122 -2.21 0.03 14.57
CA ILE A 122 -3.05 0.80 13.60
C ILE A 122 -3.78 1.97 14.28
N ARG A 123 -4.16 1.79 15.56
CA ARG A 123 -4.85 2.84 16.32
C ARG A 123 -3.93 4.07 16.51
N GLU A 124 -2.61 3.85 16.71
CA GLU A 124 -1.63 4.95 16.86
C GLU A 124 -1.55 5.90 15.64
N ILE A 125 -1.27 5.36 14.44
CA ILE A 125 -1.12 6.18 13.21
C ILE A 125 -2.45 6.79 12.73
N PHE A 126 -3.47 5.94 12.56
CA PHE A 126 -4.73 6.37 11.91
C PHE A 126 -5.67 7.06 12.91
N LYS A 127 -5.62 6.60 14.18
CA LYS A 127 -6.43 7.15 15.28
C LYS A 127 -7.92 6.98 14.99
N ILE A 128 -8.37 5.73 15.03
CA ILE A 128 -9.73 5.33 14.67
C ILE A 128 -10.63 5.48 15.91
N ARG A 129 -11.60 6.41 15.85
CA ARG A 129 -12.53 6.69 16.97
C ARG A 129 -13.76 5.74 16.96
N GLY A 130 -13.55 4.45 16.62
CA GLY A 130 -14.65 3.51 16.43
C GLY A 130 -14.18 2.08 16.36
N PHE A 131 -14.92 1.16 16.99
CA PHE A 131 -14.61 -0.29 16.98
C PHE A 131 -15.40 -1.00 15.87
N GLY A 132 -15.29 -2.35 15.81
CA GLY A 132 -15.86 -3.16 14.72
C GLY A 132 -14.75 -3.88 13.98
N ASN A 133 -14.83 -3.92 12.64
CA ASN A 133 -13.76 -4.46 11.78
C ASN A 133 -12.84 -3.30 11.38
N VAL A 134 -11.53 -3.46 11.65
CA VAL A 134 -10.50 -2.45 11.34
C VAL A 134 -10.45 -2.11 9.84
N VAL A 135 -10.77 -3.10 8.97
CA VAL A 135 -10.66 -2.93 7.50
C VAL A 135 -11.70 -1.90 7.02
N GLU A 136 -12.96 -2.13 7.39
CA GLU A 136 -14.07 -1.27 6.99
C GLU A 136 -14.00 0.08 7.69
N ARG A 137 -13.56 0.06 8.97
CA ARG A 137 -13.58 1.26 9.83
C ARG A 137 -12.42 2.24 9.49
N VAL A 138 -11.27 1.71 9.00
CA VAL A 138 -10.18 2.57 8.48
C VAL A 138 -10.59 3.17 7.14
N LEU A 139 -11.32 2.36 6.32
CA LEU A 139 -11.95 2.82 5.07
C LEU A 139 -12.95 3.95 5.34
N GLU A 140 -13.69 3.84 6.46
CA GLU A 140 -14.56 4.93 6.98
C GLU A 140 -13.73 6.19 7.28
N LYS A 141 -12.63 6.03 8.05
CA LYS A 141 -11.80 7.15 8.51
C LYS A 141 -11.16 7.93 7.35
N ILE A 142 -10.55 7.19 6.41
CA ILE A 142 -9.79 7.78 5.29
C ILE A 142 -10.74 8.47 4.29
N ALA A 143 -11.99 7.96 4.23
CA ALA A 143 -13.05 8.57 3.41
C ALA A 143 -13.67 9.76 4.12
N LEU A 144 -13.72 9.71 5.47
CA LEU A 144 -14.44 10.73 6.32
C LEU A 144 -13.68 12.09 6.36
N ILE A 145 -12.58 12.17 5.61
CA ILE A 145 -11.73 13.37 5.53
C ILE A 145 -12.02 14.10 4.19
N GLU A 146 -11.98 13.36 3.07
CA GLU A 146 -12.27 13.92 1.72
C GLU A 146 -13.77 13.73 1.34
N LEU A 147 -14.52 13.05 2.22
CA LEU A 147 -15.95 12.79 2.09
C LEU A 147 -16.53 12.87 3.52
N LYS A 148 -16.36 14.07 4.10
CA LYS A 148 -16.82 14.41 5.46
C LYS A 148 -18.35 14.22 5.64
N LYS A 149 -18.78 14.18 6.90
CA LYS A 149 -20.21 14.11 7.26
C LYS A 149 -20.65 15.46 7.88
N GLU A 150 -19.68 16.39 8.03
CA GLU A 150 -19.93 17.74 8.55
C GLU A 150 -20.55 18.63 7.44
N GLY A 1 -13.15 -5.38 -14.42
CA GLY A 1 -13.35 -5.42 -12.96
C GLY A 1 -13.21 -6.82 -12.38
N ALA A 2 -12.79 -6.89 -11.11
CA ALA A 2 -12.64 -8.15 -10.36
C ALA A 2 -12.83 -7.86 -8.86
N MET A 3 -12.85 -8.93 -8.03
CA MET A 3 -12.82 -8.78 -6.56
C MET A 3 -11.57 -8.00 -6.12
N ASP A 4 -10.43 -8.29 -6.78
CA ASP A 4 -9.21 -7.46 -6.68
C ASP A 4 -8.68 -7.20 -8.11
N PRO A 5 -9.06 -6.05 -8.76
CA PRO A 5 -8.73 -5.76 -10.19
C PRO A 5 -7.21 -5.74 -10.46
N MET A 6 -6.47 -4.92 -9.68
CA MET A 6 -5.00 -4.84 -9.77
C MET A 6 -4.39 -5.87 -8.81
N ILE A 7 -3.07 -6.11 -8.92
CA ILE A 7 -2.40 -7.20 -8.19
C ILE A 7 -1.66 -6.62 -6.98
N ILE A 8 -2.23 -6.88 -5.80
CA ILE A 8 -1.60 -6.60 -4.51
C ILE A 8 -1.11 -7.95 -3.97
N ARG A 9 0.18 -8.08 -3.68
CA ARG A 9 0.80 -9.36 -3.28
C ARG A 9 1.50 -9.14 -1.94
N GLY A 10 1.57 -10.19 -1.12
CA GLY A 10 2.21 -10.13 0.18
C GLY A 10 3.54 -10.83 0.11
N ILE A 11 4.56 -10.24 0.72
CA ILE A 11 5.91 -10.82 0.76
C ILE A 11 6.64 -10.46 2.07
N ARG A 12 7.41 -11.44 2.57
CA ARG A 12 8.17 -11.37 3.81
C ARG A 12 9.66 -11.61 3.51
N GLY A 13 10.52 -10.74 4.05
CA GLY A 13 11.96 -10.82 3.80
C GLY A 13 12.39 -9.95 2.61
N ALA A 14 11.42 -9.24 2.00
CA ALA A 14 11.62 -8.41 0.82
C ALA A 14 12.52 -7.21 1.13
N ARG A 15 13.76 -7.27 0.64
CA ARG A 15 14.74 -6.21 0.83
C ARG A 15 14.42 -5.02 -0.07
N ILE A 16 13.86 -3.95 0.53
CA ILE A 16 13.54 -2.72 -0.19
C ILE A 16 14.84 -1.98 -0.54
N ASN A 17 15.25 -2.19 -1.80
CA ASN A 17 16.48 -1.62 -2.36
C ASN A 17 16.11 -0.61 -3.44
N ASN A 18 17.00 0.36 -3.65
CA ASN A 18 16.79 1.48 -4.60
C ASN A 18 16.75 1.01 -6.06
N GLU A 19 17.16 -0.26 -6.31
CA GLU A 19 17.25 -0.84 -7.65
C GLU A 19 15.86 -1.01 -8.31
N ILE A 20 14.83 -1.29 -7.48
CA ILE A 20 13.42 -1.44 -7.94
C ILE A 20 12.91 -0.21 -8.70
N PHE A 21 13.51 0.98 -8.52
CA PHE A 21 13.05 2.21 -9.16
C PHE A 21 13.69 2.40 -10.55
N ASN A 22 14.85 1.74 -10.79
CA ASN A 22 15.68 1.97 -11.99
C ASN A 22 15.10 1.30 -13.24
N LEU A 23 14.16 0.35 -13.04
CA LEU A 23 13.48 -0.35 -14.15
C LEU A 23 12.34 0.51 -14.75
N GLY A 24 12.01 1.63 -14.08
CA GLY A 24 11.02 2.62 -14.54
C GLY A 24 9.60 2.08 -14.82
N LEU A 25 9.29 0.87 -14.32
CA LEU A 25 7.94 0.26 -14.49
C LEU A 25 6.95 0.94 -13.54
N LYS A 26 5.65 0.81 -13.86
CA LYS A 26 4.58 1.34 -13.03
C LYS A 26 4.26 0.34 -11.91
N PHE A 27 4.79 0.64 -10.71
CA PHE A 27 4.64 -0.17 -9.50
C PHE A 27 4.56 0.77 -8.28
N GLN A 28 4.13 0.22 -7.14
CA GLN A 28 4.34 0.84 -5.83
C GLN A 28 4.46 -0.27 -4.77
N ILE A 29 5.18 0.02 -3.70
CA ILE A 29 5.29 -0.88 -2.55
C ILE A 29 4.97 -0.07 -1.28
N LEU A 30 4.03 -0.57 -0.48
CA LEU A 30 3.71 -0.02 0.86
C LEU A 30 4.07 -1.06 1.92
N ASN A 31 4.00 -0.65 3.19
CA ASN A 31 4.38 -1.50 4.32
C ASN A 31 3.22 -2.45 4.69
N ALA A 32 3.55 -3.71 5.08
CA ALA A 32 2.54 -4.75 5.39
C ALA A 32 1.90 -4.57 6.79
N ASP A 33 2.32 -3.52 7.50
CA ASP A 33 1.76 -3.18 8.82
C ASP A 33 0.39 -2.50 8.68
N VAL A 34 0.17 -1.82 7.55
CA VAL A 34 -1.00 -0.95 7.34
C VAL A 34 -2.02 -1.57 6.36
N VAL A 35 -1.71 -2.74 5.78
CA VAL A 35 -2.61 -3.44 4.87
C VAL A 35 -3.72 -4.16 5.67
N ALA A 36 -4.94 -3.59 5.66
CA ALA A 36 -6.13 -4.26 6.20
C ALA A 36 -6.42 -5.46 5.31
N THR A 37 -6.80 -5.17 4.08
CA THR A 37 -6.93 -6.14 3.00
C THR A 37 -6.34 -5.53 1.72
N LYS A 38 -6.24 -6.34 0.66
CA LYS A 38 -6.01 -5.86 -0.71
C LYS A 38 -7.06 -4.80 -1.13
N LYS A 39 -8.26 -4.85 -0.50
CA LYS A 39 -9.33 -3.81 -0.66
C LYS A 39 -8.83 -2.42 -0.27
N HIS A 40 -7.99 -2.37 0.76
CA HIS A 40 -7.41 -1.13 1.27
C HIS A 40 -6.60 -0.41 0.18
N VAL A 41 -5.71 -1.17 -0.47
CA VAL A 41 -4.90 -0.67 -1.58
C VAL A 41 -5.73 -0.40 -2.85
N LEU A 42 -6.51 -1.41 -3.32
CA LEU A 42 -7.24 -1.33 -4.62
C LEU A 42 -8.25 -0.17 -4.63
N HIS A 43 -8.90 0.06 -3.47
CA HIS A 43 -9.76 1.26 -3.23
C HIS A 43 -8.98 2.57 -3.42
N ALA A 44 -7.73 2.59 -2.95
CA ALA A 44 -6.84 3.77 -3.07
C ALA A 44 -6.40 3.97 -4.53
N ILE A 45 -6.24 2.85 -5.26
CA ILE A 45 -6.01 2.86 -6.72
C ILE A 45 -7.25 3.41 -7.46
N ASN A 46 -8.45 2.96 -7.04
CA ASN A 46 -9.75 3.45 -7.56
C ASN A 46 -9.86 4.97 -7.42
N GLN A 47 -9.38 5.47 -6.27
CA GLN A 47 -9.28 6.91 -5.97
C GLN A 47 -8.37 7.60 -6.99
N ALA A 48 -7.23 6.98 -7.32
CA ALA A 48 -6.26 7.49 -8.30
C ALA A 48 -6.82 7.44 -9.75
N LYS A 49 -7.74 6.49 -10.02
CA LYS A 49 -8.32 6.30 -11.37
C LYS A 49 -9.38 7.37 -11.66
N THR A 50 -10.22 7.68 -10.66
CA THR A 50 -11.35 8.62 -10.83
C THR A 50 -10.91 10.08 -10.55
N LYS A 51 -9.94 10.25 -9.63
CA LYS A 51 -9.48 11.60 -9.19
C LYS A 51 -8.07 11.93 -9.70
N LYS A 52 -7.84 13.23 -9.84
CA LYS A 52 -6.53 13.85 -9.89
C LYS A 52 -6.58 15.17 -9.07
N PRO A 53 -6.46 15.07 -7.71
CA PRO A 53 -6.66 16.20 -6.79
C PRO A 53 -5.40 17.04 -6.56
N ILE A 54 -4.49 16.55 -5.70
CA ILE A 54 -3.29 17.29 -5.25
C ILE A 54 -2.03 16.44 -5.57
N ALA A 55 -2.26 15.17 -5.96
CA ALA A 55 -1.20 14.16 -6.15
C ALA A 55 -0.25 14.52 -7.31
N LYS A 56 1.03 14.13 -7.15
CA LYS A 56 2.06 14.29 -8.19
C LYS A 56 1.74 13.40 -9.40
N SER A 57 1.13 12.23 -9.12
CA SER A 57 0.84 11.21 -10.12
C SER A 57 -0.20 10.20 -9.59
N PHE A 58 -0.56 9.24 -10.46
CA PHE A 58 -1.48 8.12 -10.19
C PHE A 58 -1.07 7.35 -8.91
N TRP A 59 0.15 6.78 -8.94
CA TRP A 59 0.70 5.97 -7.84
C TRP A 59 0.96 6.80 -6.56
N MET A 60 1.08 8.12 -6.74
CA MET A 60 1.22 9.08 -5.62
C MET A 60 -0.13 9.33 -4.91
N GLU A 61 -1.25 9.20 -5.66
CA GLU A 61 -2.61 9.30 -5.07
C GLU A 61 -2.95 8.02 -4.28
N ILE A 62 -2.42 6.87 -4.73
CA ILE A 62 -2.62 5.57 -4.06
C ILE A 62 -2.03 5.60 -2.63
N LEU A 63 -0.79 6.10 -2.51
CA LEU A 63 -0.08 6.13 -1.21
C LEU A 63 -0.68 7.15 -0.23
N VAL A 64 -1.17 8.31 -0.74
CA VAL A 64 -1.81 9.34 0.13
C VAL A 64 -3.20 8.90 0.61
N ARG A 65 -3.91 8.13 -0.23
CA ARG A 65 -5.25 7.63 0.12
C ARG A 65 -5.17 6.45 1.07
N ALA A 66 -4.24 5.52 0.86
CA ALA A 66 -4.09 4.35 1.76
C ALA A 66 -3.71 4.81 3.21
N SER A 67 -2.97 5.92 3.32
CA SER A 67 -2.60 6.53 4.62
C SER A 67 -3.68 7.48 5.17
N GLY A 68 -4.65 7.89 4.33
CA GLY A 68 -5.52 9.03 4.63
C GLY A 68 -4.78 10.36 4.84
N GLN A 69 -3.55 10.45 4.32
CA GLN A 69 -2.67 11.62 4.47
C GLN A 69 -2.40 12.22 3.08
N ARG A 70 -3.21 13.22 2.68
CA ARG A 70 -3.17 13.84 1.33
C ARG A 70 -1.81 14.48 0.96
N GLN A 71 -0.89 14.63 1.93
CA GLN A 71 0.48 15.11 1.68
C GLN A 71 1.37 13.92 1.27
N ILE A 72 1.97 14.02 0.06
CA ILE A 72 2.79 12.96 -0.57
C ILE A 72 3.91 12.44 0.36
N HIS A 73 4.74 13.39 0.84
CA HIS A 73 5.91 13.08 1.70
C HIS A 73 5.47 12.36 2.98
N GLU A 74 4.48 12.95 3.66
CA GLU A 74 3.95 12.45 4.94
C GLU A 74 3.34 11.03 4.79
N ALA A 75 2.62 10.80 3.68
CA ALA A 75 2.04 9.48 3.34
C ALA A 75 3.13 8.39 3.28
N ILE A 76 4.23 8.69 2.57
CA ILE A 76 5.38 7.78 2.42
C ILE A 76 6.12 7.59 3.78
N LYS A 77 6.09 8.62 4.66
CA LYS A 77 6.68 8.53 6.02
C LYS A 77 5.90 7.49 6.87
N ILE A 78 4.56 7.63 6.86
CA ILE A 78 3.67 6.74 7.64
C ILE A 78 3.66 5.30 7.07
N ILE A 79 3.14 5.13 5.84
CA ILE A 79 2.87 3.79 5.26
C ILE A 79 3.89 3.33 4.22
N GLY A 80 5.04 4.02 4.08
CA GLY A 80 5.98 3.72 2.98
C GLY A 80 6.73 2.42 3.22
N ALA A 81 7.19 1.79 2.12
CA ALA A 81 7.89 0.49 2.15
C ALA A 81 9.15 0.50 3.05
N LYS A 82 9.31 -0.59 3.82
CA LYS A 82 10.50 -0.85 4.65
C LYS A 82 10.94 -2.30 4.37
N ASP A 83 12.21 -2.65 4.64
CA ASP A 83 12.71 -4.04 4.52
C ASP A 83 11.85 -5.06 5.30
N GLY A 84 11.74 -6.27 4.74
CA GLY A 84 11.02 -7.38 5.36
C GLY A 84 9.61 -7.55 4.83
N ASN A 85 8.62 -7.26 5.68
CA ASN A 85 7.19 -7.50 5.37
C ASN A 85 6.58 -6.27 4.72
N VAL A 86 6.25 -6.41 3.44
CA VAL A 86 5.63 -5.38 2.61
C VAL A 86 4.53 -5.97 1.70
N CYS A 87 3.92 -5.07 0.93
CA CYS A 87 2.82 -5.35 0.00
C CYS A 87 3.12 -4.67 -1.34
N LEU A 88 3.09 -5.47 -2.40
CA LEU A 88 3.54 -5.07 -3.73
C LEU A 88 2.31 -4.84 -4.64
N ILE A 89 2.29 -3.65 -5.23
CA ILE A 89 1.21 -3.16 -6.09
C ILE A 89 1.75 -3.12 -7.53
N CYS A 90 1.09 -3.83 -8.45
CA CYS A 90 1.50 -3.88 -9.86
C CYS A 90 0.26 -3.92 -10.76
N GLU A 91 0.44 -3.39 -11.98
CA GLU A 91 -0.59 -3.38 -13.02
C GLU A 91 -0.95 -4.81 -13.44
N ASP A 92 0.10 -5.63 -13.67
CA ASP A 92 -0.04 -7.02 -14.10
C ASP A 92 1.13 -7.87 -13.55
N GLU A 93 1.02 -9.21 -13.72
CA GLU A 93 1.89 -10.19 -13.06
C GLU A 93 3.35 -10.18 -13.57
N GLU A 94 3.62 -9.68 -14.79
CA GLU A 94 5.01 -9.64 -15.31
C GLU A 94 5.79 -8.52 -14.60
N THR A 95 5.13 -7.35 -14.41
CA THR A 95 5.64 -6.24 -13.59
C THR A 95 5.89 -6.70 -12.13
N PHE A 96 4.96 -7.54 -11.62
CA PHE A 96 5.09 -8.16 -10.28
C PHE A 96 6.40 -8.96 -10.17
N ARG A 97 6.65 -9.85 -11.16
CA ARG A 97 7.79 -10.76 -11.13
C ARG A 97 9.13 -10.00 -11.17
N LYS A 98 9.13 -8.87 -11.92
CA LYS A 98 10.33 -8.01 -12.06
C LYS A 98 10.72 -7.37 -10.72
N ILE A 99 9.73 -6.83 -9.99
CA ILE A 99 9.98 -6.21 -8.67
C ILE A 99 10.37 -7.28 -7.63
N TYR A 100 9.62 -8.41 -7.64
CA TYR A 100 9.88 -9.60 -6.79
C TYR A 100 11.33 -10.12 -6.94
N GLU A 101 11.88 -10.00 -8.16
CA GLU A 101 13.30 -10.33 -8.46
C GLU A 101 14.26 -9.47 -7.62
N LEU A 102 14.08 -8.14 -7.64
CA LEU A 102 14.98 -7.20 -6.95
C LEU A 102 14.85 -7.29 -5.41
N ILE A 103 13.62 -7.41 -4.88
CA ILE A 103 13.40 -7.37 -3.41
C ILE A 103 13.79 -8.71 -2.75
N GLY A 104 13.27 -9.83 -3.31
CA GLY A 104 13.63 -11.18 -2.85
C GLY A 104 13.07 -11.55 -1.48
N GLY A 105 12.17 -12.52 -1.45
CA GLY A 105 11.56 -13.02 -0.21
C GLY A 105 10.56 -14.12 -0.50
N GLU A 106 9.64 -14.40 0.43
CA GLU A 106 8.63 -15.44 0.28
C GLU A 106 7.22 -14.83 0.38
N ILE A 107 6.28 -15.35 -0.43
CA ILE A 107 4.92 -14.81 -0.50
C ILE A 107 4.15 -15.15 0.79
N ASP A 108 3.52 -14.13 1.38
CA ASP A 108 2.70 -14.24 2.59
C ASP A 108 1.26 -13.83 2.21
N ASP A 109 0.40 -14.83 2.03
CA ASP A 109 -1.01 -14.61 1.66
C ASP A 109 -1.81 -13.95 2.80
N SER A 110 -1.76 -14.55 4.01
CA SER A 110 -2.56 -14.14 5.18
C SER A 110 -2.44 -12.64 5.57
N VAL A 111 -1.28 -12.00 5.31
CA VAL A 111 -1.08 -10.57 5.67
C VAL A 111 -2.01 -9.63 4.87
N LEU A 112 -2.41 -10.10 3.67
CA LEU A 112 -3.24 -9.34 2.72
C LEU A 112 -4.73 -9.38 3.07
N GLU A 113 -5.12 -10.12 4.12
CA GLU A 113 -6.53 -10.41 4.38
C GLU A 113 -6.91 -10.26 5.87
N ILE A 114 -6.15 -9.45 6.65
CA ILE A 114 -6.55 -8.95 7.99
C ILE A 114 -6.39 -10.04 9.09
N ASN A 115 -5.88 -9.60 10.24
CA ASN A 115 -5.83 -10.39 11.50
C ASN A 115 -5.88 -9.44 12.71
N GLU A 116 -5.84 -9.99 13.94
CA GLU A 116 -5.97 -9.21 15.20
C GLU A 116 -4.80 -8.21 15.38
N ASP A 117 -3.59 -8.70 15.06
CA ASP A 117 -2.34 -7.91 15.07
C ASP A 117 -2.44 -6.75 14.07
N LYS A 118 -3.00 -7.06 12.88
CA LYS A 118 -3.24 -6.07 11.82
C LYS A 118 -4.21 -4.99 12.28
N GLU A 119 -5.24 -5.41 13.02
CA GLU A 119 -6.42 -4.58 13.31
C GLU A 119 -6.06 -3.46 14.31
N ARG A 120 -5.40 -3.83 15.42
CA ARG A 120 -5.09 -2.90 16.52
C ARG A 120 -3.98 -1.91 16.12
N LEU A 121 -3.00 -2.46 15.39
CA LEU A 121 -1.93 -1.71 14.72
C LEU A 121 -2.49 -0.61 13.79
N ILE A 122 -3.41 -1.03 12.89
CA ILE A 122 -4.14 -0.16 11.95
C ILE A 122 -5.01 0.86 12.69
N ARG A 123 -5.48 0.47 13.88
CA ARG A 123 -6.29 1.35 14.74
C ARG A 123 -5.40 2.43 15.36
N GLU A 124 -4.13 2.12 15.70
CA GLU A 124 -3.21 3.13 16.22
C GLU A 124 -2.80 4.24 15.21
N ILE A 125 -2.25 3.87 14.02
CA ILE A 125 -1.74 4.90 13.07
C ILE A 125 -2.87 5.60 12.28
N PHE A 126 -3.93 4.87 11.92
CA PHE A 126 -5.07 5.45 11.17
C PHE A 126 -6.14 6.04 12.11
N LYS A 127 -6.30 5.44 13.30
CA LYS A 127 -7.24 5.91 14.36
C LYS A 127 -8.70 5.84 13.90
N ILE A 128 -9.22 4.61 13.90
CA ILE A 128 -10.59 4.31 13.49
C ILE A 128 -11.46 4.18 14.76
N ARG A 129 -12.51 5.00 14.87
CA ARG A 129 -13.48 4.93 15.98
C ARG A 129 -14.63 4.01 15.55
N GLY A 130 -14.60 2.75 15.99
CA GLY A 130 -15.61 1.77 15.63
C GLY A 130 -14.97 0.40 15.39
N PHE A 131 -15.41 -0.59 16.19
CA PHE A 131 -15.03 -2.01 16.02
C PHE A 131 -15.98 -2.70 15.01
N GLY A 132 -16.05 -4.04 15.02
CA GLY A 132 -16.91 -4.78 14.11
C GLY A 132 -16.21 -5.10 12.80
N ASN A 133 -15.93 -4.05 12.00
CA ASN A 133 -15.19 -4.19 10.74
C ASN A 133 -14.19 -3.04 10.61
N VAL A 134 -12.89 -3.34 10.64
CA VAL A 134 -11.82 -2.35 10.45
C VAL A 134 -11.59 -2.03 8.94
N VAL A 135 -11.93 -3.01 8.07
CA VAL A 135 -11.65 -2.94 6.61
C VAL A 135 -12.51 -1.85 5.93
N GLU A 136 -13.85 -1.96 6.03
CA GLU A 136 -14.77 -0.96 5.41
C GLU A 136 -14.57 0.43 6.04
N ARG A 137 -14.15 0.44 7.32
CA ARG A 137 -14.01 1.68 8.10
C ARG A 137 -12.75 2.48 7.71
N VAL A 138 -11.66 1.78 7.32
CA VAL A 138 -10.46 2.47 6.82
C VAL A 138 -10.70 3.02 5.38
N LEU A 139 -11.39 2.20 4.54
CA LEU A 139 -11.81 2.61 3.18
C LEU A 139 -12.70 3.88 3.18
N GLU A 140 -13.65 3.98 4.14
CA GLU A 140 -14.56 5.14 4.22
C GLU A 140 -13.89 6.33 4.92
N LYS A 141 -12.93 6.02 5.83
CA LYS A 141 -12.13 7.04 6.54
C LYS A 141 -11.34 7.90 5.56
N ILE A 142 -10.59 7.24 4.68
CA ILE A 142 -9.64 7.89 3.78
C ILE A 142 -10.38 8.63 2.64
N ALA A 143 -11.66 8.28 2.46
CA ALA A 143 -12.62 9.02 1.63
C ALA A 143 -13.10 10.29 2.38
N LEU A 144 -13.26 10.16 3.71
CA LEU A 144 -13.71 11.27 4.59
C LEU A 144 -12.58 12.32 4.83
N ILE A 145 -11.38 12.02 4.33
CA ILE A 145 -10.24 12.95 4.34
C ILE A 145 -10.23 13.74 3.03
N GLU A 146 -10.21 13.00 1.91
CA GLU A 146 -10.06 13.59 0.59
C GLU A 146 -10.85 12.73 -0.40
N LEU A 147 -12.17 12.94 -0.40
CA LEU A 147 -13.08 12.48 -1.47
C LEU A 147 -14.47 13.10 -1.26
N LYS A 148 -15.04 12.77 -0.07
CA LYS A 148 -16.52 12.83 0.23
C LYS A 148 -17.41 12.97 -1.03
N LYS A 149 -18.53 13.70 -0.93
CA LYS A 149 -19.08 14.46 -2.07
C LYS A 149 -19.48 15.84 -1.56
N GLU A 150 -18.45 16.68 -1.33
CA GLU A 150 -18.61 18.02 -0.73
C GLU A 150 -19.20 19.01 -1.77
N GLY A 1 -17.17 -4.89 -6.79
CA GLY A 1 -16.54 -6.11 -7.34
C GLY A 1 -15.05 -6.18 -7.01
N ALA A 2 -14.44 -7.34 -7.30
CA ALA A 2 -12.99 -7.57 -7.09
C ALA A 2 -12.23 -7.35 -8.41
N MET A 3 -11.71 -6.11 -8.60
CA MET A 3 -10.98 -5.72 -9.81
C MET A 3 -9.61 -6.45 -9.88
N ASP A 4 -8.71 -6.05 -8.95
CA ASP A 4 -7.28 -6.44 -8.97
C ASP A 4 -6.65 -6.10 -10.35
N PRO A 5 -6.57 -4.77 -10.72
CA PRO A 5 -6.22 -4.32 -12.10
C PRO A 5 -4.79 -4.71 -12.52
N MET A 6 -3.81 -4.40 -11.67
CA MET A 6 -2.39 -4.72 -11.91
C MET A 6 -2.02 -6.01 -11.17
N ILE A 7 -0.74 -6.37 -11.22
CA ILE A 7 -0.21 -7.55 -10.52
C ILE A 7 0.40 -7.08 -9.19
N ILE A 8 -0.33 -7.29 -8.08
CA ILE A 8 0.13 -6.95 -6.72
C ILE A 8 0.57 -8.27 -6.05
N ARG A 9 1.83 -8.32 -5.60
CA ARG A 9 2.47 -9.55 -5.09
C ARG A 9 3.00 -9.31 -3.69
N GLY A 10 2.94 -10.36 -2.86
CA GLY A 10 3.40 -10.29 -1.48
C GLY A 10 4.73 -10.99 -1.32
N ILE A 11 5.61 -10.40 -0.51
CA ILE A 11 6.96 -10.93 -0.26
C ILE A 11 7.48 -10.49 1.13
N ARG A 12 8.23 -11.39 1.79
CA ARG A 12 8.86 -11.15 3.09
C ARG A 12 10.39 -11.22 2.95
N GLY A 13 11.08 -10.35 3.67
CA GLY A 13 12.55 -10.33 3.70
C GLY A 13 13.16 -9.68 2.45
N ALA A 14 12.32 -9.02 1.64
CA ALA A 14 12.73 -8.36 0.40
C ALA A 14 13.56 -7.11 0.71
N ARG A 15 14.89 -7.28 0.70
CA ARG A 15 15.83 -6.19 0.97
C ARG A 15 15.83 -5.21 -0.23
N ILE A 16 15.13 -4.08 -0.04
CA ILE A 16 14.97 -3.05 -1.09
C ILE A 16 16.32 -2.38 -1.41
N ASN A 17 16.73 -2.48 -2.67
CA ASN A 17 17.93 -1.81 -3.20
C ASN A 17 17.54 -0.73 -4.19
N ASN A 18 18.45 0.22 -4.42
CA ASN A 18 18.24 1.35 -5.35
C ASN A 18 18.40 0.92 -6.83
N GLU A 19 19.03 -0.25 -7.07
CA GLU A 19 19.45 -0.69 -8.41
C GLU A 19 18.27 -1.11 -9.29
N ILE A 20 17.19 -1.63 -8.70
CA ILE A 20 15.94 -1.98 -9.43
C ILE A 20 15.28 -0.77 -10.13
N PHE A 21 15.70 0.46 -9.81
CA PHE A 21 15.14 1.69 -10.40
C PHE A 21 15.88 2.11 -11.70
N ASN A 22 16.91 1.33 -12.14
CA ASN A 22 17.71 1.67 -13.35
C ASN A 22 16.96 1.28 -14.64
N LEU A 23 16.06 0.29 -14.54
CA LEU A 23 15.37 -0.30 -15.71
C LEU A 23 14.12 0.52 -16.09
N GLY A 24 13.67 1.42 -15.18
CA GLY A 24 12.52 2.32 -15.41
C GLY A 24 11.20 1.65 -15.83
N LEU A 25 11.08 0.32 -15.61
CA LEU A 25 9.91 -0.46 -16.04
C LEU A 25 8.69 -0.19 -15.15
N LYS A 26 7.56 -0.79 -15.53
CA LYS A 26 6.28 -0.61 -14.84
C LYS A 26 6.25 -1.41 -13.53
N PHE A 27 6.85 -0.83 -12.48
CA PHE A 27 6.83 -1.37 -11.12
C PHE A 27 6.66 -0.20 -10.13
N GLN A 28 5.95 -0.46 -9.03
CA GLN A 28 5.83 0.48 -7.90
C GLN A 28 5.84 -0.36 -6.62
N ILE A 29 6.58 0.06 -5.59
CA ILE A 29 6.74 -0.71 -4.36
C ILE A 29 6.38 0.17 -3.16
N LEU A 30 5.51 -0.34 -2.27
CA LEU A 30 5.11 0.35 -1.03
C LEU A 30 5.21 -0.61 0.18
N ASN A 31 5.05 -0.07 1.40
CA ASN A 31 5.28 -0.80 2.67
C ASN A 31 4.09 -1.76 2.95
N ALA A 32 4.36 -3.08 2.96
CA ALA A 32 3.31 -4.11 3.20
C ALA A 32 3.10 -4.46 4.68
N ASP A 33 3.81 -3.77 5.57
CA ASP A 33 3.53 -3.86 7.02
C ASP A 33 2.30 -3.02 7.36
N VAL A 34 2.15 -1.88 6.67
CA VAL A 34 1.05 -0.92 6.91
C VAL A 34 -0.10 -1.12 5.90
N VAL A 35 -0.01 -2.17 5.05
CA VAL A 35 -1.13 -2.55 4.15
C VAL A 35 -2.01 -3.57 4.89
N ALA A 36 -3.35 -3.43 4.75
CA ALA A 36 -4.30 -4.42 5.27
C ALA A 36 -4.30 -5.63 4.33
N THR A 37 -4.84 -5.42 3.11
CA THR A 37 -4.82 -6.41 2.03
C THR A 37 -4.46 -5.74 0.70
N LYS A 38 -4.26 -6.56 -0.36
CA LYS A 38 -4.11 -6.07 -1.75
C LYS A 38 -5.27 -5.13 -2.19
N LYS A 39 -6.46 -5.29 -1.56
CA LYS A 39 -7.64 -4.40 -1.76
C LYS A 39 -7.30 -2.91 -1.50
N HIS A 40 -6.37 -2.68 -0.56
CA HIS A 40 -5.87 -1.34 -0.22
C HIS A 40 -5.10 -0.72 -1.39
N VAL A 41 -4.19 -1.51 -1.98
CA VAL A 41 -3.37 -1.09 -3.12
C VAL A 41 -4.22 -0.88 -4.40
N LEU A 42 -5.06 -1.88 -4.75
CA LEU A 42 -5.86 -1.85 -5.99
C LEU A 42 -6.85 -0.67 -6.02
N HIS A 43 -7.36 -0.32 -4.83
CA HIS A 43 -8.20 0.89 -4.60
C HIS A 43 -7.46 2.15 -5.08
N ALA A 44 -6.18 2.23 -4.72
CA ALA A 44 -5.33 3.38 -5.06
C ALA A 44 -5.05 3.43 -6.57
N ILE A 45 -4.83 2.25 -7.18
CA ILE A 45 -4.58 2.10 -8.63
C ILE A 45 -5.81 2.50 -9.47
N ASN A 46 -6.98 1.90 -9.17
CA ASN A 46 -8.28 2.23 -9.83
C ASN A 46 -8.51 3.75 -9.87
N GLN A 47 -8.24 4.37 -8.72
CA GLN A 47 -8.36 5.81 -8.52
C GLN A 47 -7.24 6.60 -9.23
N ALA A 48 -6.04 6.01 -9.34
CA ALA A 48 -4.92 6.60 -10.10
C ALA A 48 -5.12 6.50 -11.61
N LYS A 49 -5.98 5.57 -12.06
CA LYS A 49 -6.30 5.40 -13.49
C LYS A 49 -7.30 6.48 -13.94
N THR A 50 -8.39 6.66 -13.15
CA THR A 50 -9.52 7.52 -13.53
C THR A 50 -9.32 8.99 -13.09
N LYS A 51 -8.57 9.21 -11.99
CA LYS A 51 -8.34 10.56 -11.43
C LYS A 51 -6.86 10.99 -11.52
N LYS A 52 -6.68 12.33 -11.53
CA LYS A 52 -5.39 13.02 -11.36
C LYS A 52 -5.59 14.27 -10.47
N PRO A 53 -5.79 14.10 -9.10
CA PRO A 53 -5.91 15.23 -8.14
C PRO A 53 -4.67 16.18 -8.13
N ILE A 54 -3.57 15.75 -7.46
CA ILE A 54 -2.43 16.65 -7.11
C ILE A 54 -1.08 16.02 -7.49
N ALA A 55 -1.02 14.67 -7.54
CA ALA A 55 0.25 13.92 -7.66
C ALA A 55 0.94 14.10 -9.04
N LYS A 56 2.17 13.55 -9.17
CA LYS A 56 3.03 13.74 -10.35
C LYS A 56 2.52 12.95 -11.58
N SER A 57 2.33 11.64 -11.41
CA SER A 57 1.94 10.71 -12.51
C SER A 57 1.24 9.47 -11.92
N PHE A 58 0.98 8.44 -12.76
CA PHE A 58 0.21 7.22 -12.40
C PHE A 58 0.76 6.50 -11.14
N TRP A 59 2.03 6.04 -11.20
CA TRP A 59 2.65 5.27 -10.10
C TRP A 59 2.81 6.13 -8.83
N MET A 60 2.97 7.45 -9.04
CA MET A 60 3.11 8.45 -7.96
C MET A 60 1.74 8.76 -7.32
N GLU A 61 0.69 8.58 -8.13
CA GLU A 61 -0.71 8.78 -7.70
C GLU A 61 -1.15 7.60 -6.82
N ILE A 62 -0.64 6.39 -7.11
CA ILE A 62 -0.96 5.17 -6.33
C ILE A 62 -0.42 5.28 -4.88
N LEU A 63 0.85 5.72 -4.75
CA LEU A 63 1.52 5.77 -3.43
C LEU A 63 0.91 6.84 -2.52
N VAL A 64 0.43 7.96 -3.09
CA VAL A 64 -0.28 8.98 -2.30
C VAL A 64 -1.73 8.54 -1.99
N ARG A 65 -2.42 7.92 -2.97
CA ARG A 65 -3.86 7.63 -2.89
C ARG A 65 -4.16 6.52 -1.85
N ALA A 66 -3.21 5.57 -1.72
CA ALA A 66 -3.28 4.51 -0.71
C ALA A 66 -3.13 5.05 0.72
N SER A 67 -2.37 6.14 0.89
CA SER A 67 -2.10 6.73 2.22
C SER A 67 -2.93 8.02 2.47
N GLY A 68 -3.90 8.32 1.56
CA GLY A 68 -4.74 9.54 1.64
C GLY A 68 -3.95 10.85 1.53
N GLN A 69 -2.78 10.76 0.90
CA GLN A 69 -1.85 11.87 0.72
C GLN A 69 -2.13 12.66 -0.59
N ARG A 70 -1.10 13.45 -0.97
CA ARG A 70 -1.18 14.52 -1.98
C ARG A 70 0.25 14.92 -2.38
N GLN A 71 1.17 14.84 -1.40
CA GLN A 71 2.62 15.04 -1.61
C GLN A 71 3.31 13.66 -1.64
N ILE A 72 3.99 13.40 -2.77
CA ILE A 72 4.73 12.15 -3.04
C ILE A 72 5.68 11.79 -1.88
N HIS A 73 6.44 12.79 -1.42
CA HIS A 73 7.50 12.59 -0.39
C HIS A 73 6.88 12.17 0.96
N GLU A 74 5.74 12.78 1.35
CA GLU A 74 4.95 12.38 2.54
C GLU A 74 4.54 10.89 2.48
N ALA A 75 4.00 10.48 1.31
CA ALA A 75 3.64 9.08 1.03
C ALA A 75 4.84 8.11 1.14
N ILE A 76 6.03 8.57 0.73
CA ILE A 76 7.28 7.79 0.83
C ILE A 76 7.75 7.68 2.32
N LYS A 77 7.43 8.70 3.14
CA LYS A 77 7.68 8.65 4.61
C LYS A 77 6.83 7.53 5.25
N ILE A 78 5.51 7.59 5.00
CA ILE A 78 4.52 6.70 5.63
C ILE A 78 4.57 5.27 5.06
N ILE A 79 4.22 5.12 3.76
CA ILE A 79 4.11 3.79 3.11
C ILE A 79 5.22 3.56 2.06
N GLY A 80 6.44 4.12 2.27
CA GLY A 80 7.55 3.92 1.33
C GLY A 80 8.11 2.49 1.33
N ALA A 81 8.80 2.11 0.24
CA ALA A 81 9.33 0.75 0.05
C ALA A 81 10.54 0.51 0.96
N LYS A 82 10.29 -0.16 2.09
CA LYS A 82 11.33 -0.54 3.06
C LYS A 82 11.53 -2.05 3.02
N ASP A 83 12.73 -2.51 3.39
CA ASP A 83 13.09 -3.95 3.39
C ASP A 83 12.23 -4.77 4.36
N GLY A 84 12.02 -6.05 4.02
CA GLY A 84 11.23 -6.97 4.84
C GLY A 84 9.90 -7.27 4.18
N ASN A 85 8.79 -6.94 4.87
CA ASN A 85 7.44 -7.14 4.31
C ASN A 85 7.10 -5.95 3.43
N VAL A 86 7.15 -6.17 2.10
CA VAL A 86 6.94 -5.11 1.12
C VAL A 86 5.98 -5.60 0.00
N CYS A 87 5.25 -4.64 -0.59
CA CYS A 87 4.18 -4.89 -1.56
C CYS A 87 4.63 -4.43 -2.94
N LEU A 88 4.69 -5.38 -3.89
CA LEU A 88 5.24 -5.16 -5.23
C LEU A 88 4.12 -5.11 -6.28
N ILE A 89 4.05 -3.98 -6.97
CA ILE A 89 3.06 -3.71 -8.03
C ILE A 89 3.81 -3.76 -9.36
N CYS A 90 3.22 -4.40 -10.37
CA CYS A 90 3.77 -4.43 -11.73
C CYS A 90 2.63 -4.60 -12.74
N GLU A 91 2.83 -4.08 -13.96
CA GLU A 91 1.91 -4.33 -15.08
C GLU A 91 2.31 -5.64 -15.79
N ASP A 92 3.62 -5.92 -15.79
CA ASP A 92 4.20 -7.11 -16.45
C ASP A 92 4.76 -8.06 -15.38
N GLU A 93 4.37 -9.35 -15.44
CA GLU A 93 4.90 -10.39 -14.53
C GLU A 93 6.40 -10.66 -14.80
N GLU A 94 6.87 -10.30 -16.02
CA GLU A 94 8.31 -10.35 -16.37
C GLU A 94 9.09 -9.27 -15.59
N THR A 95 8.47 -8.07 -15.46
CA THR A 95 9.01 -6.94 -14.68
C THR A 95 9.08 -7.33 -13.19
N PHE A 96 8.04 -8.08 -12.73
CA PHE A 96 7.95 -8.58 -11.35
C PHE A 96 9.18 -9.44 -10.99
N ARG A 97 9.53 -10.37 -11.89
CA ARG A 97 10.65 -11.31 -11.66
C ARG A 97 11.97 -10.54 -11.51
N LYS A 98 12.16 -9.52 -12.39
CA LYS A 98 13.37 -8.67 -12.40
C LYS A 98 13.60 -8.01 -11.03
N ILE A 99 12.50 -7.47 -10.46
CA ILE A 99 12.54 -6.77 -9.17
C ILE A 99 12.79 -7.79 -8.02
N TYR A 100 12.04 -8.93 -8.05
CA TYR A 100 12.17 -10.04 -7.07
C TYR A 100 13.61 -10.55 -6.91
N GLU A 101 14.33 -10.70 -8.04
CA GLU A 101 15.70 -11.23 -8.06
C GLU A 101 16.66 -10.38 -7.19
N LEU A 102 16.60 -9.05 -7.38
CA LEU A 102 17.51 -8.12 -6.70
C LEU A 102 17.12 -7.88 -5.22
N ILE A 103 15.80 -7.84 -4.91
CA ILE A 103 15.35 -7.56 -3.52
C ILE A 103 15.57 -8.79 -2.63
N GLY A 104 15.30 -9.99 -3.20
CA GLY A 104 15.62 -11.26 -2.56
C GLY A 104 14.78 -11.54 -1.32
N GLY A 105 13.70 -12.31 -1.48
CA GLY A 105 12.83 -12.69 -0.37
C GLY A 105 12.01 -13.92 -0.69
N GLU A 106 11.06 -14.23 0.20
CA GLU A 106 10.15 -15.36 0.04
C GLU A 106 8.76 -14.83 -0.28
N ILE A 107 8.12 -15.38 -1.32
CA ILE A 107 6.76 -14.97 -1.73
C ILE A 107 5.78 -15.30 -0.58
N ASP A 108 5.25 -14.23 0.04
CA ASP A 108 4.46 -14.30 1.27
C ASP A 108 3.17 -13.52 1.06
N ASP A 109 2.13 -14.24 0.62
CA ASP A 109 0.81 -13.65 0.35
C ASP A 109 0.19 -13.01 1.60
N SER A 110 0.47 -13.60 2.79
CA SER A 110 -0.08 -13.19 4.10
C SER A 110 0.10 -11.68 4.44
N VAL A 111 1.11 -11.01 3.86
CA VAL A 111 1.29 -9.56 4.04
C VAL A 111 0.12 -8.78 3.36
N LEU A 112 -0.40 -9.37 2.25
CA LEU A 112 -1.57 -8.87 1.51
C LEU A 112 -2.88 -9.58 1.94
N GLU A 113 -2.81 -10.55 2.86
CA GLU A 113 -4.01 -11.33 3.27
C GLU A 113 -4.55 -10.91 4.62
N ILE A 114 -3.82 -10.04 5.36
CA ILE A 114 -4.23 -9.49 6.67
C ILE A 114 -3.87 -10.46 7.82
N ASN A 115 -3.31 -9.87 8.89
CA ASN A 115 -3.06 -10.55 10.18
C ASN A 115 -2.90 -9.48 11.27
N GLU A 116 -2.87 -9.93 12.54
CA GLU A 116 -2.96 -9.04 13.73
C GLU A 116 -1.79 -8.02 13.79
N ASP A 117 -0.60 -8.49 13.40
CA ASP A 117 0.64 -7.66 13.33
C ASP A 117 0.45 -6.40 12.47
N LYS A 118 -0.01 -6.60 11.21
CA LYS A 118 -0.28 -5.50 10.28
C LYS A 118 -1.41 -4.59 10.80
N GLU A 119 -2.37 -5.20 11.50
CA GLU A 119 -3.65 -4.57 11.84
C GLU A 119 -3.50 -3.49 12.94
N ARG A 120 -2.80 -3.83 14.05
CA ARG A 120 -2.66 -2.92 15.22
C ARG A 120 -1.66 -1.79 14.92
N LEU A 121 -0.69 -2.11 14.08
CA LEU A 121 0.20 -1.14 13.44
C LEU A 121 -0.60 -0.07 12.64
N ILE A 122 -1.55 -0.57 11.83
CA ILE A 122 -2.40 0.27 10.93
C ILE A 122 -3.15 1.37 11.70
N ARG A 123 -3.57 1.09 12.94
CA ARG A 123 -4.32 2.06 13.75
C ARG A 123 -3.40 3.17 14.28
N GLU A 124 -2.07 2.90 14.47
CA GLU A 124 -1.11 3.99 14.81
C GLU A 124 -0.84 4.99 13.65
N ILE A 125 -0.35 4.53 12.47
CA ILE A 125 0.02 5.48 11.37
C ILE A 125 -1.19 6.06 10.63
N PHE A 126 -2.30 5.31 10.57
CA PHE A 126 -3.53 5.80 9.88
C PHE A 126 -4.59 6.35 10.87
N LYS A 127 -4.57 5.88 12.14
CA LYS A 127 -5.38 6.44 13.26
C LYS A 127 -6.89 6.32 13.01
N ILE A 128 -7.38 5.08 12.98
CA ILE A 128 -8.78 4.76 12.68
C ILE A 128 -9.39 4.11 13.95
N ARG A 129 -10.69 4.40 14.23
CA ARG A 129 -11.45 3.92 15.44
C ARG A 129 -11.06 2.48 15.90
N GLY A 130 -11.08 1.51 14.97
CA GLY A 130 -10.69 0.12 15.27
C GLY A 130 -11.91 -0.78 15.40
N PHE A 131 -12.95 -0.45 14.61
CA PHE A 131 -14.24 -1.17 14.61
C PHE A 131 -14.54 -1.70 13.19
N GLY A 132 -15.19 -2.88 13.16
CA GLY A 132 -15.73 -3.44 11.92
C GLY A 132 -14.71 -4.29 11.18
N ASN A 133 -14.08 -3.70 10.15
CA ASN A 133 -13.13 -4.41 9.28
C ASN A 133 -11.96 -3.47 8.98
N VAL A 134 -10.72 -3.81 9.39
CA VAL A 134 -9.54 -2.95 9.17
C VAL A 134 -9.32 -2.63 7.67
N VAL A 135 -9.70 -3.58 6.80
CA VAL A 135 -9.55 -3.48 5.34
C VAL A 135 -10.50 -2.40 4.78
N GLU A 136 -11.79 -2.52 5.09
CA GLU A 136 -12.81 -1.52 4.69
C GLU A 136 -12.47 -0.14 5.24
N ARG A 137 -12.06 -0.11 6.52
CA ARG A 137 -11.94 1.13 7.32
C ARG A 137 -10.74 1.98 6.88
N VAL A 138 -9.66 1.35 6.39
CA VAL A 138 -8.50 2.09 5.86
C VAL A 138 -8.86 2.75 4.50
N LEU A 139 -9.57 2.01 3.64
CA LEU A 139 -10.14 2.55 2.38
C LEU A 139 -11.13 3.70 2.65
N GLU A 140 -11.96 3.55 3.71
CA GLU A 140 -12.92 4.59 4.15
C GLU A 140 -12.17 5.86 4.62
N LYS A 141 -11.10 5.68 5.42
CA LYS A 141 -10.31 6.81 5.96
C LYS A 141 -9.62 7.61 4.83
N ILE A 142 -9.00 6.90 3.88
CA ILE A 142 -8.25 7.54 2.78
C ILE A 142 -9.23 8.13 1.74
N ALA A 143 -10.47 7.60 1.69
CA ALA A 143 -11.55 8.15 0.87
C ALA A 143 -12.12 9.45 1.49
N LEU A 144 -11.88 9.64 2.80
CA LEU A 144 -12.24 10.90 3.52
C LEU A 144 -11.22 12.03 3.20
N ILE A 145 -10.28 11.76 2.27
CA ILE A 145 -9.43 12.80 1.63
C ILE A 145 -9.89 12.95 0.16
N GLU A 146 -10.25 11.80 -0.43
CA GLU A 146 -10.65 11.69 -1.85
C GLU A 146 -12.04 12.31 -2.14
N LEU A 147 -12.81 12.60 -1.06
CA LEU A 147 -14.19 13.14 -1.13
C LEU A 147 -15.12 12.01 -1.65
N LYS A 148 -14.99 10.84 -0.98
CA LYS A 148 -15.61 9.57 -1.43
C LYS A 148 -16.21 8.81 -0.23
N LYS A 149 -17.14 7.88 -0.53
CA LYS A 149 -17.64 6.84 0.37
C LYS A 149 -18.01 5.65 -0.53
N GLU A 150 -17.25 4.54 -0.46
CA GLU A 150 -17.48 3.35 -1.32
C GLU A 150 -18.70 2.54 -0.80
N GLY A 1 -15.88 1.28 -8.45
CA GLY A 1 -15.01 0.29 -7.77
C GLY A 1 -14.54 -0.80 -8.70
N ALA A 2 -13.64 -1.64 -8.19
CA ALA A 2 -13.06 -2.78 -8.91
C ALA A 2 -12.65 -3.87 -7.92
N MET A 3 -12.63 -5.12 -8.40
CA MET A 3 -12.22 -6.27 -7.58
C MET A 3 -10.69 -6.29 -7.49
N ASP A 4 -10.05 -6.16 -8.64
CA ASP A 4 -8.59 -6.23 -8.78
C ASP A 4 -8.10 -5.26 -9.89
N PRO A 5 -7.86 -3.95 -9.54
CA PRO A 5 -7.25 -2.97 -10.48
C PRO A 5 -5.78 -3.34 -10.80
N MET A 6 -5.05 -3.81 -9.76
CA MET A 6 -3.65 -4.29 -9.88
C MET A 6 -3.47 -5.56 -9.02
N ILE A 7 -2.26 -6.14 -9.11
CA ILE A 7 -1.86 -7.36 -8.40
C ILE A 7 -1.00 -6.98 -7.17
N ILE A 8 -1.56 -7.18 -5.96
CA ILE A 8 -0.87 -6.87 -4.69
C ILE A 8 -0.45 -8.20 -4.03
N ARG A 9 0.84 -8.34 -3.66
CA ARG A 9 1.38 -9.55 -3.03
C ARG A 9 2.14 -9.19 -1.76
N GLY A 10 2.14 -10.14 -0.80
CA GLY A 10 2.74 -9.92 0.52
C GLY A 10 4.04 -10.68 0.66
N ILE A 11 5.08 -9.98 1.11
CA ILE A 11 6.44 -10.52 1.22
C ILE A 11 7.13 -10.02 2.51
N ARG A 12 7.99 -10.87 3.11
CA ARG A 12 8.65 -10.62 4.40
C ARG A 12 10.17 -10.69 4.22
N GLY A 13 10.89 -9.74 4.85
CA GLY A 13 12.35 -9.69 4.80
C GLY A 13 12.89 -9.14 3.48
N ALA A 14 11.99 -8.63 2.62
CA ALA A 14 12.34 -8.03 1.35
C ALA A 14 12.93 -6.62 1.56
N ARG A 15 14.26 -6.51 1.44
CA ARG A 15 14.95 -5.22 1.51
C ARG A 15 14.64 -4.40 0.25
N ILE A 16 14.11 -3.19 0.48
CA ILE A 16 13.79 -2.24 -0.59
C ILE A 16 15.10 -1.65 -1.14
N ASN A 17 15.62 -2.32 -2.17
CA ASN A 17 16.89 -1.97 -2.81
C ASN A 17 16.63 -1.01 -3.97
N ASN A 18 17.58 -0.14 -4.28
CA ASN A 18 17.42 0.90 -5.32
C ASN A 18 17.21 0.33 -6.73
N GLU A 19 17.63 -0.93 -6.96
CA GLU A 19 17.64 -1.56 -8.31
C GLU A 19 16.22 -1.73 -8.87
N ILE A 20 15.21 -1.91 -7.98
CA ILE A 20 13.79 -2.02 -8.39
C ILE A 20 13.30 -0.84 -9.25
N PHE A 21 13.95 0.33 -9.15
CA PHE A 21 13.53 1.54 -9.89
C PHE A 21 14.23 1.62 -11.27
N ASN A 22 15.35 0.89 -11.43
CA ASN A 22 16.24 0.97 -12.62
C ASN A 22 15.56 0.40 -13.88
N LEU A 23 14.55 -0.46 -13.67
CA LEU A 23 13.79 -1.09 -14.77
C LEU A 23 12.68 -0.16 -15.31
N GLY A 24 12.42 0.97 -14.59
CA GLY A 24 11.46 2.02 -15.01
C GLY A 24 10.02 1.56 -15.30
N LEU A 25 9.65 0.36 -14.83
CA LEU A 25 8.33 -0.25 -15.12
C LEU A 25 7.22 0.28 -14.20
N LYS A 26 5.99 -0.19 -14.47
CA LYS A 26 4.79 0.24 -13.73
C LYS A 26 4.61 -0.67 -12.49
N PHE A 27 5.16 -0.20 -11.36
CA PHE A 27 5.12 -0.91 -10.07
C PHE A 27 5.01 0.14 -8.94
N GLN A 28 4.56 -0.31 -7.77
CA GLN A 28 4.66 0.47 -6.52
C GLN A 28 4.81 -0.50 -5.35
N ILE A 29 5.45 -0.05 -4.26
CA ILE A 29 5.58 -0.84 -3.03
C ILE A 29 5.26 0.06 -1.82
N LEU A 30 4.51 -0.46 -0.84
CA LEU A 30 4.29 0.20 0.47
C LEU A 30 4.62 -0.80 1.61
N ASN A 31 4.38 -0.40 2.87
CA ASN A 31 4.71 -1.20 4.07
C ASN A 31 3.52 -2.10 4.42
N ALA A 32 3.77 -3.44 4.43
CA ALA A 32 2.75 -4.47 4.73
C ALA A 32 2.52 -4.66 6.24
N ASP A 33 3.31 -3.99 7.07
CA ASP A 33 3.16 -4.08 8.54
C ASP A 33 1.94 -3.26 9.00
N VAL A 34 1.67 -2.14 8.31
CA VAL A 34 0.53 -1.24 8.62
C VAL A 34 -0.62 -1.38 7.62
N VAL A 35 -0.56 -2.39 6.73
CA VAL A 35 -1.65 -2.65 5.79
C VAL A 35 -2.72 -3.52 6.47
N ALA A 36 -4.00 -3.22 6.20
CA ALA A 36 -5.11 -4.06 6.65
C ALA A 36 -5.13 -5.34 5.81
N THR A 37 -5.34 -5.13 4.50
CA THR A 37 -5.42 -6.21 3.50
C THR A 37 -4.82 -5.75 2.15
N LYS A 38 -4.64 -6.71 1.24
CA LYS A 38 -4.45 -6.43 -0.20
C LYS A 38 -5.60 -5.54 -0.75
N LYS A 39 -6.81 -5.71 -0.15
CA LYS A 39 -8.00 -4.92 -0.48
C LYS A 39 -7.85 -3.45 -0.06
N HIS A 40 -7.08 -3.22 1.02
CA HIS A 40 -6.73 -1.86 1.49
C HIS A 40 -5.96 -1.09 0.41
N VAL A 41 -4.96 -1.76 -0.17
CA VAL A 41 -4.14 -1.20 -1.25
C VAL A 41 -4.96 -1.00 -2.54
N LEU A 42 -5.67 -2.05 -3.00
CA LEU A 42 -6.39 -2.03 -4.29
C LEU A 42 -7.54 -0.99 -4.29
N HIS A 43 -8.13 -0.76 -3.11
CA HIS A 43 -9.13 0.29 -2.88
C HIS A 43 -8.51 1.69 -3.06
N ALA A 44 -7.24 1.84 -2.66
CA ALA A 44 -6.48 3.08 -2.87
C ALA A 44 -6.22 3.31 -4.38
N ILE A 45 -6.01 2.19 -5.11
CA ILE A 45 -5.84 2.19 -6.58
C ILE A 45 -7.18 2.55 -7.30
N ASN A 46 -8.30 2.07 -6.72
CA ASN A 46 -9.66 2.45 -7.17
C ASN A 46 -9.83 3.99 -7.13
N GLN A 47 -9.55 4.54 -5.93
CA GLN A 47 -9.54 5.98 -5.68
C GLN A 47 -8.51 6.73 -6.55
N ALA A 48 -7.40 6.06 -6.92
CA ALA A 48 -6.39 6.61 -7.87
C ALA A 48 -6.93 6.74 -9.31
N LYS A 49 -7.89 5.88 -9.70
CA LYS A 49 -8.53 5.93 -11.05
C LYS A 49 -9.73 6.88 -11.04
N THR A 50 -10.18 7.17 -9.83
CA THR A 50 -11.35 7.99 -9.55
C THR A 50 -10.96 9.48 -9.38
N LYS A 51 -9.86 9.72 -8.64
CA LYS A 51 -9.38 11.07 -8.26
C LYS A 51 -8.03 11.41 -8.91
N LYS A 52 -7.90 12.69 -9.32
CA LYS A 52 -6.61 13.34 -9.66
C LYS A 52 -6.47 14.60 -8.77
N PRO A 53 -5.87 14.47 -7.54
CA PRO A 53 -5.65 15.62 -6.64
C PRO A 53 -4.40 16.47 -7.07
N ILE A 54 -3.28 16.39 -6.31
CA ILE A 54 -2.02 17.10 -6.62
C ILE A 54 -0.86 16.06 -6.63
N ALA A 55 -1.23 14.75 -6.66
CA ALA A 55 -0.26 13.63 -6.62
C ALA A 55 0.67 13.63 -7.85
N LYS A 56 1.93 13.19 -7.64
CA LYS A 56 2.97 13.15 -8.70
C LYS A 56 2.55 12.25 -9.86
N SER A 57 2.07 11.04 -9.51
CA SER A 57 1.74 9.98 -10.47
C SER A 57 0.56 9.14 -9.95
N PHE A 58 0.07 8.24 -10.82
CA PHE A 58 -0.99 7.28 -10.50
C PHE A 58 -0.56 6.35 -9.34
N TRP A 59 0.62 5.73 -9.50
CA TRP A 59 1.17 4.80 -8.50
C TRP A 59 1.56 5.56 -7.21
N MET A 60 1.92 6.85 -7.35
CA MET A 60 2.21 7.73 -6.21
C MET A 60 0.92 8.12 -5.44
N GLU A 61 -0.23 8.13 -6.14
CA GLU A 61 -1.54 8.36 -5.51
C GLU A 61 -1.95 7.13 -4.67
N ILE A 62 -1.47 5.94 -5.05
CA ILE A 62 -1.78 4.68 -4.33
C ILE A 62 -1.17 4.70 -2.90
N LEU A 63 0.11 5.11 -2.81
CA LEU A 63 0.84 5.14 -1.52
C LEU A 63 0.28 6.23 -0.59
N VAL A 64 -0.19 7.36 -1.16
CA VAL A 64 -0.78 8.45 -0.35
C VAL A 64 -2.20 8.12 0.08
N ARG A 65 -2.99 7.53 -0.83
CA ARG A 65 -4.44 7.36 -0.63
C ARG A 65 -4.73 6.37 0.49
N ALA A 66 -3.93 5.30 0.53
CA ALA A 66 -4.06 4.24 1.55
C ALA A 66 -3.75 4.76 2.98
N SER A 67 -3.13 5.96 3.08
CA SER A 67 -2.91 6.66 4.38
C SER A 67 -3.82 7.91 4.50
N GLY A 68 -4.98 7.90 3.83
CA GLY A 68 -5.96 9.01 3.90
C GLY A 68 -5.61 10.20 3.00
N GLN A 69 -4.88 9.93 1.91
CA GLN A 69 -4.37 10.94 0.94
C GLN A 69 -3.51 12.05 1.61
N ARG A 70 -2.23 12.04 1.25
CA ARG A 70 -1.17 12.90 1.83
C ARG A 70 -0.24 13.39 0.70
N GLN A 71 0.68 14.30 1.06
CA GLN A 71 1.90 14.54 0.27
C GLN A 71 2.71 13.22 0.13
N ILE A 72 3.20 12.96 -1.10
CA ILE A 72 3.90 11.69 -1.47
C ILE A 72 5.03 11.36 -0.48
N HIS A 73 5.91 12.34 -0.19
CA HIS A 73 7.08 12.12 0.67
C HIS A 73 6.64 11.81 2.12
N GLU A 74 5.58 12.48 2.58
CA GLU A 74 4.97 12.21 3.89
C GLU A 74 4.40 10.78 3.99
N ALA A 75 3.64 10.35 2.96
CA ALA A 75 3.09 8.98 2.88
C ALA A 75 4.21 7.91 2.82
N ILE A 76 5.36 8.28 2.22
CA ILE A 76 6.58 7.45 2.19
C ILE A 76 7.13 7.26 3.63
N LYS A 77 6.95 8.28 4.48
CA LYS A 77 7.31 8.21 5.91
C LYS A 77 6.32 7.30 6.67
N ILE A 78 5.01 7.57 6.48
CA ILE A 78 3.91 6.89 7.22
C ILE A 78 3.81 5.41 6.85
N ILE A 79 3.46 5.10 5.58
CA ILE A 79 3.27 3.71 5.11
C ILE A 79 4.15 3.36 3.89
N GLY A 80 5.25 4.10 3.66
CA GLY A 80 6.06 3.87 2.46
C GLY A 80 6.94 2.63 2.56
N ALA A 81 7.33 2.09 1.39
CA ALA A 81 8.23 0.93 1.27
C ALA A 81 9.55 1.14 2.04
N LYS A 82 9.73 0.34 3.07
CA LYS A 82 10.98 0.24 3.83
C LYS A 82 11.27 -1.25 4.06
N ASP A 83 12.55 -1.62 4.22
CA ASP A 83 13.03 -3.02 4.24
C ASP A 83 12.29 -3.88 5.30
N GLY A 84 11.70 -5.01 4.85
CA GLY A 84 11.05 -5.98 5.74
C GLY A 84 9.74 -6.50 5.18
N ASN A 85 8.64 -6.23 5.90
CA ASN A 85 7.28 -6.64 5.49
C ASN A 85 6.73 -5.56 4.55
N VAL A 86 6.63 -5.89 3.24
CA VAL A 86 6.15 -4.94 2.21
C VAL A 86 5.10 -5.56 1.26
N CYS A 87 4.35 -4.65 0.62
CA CYS A 87 3.24 -4.97 -0.30
C CYS A 87 3.66 -4.56 -1.71
N LEU A 88 3.73 -5.53 -2.63
CA LEU A 88 4.22 -5.32 -3.99
C LEU A 88 3.03 -5.24 -4.95
N ILE A 89 2.95 -4.10 -5.63
CA ILE A 89 1.84 -3.74 -6.53
C ILE A 89 2.38 -3.74 -7.97
N CYS A 90 1.74 -4.49 -8.88
CA CYS A 90 2.15 -4.57 -10.29
C CYS A 90 0.92 -4.81 -11.17
N GLU A 91 0.94 -4.25 -12.37
CA GLU A 91 -0.16 -4.41 -13.35
C GLU A 91 -0.14 -5.81 -14.00
N ASP A 92 1.07 -6.42 -14.07
CA ASP A 92 1.25 -7.79 -14.59
C ASP A 92 2.12 -8.64 -13.64
N GLU A 93 1.82 -9.96 -13.64
CA GLU A 93 2.54 -10.99 -12.86
C GLU A 93 4.03 -11.07 -13.24
N GLU A 94 4.38 -10.66 -14.48
CA GLU A 94 5.77 -10.65 -14.96
C GLU A 94 6.57 -9.56 -14.22
N THR A 95 5.95 -8.37 -14.06
CA THR A 95 6.55 -7.23 -13.35
C THR A 95 6.64 -7.51 -11.85
N PHE A 96 5.65 -8.27 -11.31
CA PHE A 96 5.67 -8.74 -9.91
C PHE A 96 6.92 -9.62 -9.68
N ARG A 97 7.10 -10.63 -10.56
CA ARG A 97 8.21 -11.59 -10.45
C ARG A 97 9.54 -10.86 -10.51
N LYS A 98 9.63 -9.93 -11.46
CA LYS A 98 10.84 -9.17 -11.77
C LYS A 98 11.34 -8.36 -10.54
N ILE A 99 10.39 -7.73 -9.83
CA ILE A 99 10.70 -6.98 -8.59
C ILE A 99 11.06 -7.96 -7.45
N TYR A 100 10.26 -9.07 -7.31
CA TYR A 100 10.47 -10.14 -6.32
C TYR A 100 11.88 -10.76 -6.40
N GLU A 101 12.40 -10.91 -7.63
CA GLU A 101 13.75 -11.45 -7.89
C GLU A 101 14.83 -10.57 -7.25
N LEU A 102 14.65 -9.24 -7.31
CA LEU A 102 15.59 -8.25 -6.74
C LEU A 102 15.51 -8.19 -5.20
N ILE A 103 14.27 -8.12 -4.64
CA ILE A 103 14.07 -7.87 -3.18
C ILE A 103 14.27 -9.17 -2.37
N GLY A 104 13.98 -10.32 -3.00
CA GLY A 104 14.48 -11.64 -2.55
C GLY A 104 13.99 -12.11 -1.20
N GLY A 105 12.82 -11.63 -0.77
CA GLY A 105 12.22 -12.07 0.51
C GLY A 105 11.35 -13.32 0.34
N GLU A 106 10.60 -13.67 1.40
CA GLU A 106 9.72 -14.86 1.42
C GLU A 106 8.27 -14.42 1.26
N ILE A 107 7.46 -15.15 0.51
CA ILE A 107 6.04 -14.82 0.34
C ILE A 107 5.26 -15.16 1.63
N ASP A 108 4.65 -14.12 2.22
CA ASP A 108 3.87 -14.20 3.45
C ASP A 108 2.55 -13.49 3.21
N ASP A 109 1.55 -14.26 2.77
CA ASP A 109 0.24 -13.72 2.38
C ASP A 109 -0.53 -13.13 3.58
N SER A 110 -0.32 -13.73 4.77
CA SER A 110 -1.02 -13.32 6.01
C SER A 110 -0.80 -11.84 6.43
N VAL A 111 0.19 -11.14 5.86
CA VAL A 111 0.32 -9.67 6.07
C VAL A 111 -0.86 -8.91 5.42
N LEU A 112 -1.48 -9.53 4.40
CA LEU A 112 -2.55 -8.94 3.58
C LEU A 112 -3.96 -9.42 4.00
N GLU A 113 -4.14 -9.97 5.22
CA GLU A 113 -5.48 -10.47 5.61
C GLU A 113 -5.90 -10.15 7.06
N ILE A 114 -5.18 -9.22 7.75
CA ILE A 114 -5.61 -8.65 9.04
C ILE A 114 -5.42 -9.64 10.21
N ASN A 115 -4.66 -9.16 11.23
CA ASN A 115 -4.46 -9.88 12.50
C ASN A 115 -4.43 -8.86 13.66
N GLU A 116 -4.30 -9.36 14.90
CA GLU A 116 -4.44 -8.55 16.13
C GLU A 116 -3.35 -7.44 16.21
N ASP A 117 -2.13 -7.83 15.83
CA ASP A 117 -0.96 -6.93 15.76
C ASP A 117 -1.21 -5.77 14.77
N LYS A 118 -1.73 -6.11 13.58
CA LYS A 118 -2.06 -5.12 12.53
C LYS A 118 -3.22 -4.22 12.97
N GLU A 119 -4.14 -4.77 13.77
CA GLU A 119 -5.41 -4.11 14.12
C GLU A 119 -5.16 -2.92 15.06
N ARG A 120 -4.43 -3.16 16.16
CA ARG A 120 -4.18 -2.12 17.20
C ARG A 120 -3.24 -1.04 16.66
N LEU A 121 -2.24 -1.52 15.90
CA LEU A 121 -1.27 -0.70 15.15
C LEU A 121 -1.96 0.31 14.22
N ILE A 122 -2.88 -0.21 13.38
CA ILE A 122 -3.68 0.57 12.43
C ILE A 122 -4.52 1.64 13.16
N ARG A 123 -4.89 1.34 14.41
CA ARG A 123 -5.65 2.26 15.24
C ARG A 123 -4.76 3.44 15.70
N GLU A 124 -3.45 3.20 15.94
CA GLU A 124 -2.51 4.32 16.24
C GLU A 124 -2.15 5.21 15.01
N ILE A 125 -1.61 4.61 13.93
CA ILE A 125 -1.11 5.39 12.76
C ILE A 125 -2.21 5.90 11.81
N PHE A 126 -3.32 5.17 11.70
CA PHE A 126 -4.47 5.63 10.89
C PHE A 126 -5.53 6.34 11.75
N LYS A 127 -5.65 5.91 13.03
CA LYS A 127 -6.55 6.53 14.03
C LYS A 127 -8.02 6.43 13.60
N ILE A 128 -8.57 5.21 13.74
CA ILE A 128 -9.94 4.89 13.30
C ILE A 128 -10.74 4.30 14.48
N ARG A 129 -11.92 4.86 14.77
CA ARG A 129 -12.88 4.23 15.69
C ARG A 129 -13.59 3.09 14.96
N GLY A 130 -13.17 1.84 15.22
CA GLY A 130 -13.67 0.67 14.49
C GLY A 130 -14.92 0.07 15.12
N PHE A 131 -15.37 -1.08 14.59
CA PHE A 131 -16.58 -1.79 15.06
C PHE A 131 -16.31 -3.30 15.15
N GLY A 132 -15.99 -3.89 13.99
CA GLY A 132 -15.72 -5.33 13.87
C GLY A 132 -14.59 -5.61 12.89
N ASN A 133 -14.84 -5.35 11.59
CA ASN A 133 -13.86 -5.61 10.51
C ASN A 133 -13.06 -4.33 10.21
N VAL A 134 -11.75 -4.38 10.47
CA VAL A 134 -10.82 -3.24 10.29
C VAL A 134 -10.75 -2.75 8.82
N VAL A 135 -10.98 -3.68 7.89
CA VAL A 135 -10.80 -3.43 6.45
C VAL A 135 -11.81 -2.39 5.96
N GLU A 136 -13.10 -2.63 6.25
CA GLU A 136 -14.18 -1.71 5.86
C GLU A 136 -14.02 -0.33 6.54
N ARG A 137 -13.44 -0.31 7.75
CA ARG A 137 -13.25 0.92 8.55
C ARG A 137 -12.20 1.84 7.90
N VAL A 138 -11.05 1.22 7.53
CA VAL A 138 -9.91 1.95 6.95
C VAL A 138 -10.24 2.37 5.52
N LEU A 139 -10.97 1.49 4.82
CA LEU A 139 -11.52 1.76 3.46
C LEU A 139 -12.43 2.99 3.45
N GLU A 140 -13.23 3.19 4.52
CA GLU A 140 -14.08 4.37 4.66
C GLU A 140 -13.24 5.65 4.83
N LYS A 141 -12.16 5.58 5.64
CA LYS A 141 -11.34 6.77 5.97
C LYS A 141 -10.48 7.22 4.77
N ILE A 142 -9.86 6.24 4.09
CA ILE A 142 -8.96 6.51 2.96
C ILE A 142 -9.75 6.94 1.71
N ALA A 143 -11.04 6.54 1.65
CA ALA A 143 -11.96 6.93 0.57
C ALA A 143 -12.77 8.16 0.94
N LEU A 144 -12.80 8.54 2.24
CA LEU A 144 -13.77 9.53 2.82
C LEU A 144 -13.87 10.80 1.97
N ILE A 145 -12.71 11.33 1.56
CA ILE A 145 -12.59 12.52 0.71
C ILE A 145 -13.49 12.48 -0.55
N GLU A 146 -13.54 11.31 -1.18
CA GLU A 146 -14.35 11.06 -2.37
C GLU A 146 -15.73 10.50 -1.97
N LEU A 147 -15.72 9.32 -1.33
CA LEU A 147 -16.91 8.46 -1.08
C LEU A 147 -17.59 8.80 0.28
N LYS A 148 -17.59 10.09 0.65
CA LYS A 148 -18.34 10.60 1.81
C LYS A 148 -19.86 10.49 1.55
N LYS A 149 -20.65 10.51 2.63
CA LYS A 149 -22.11 10.26 2.55
C LYS A 149 -22.88 11.59 2.37
N GLU A 150 -22.24 12.56 1.69
CA GLU A 150 -22.80 13.88 1.44
C GLU A 150 -23.09 14.01 -0.08
N GLY A 1 -5.75 -10.57 -11.54
CA GLY A 1 -6.96 -11.36 -11.90
C GLY A 1 -8.24 -10.68 -11.47
N ALA A 2 -9.38 -11.39 -11.63
CA ALA A 2 -10.71 -10.90 -11.22
C ALA A 2 -10.84 -11.00 -9.68
N MET A 3 -10.72 -9.83 -9.02
CA MET A 3 -10.81 -9.63 -7.54
C MET A 3 -9.39 -9.61 -6.97
N ASP A 4 -8.42 -9.31 -7.87
CA ASP A 4 -7.02 -9.10 -7.54
C ASP A 4 -6.44 -8.16 -8.64
N PRO A 5 -6.65 -6.82 -8.53
CA PRO A 5 -6.34 -5.86 -9.63
C PRO A 5 -4.83 -5.71 -9.90
N MET A 6 -4.07 -5.19 -8.91
CA MET A 6 -2.61 -5.02 -9.01
C MET A 6 -1.93 -6.23 -8.37
N ILE A 7 -0.59 -6.29 -8.45
CA ILE A 7 0.18 -7.43 -7.94
C ILE A 7 0.94 -6.95 -6.70
N ILE A 8 0.40 -7.31 -5.54
CA ILE A 8 0.96 -6.98 -4.23
C ILE A 8 1.47 -8.29 -3.62
N ARG A 9 2.77 -8.35 -3.25
CA ARG A 9 3.33 -9.51 -2.53
C ARG A 9 3.91 -9.02 -1.20
N GLY A 10 3.79 -9.87 -0.19
CA GLY A 10 4.29 -9.60 1.14
C GLY A 10 5.57 -10.35 1.35
N ILE A 11 6.55 -9.68 1.95
CA ILE A 11 7.90 -10.23 2.10
C ILE A 11 8.54 -9.69 3.39
N ARG A 12 9.23 -10.60 4.09
CA ARG A 12 9.88 -10.34 5.38
C ARG A 12 11.35 -10.72 5.28
N GLY A 13 12.24 -9.79 5.64
CA GLY A 13 13.68 -9.95 5.46
C GLY A 13 14.19 -9.23 4.21
N ALA A 14 13.27 -8.57 3.47
CA ALA A 14 13.57 -7.86 2.23
C ALA A 14 14.43 -6.63 2.51
N ARG A 15 15.75 -6.81 2.38
CA ARG A 15 16.70 -5.73 2.53
C ARG A 15 16.54 -4.76 1.36
N ILE A 16 15.92 -3.60 1.60
CA ILE A 16 15.64 -2.64 0.54
C ILE A 16 16.94 -1.94 0.11
N ASN A 17 17.27 -2.09 -1.17
CA ASN A 17 18.40 -1.39 -1.80
C ASN A 17 17.84 -0.24 -2.67
N ASN A 18 18.67 0.78 -2.92
CA ASN A 18 18.23 2.02 -3.64
C ASN A 18 18.24 1.81 -5.16
N GLU A 19 18.90 0.73 -5.61
CA GLU A 19 19.15 0.44 -7.04
C GLU A 19 17.88 -0.09 -7.74
N ILE A 20 16.89 -0.56 -6.95
CA ILE A 20 15.56 -0.96 -7.45
C ILE A 20 14.86 0.14 -8.30
N PHE A 21 15.27 1.41 -8.15
CA PHE A 21 14.69 2.56 -8.90
C PHE A 21 15.31 2.69 -10.32
N ASN A 22 16.49 2.06 -10.54
CA ASN A 22 17.33 2.27 -11.74
C ASN A 22 16.95 1.24 -12.83
N LEU A 23 15.64 1.11 -13.05
CA LEU A 23 15.06 0.25 -14.09
C LEU A 23 13.86 0.93 -14.79
N GLY A 24 13.38 2.06 -14.20
CA GLY A 24 12.26 2.84 -14.76
C GLY A 24 10.99 2.02 -15.02
N LEU A 25 10.72 1.02 -14.17
CA LEU A 25 9.54 0.14 -14.27
C LEU A 25 8.49 0.54 -13.23
N LYS A 26 7.27 -0.01 -13.40
CA LYS A 26 6.11 0.30 -12.55
C LYS A 26 6.13 -0.52 -11.25
N PHE A 27 6.74 0.05 -10.19
CA PHE A 27 6.77 -0.56 -8.85
C PHE A 27 6.60 0.53 -7.77
N GLN A 28 6.16 0.12 -6.58
CA GLN A 28 6.24 0.94 -5.35
C GLN A 28 6.39 0.00 -4.15
N ILE A 29 7.08 0.44 -3.08
CA ILE A 29 7.23 -0.36 -1.85
C ILE A 29 6.91 0.51 -0.63
N LEU A 30 6.06 -0.02 0.26
CA LEU A 30 5.73 0.61 1.56
C LEU A 30 5.97 -0.39 2.70
N ASN A 31 5.63 0.01 3.94
CA ASN A 31 5.84 -0.79 5.15
C ASN A 31 4.70 -1.84 5.29
N ALA A 32 5.05 -3.05 5.75
CA ALA A 32 4.06 -4.15 5.94
C ALA A 32 3.56 -4.25 7.40
N ASP A 33 3.91 -3.27 8.23
CA ASP A 33 3.42 -3.16 9.62
C ASP A 33 2.11 -2.36 9.68
N VAL A 34 1.87 -1.57 8.62
CA VAL A 34 0.71 -0.66 8.53
C VAL A 34 -0.29 -1.11 7.43
N VAL A 35 -0.06 -2.31 6.86
CA VAL A 35 -0.89 -2.84 5.79
C VAL A 35 -2.09 -3.64 6.38
N ALA A 36 -3.28 -3.00 6.37
CA ALA A 36 -4.54 -3.66 6.75
C ALA A 36 -5.03 -4.50 5.58
N THR A 37 -4.32 -5.64 5.41
CA THR A 37 -4.36 -6.53 4.24
C THR A 37 -3.85 -5.82 2.97
N LYS A 38 -3.50 -6.61 1.95
CA LYS A 38 -3.21 -6.11 0.59
C LYS A 38 -4.37 -5.25 0.04
N LYS A 39 -5.60 -5.44 0.59
CA LYS A 39 -6.80 -4.67 0.19
C LYS A 39 -6.65 -3.17 0.54
N HIS A 40 -5.86 -2.89 1.59
CA HIS A 40 -5.50 -1.53 1.99
C HIS A 40 -4.70 -0.84 0.88
N VAL A 41 -3.72 -1.58 0.32
CA VAL A 41 -2.86 -1.08 -0.75
C VAL A 41 -3.66 -0.88 -2.05
N LEU A 42 -4.36 -1.95 -2.52
CA LEU A 42 -5.06 -1.94 -3.83
C LEU A 42 -6.15 -0.85 -3.90
N HIS A 43 -6.79 -0.56 -2.75
CA HIS A 43 -7.75 0.56 -2.61
C HIS A 43 -7.05 1.91 -2.80
N ALA A 44 -5.83 2.03 -2.24
CA ALA A 44 -5.03 3.28 -2.32
C ALA A 44 -4.58 3.54 -3.78
N ILE A 45 -4.16 2.47 -4.45
CA ILE A 45 -3.78 2.48 -5.88
C ILE A 45 -4.99 2.82 -6.77
N ASN A 46 -6.11 2.13 -6.48
CA ASN A 46 -7.45 2.34 -7.11
C ASN A 46 -7.82 3.83 -7.15
N GLN A 47 -7.67 4.47 -5.97
CA GLN A 47 -7.89 5.92 -5.80
C GLN A 47 -6.89 6.71 -6.64
N ALA A 48 -5.61 6.33 -6.57
CA ALA A 48 -4.51 7.04 -7.23
C ALA A 48 -4.61 6.99 -8.78
N LYS A 49 -5.24 5.91 -9.32
CA LYS A 49 -5.41 5.71 -10.77
C LYS A 49 -6.34 6.78 -11.36
N THR A 50 -7.45 7.05 -10.66
CA THR A 50 -8.46 8.03 -11.12
C THR A 50 -8.00 9.48 -10.79
N LYS A 51 -7.01 9.60 -9.87
CA LYS A 51 -6.48 10.90 -9.39
C LYS A 51 -5.18 11.30 -10.10
N LYS A 52 -5.00 12.62 -10.28
CA LYS A 52 -3.69 13.24 -10.56
C LYS A 52 -3.56 14.61 -9.85
N PRO A 53 -3.39 14.64 -8.48
CA PRO A 53 -3.18 15.90 -7.73
C PRO A 53 -1.70 16.33 -7.73
N ILE A 54 -1.41 17.44 -7.02
CA ILE A 54 -0.02 17.90 -6.65
C ILE A 54 0.99 16.75 -6.31
N ALA A 55 0.51 15.55 -5.92
CA ALA A 55 1.37 14.38 -5.63
C ALA A 55 2.32 14.08 -6.81
N LYS A 56 3.64 14.02 -6.53
CA LYS A 56 4.72 14.02 -7.56
C LYS A 56 4.59 12.88 -8.61
N SER A 57 3.89 11.80 -8.25
CA SER A 57 3.71 10.63 -9.12
C SER A 57 2.46 9.84 -8.70
N PHE A 58 2.04 8.91 -9.58
CA PHE A 58 1.00 7.92 -9.30
C PHE A 58 1.38 7.05 -8.09
N TRP A 59 2.60 6.52 -8.12
CA TRP A 59 3.15 5.68 -7.03
C TRP A 59 3.31 6.48 -5.72
N MET A 60 3.58 7.78 -5.87
CA MET A 60 3.68 8.74 -4.74
C MET A 60 2.28 9.16 -4.24
N GLU A 61 1.26 9.00 -5.09
CA GLU A 61 -0.15 9.21 -4.71
C GLU A 61 -0.62 8.03 -3.82
N ILE A 62 -0.12 6.82 -4.13
CA ILE A 62 -0.44 5.58 -3.38
C ILE A 62 0.08 5.61 -1.93
N LEU A 63 1.32 6.11 -1.74
CA LEU A 63 1.95 6.13 -0.41
C LEU A 63 1.29 7.19 0.50
N VAL A 64 0.84 8.32 -0.09
CA VAL A 64 0.08 9.32 0.67
C VAL A 64 -1.33 8.80 0.96
N ARG A 65 -1.93 8.10 -0.01
CA ARG A 65 -3.33 7.67 0.07
C ARG A 65 -3.50 6.63 1.18
N ALA A 66 -2.65 5.60 1.19
CA ALA A 66 -2.67 4.54 2.21
C ALA A 66 -2.34 5.08 3.63
N SER A 67 -1.59 6.19 3.69
CA SER A 67 -1.19 6.85 4.96
C SER A 67 -2.23 7.88 5.44
N GLY A 68 -3.34 8.07 4.68
CA GLY A 68 -4.32 9.13 4.98
C GLY A 68 -3.79 10.57 4.83
N GLN A 69 -2.67 10.71 4.11
CA GLN A 69 -1.98 11.99 3.89
C GLN A 69 -2.18 12.46 2.43
N ARG A 70 -1.89 13.74 2.12
CA ARG A 70 -1.78 14.25 0.73
C ARG A 70 -0.33 14.69 0.38
N GLN A 71 0.54 14.68 1.40
CA GLN A 71 1.92 15.19 1.32
C GLN A 71 2.92 14.03 1.22
N ILE A 72 3.67 14.02 0.11
CA ILE A 72 4.61 12.93 -0.28
C ILE A 72 5.60 12.58 0.84
N HIS A 73 6.30 13.63 1.32
CA HIS A 73 7.40 13.50 2.29
C HIS A 73 6.91 12.86 3.61
N GLU A 74 5.81 13.42 4.18
CA GLU A 74 5.21 12.92 5.44
C GLU A 74 4.82 11.43 5.34
N ALA A 75 4.19 11.06 4.22
CA ALA A 75 3.77 9.67 3.96
C ALA A 75 4.96 8.68 3.91
N ILE A 76 6.07 9.12 3.29
CA ILE A 76 7.32 8.32 3.23
C ILE A 76 7.94 8.16 4.64
N LYS A 77 7.75 9.18 5.50
CA LYS A 77 8.19 9.13 6.89
C LYS A 77 7.38 8.09 7.69
N ILE A 78 6.04 8.16 7.57
CA ILE A 78 5.12 7.28 8.32
C ILE A 78 5.18 5.82 7.79
N ILE A 79 4.71 5.59 6.54
CA ILE A 79 4.51 4.23 6.00
C ILE A 79 5.55 3.85 4.92
N GLY A 80 6.71 4.53 4.85
CA GLY A 80 7.68 4.27 3.78
C GLY A 80 8.39 2.92 3.94
N ALA A 81 9.17 2.53 2.92
CA ALA A 81 9.85 1.23 2.87
C ALA A 81 11.23 1.29 3.54
N LYS A 82 11.60 0.20 4.21
CA LYS A 82 12.93 -0.02 4.79
C LYS A 82 13.17 -1.53 4.89
N ASP A 83 14.42 -1.95 5.16
CA ASP A 83 14.82 -3.37 5.26
C ASP A 83 13.93 -4.16 6.25
N GLY A 84 13.36 -5.28 5.79
CA GLY A 84 12.59 -6.18 6.65
C GLY A 84 11.20 -6.47 6.10
N ASN A 85 10.16 -6.04 6.86
CA ASN A 85 8.74 -6.31 6.52
C ASN A 85 8.23 -5.18 5.62
N VAL A 86 8.03 -5.50 4.33
CA VAL A 86 7.52 -4.55 3.33
C VAL A 86 6.44 -5.19 2.43
N CYS A 87 5.78 -4.29 1.69
CA CYS A 87 4.71 -4.61 0.75
C CYS A 87 5.16 -4.17 -0.64
N LEU A 88 5.29 -5.12 -1.55
CA LEU A 88 5.82 -4.89 -2.90
C LEU A 88 4.65 -4.77 -3.90
N ILE A 89 4.61 -3.63 -4.58
CA ILE A 89 3.58 -3.29 -5.56
C ILE A 89 4.20 -3.34 -6.95
N CYS A 90 3.45 -3.91 -7.90
CA CYS A 90 3.81 -3.89 -9.32
C CYS A 90 2.52 -4.10 -10.15
N GLU A 91 2.59 -3.65 -11.40
CA GLU A 91 1.51 -3.89 -12.39
C GLU A 91 1.77 -5.23 -13.12
N ASP A 92 3.05 -5.63 -13.24
CA ASP A 92 3.48 -6.85 -13.96
C ASP A 92 4.31 -7.77 -13.05
N GLU A 93 4.08 -9.10 -13.16
CA GLU A 93 4.86 -10.13 -12.44
C GLU A 93 6.36 -10.10 -12.81
N GLU A 94 6.68 -9.56 -14.00
CA GLU A 94 8.08 -9.42 -14.46
C GLU A 94 8.80 -8.36 -13.60
N THR A 95 8.11 -7.23 -13.35
CA THR A 95 8.61 -6.13 -12.52
C THR A 95 8.72 -6.55 -11.05
N PHE A 96 7.76 -7.39 -10.58
CA PHE A 96 7.80 -7.98 -9.22
C PHE A 96 9.10 -8.78 -9.05
N ARG A 97 9.39 -9.64 -10.05
CA ARG A 97 10.58 -10.49 -10.05
C ARG A 97 11.86 -9.65 -9.94
N LYS A 98 11.93 -8.57 -10.77
CA LYS A 98 13.10 -7.67 -10.81
C LYS A 98 13.44 -7.12 -9.42
N ILE A 99 12.41 -6.62 -8.73
CA ILE A 99 12.56 -6.00 -7.41
C ILE A 99 12.89 -7.06 -6.33
N TYR A 100 12.16 -8.21 -6.34
CA TYR A 100 12.35 -9.34 -5.41
C TYR A 100 13.80 -9.86 -5.39
N GLU A 101 14.38 -10.02 -6.60
CA GLU A 101 15.76 -10.53 -6.78
C GLU A 101 16.76 -9.61 -6.08
N LEU A 102 16.56 -8.30 -6.22
CA LEU A 102 17.39 -7.27 -5.55
C LEU A 102 17.23 -7.30 -4.01
N ILE A 103 15.99 -7.26 -3.49
CA ILE A 103 15.74 -6.99 -2.05
C ILE A 103 16.10 -8.22 -1.18
N GLY A 104 15.73 -9.42 -1.64
CA GLY A 104 16.09 -10.68 -0.98
C GLY A 104 15.41 -10.89 0.37
N GLY A 105 14.39 -11.75 0.39
CA GLY A 105 13.67 -12.08 1.63
C GLY A 105 12.69 -13.24 1.41
N GLU A 106 11.91 -13.54 2.45
CA GLU A 106 10.97 -14.67 2.46
C GLU A 106 9.56 -14.16 2.15
N ILE A 107 8.91 -14.76 1.14
CA ILE A 107 7.53 -14.44 0.77
C ILE A 107 6.57 -14.92 1.88
N ASP A 108 5.80 -13.99 2.42
CA ASP A 108 4.92 -14.19 3.56
C ASP A 108 3.56 -13.53 3.25
N ASP A 109 2.60 -14.34 2.81
CA ASP A 109 1.23 -13.87 2.48
C ASP A 109 0.47 -13.40 3.74
N SER A 110 0.77 -14.05 4.90
CA SER A 110 0.17 -13.70 6.20
C SER A 110 0.28 -12.21 6.58
N VAL A 111 1.37 -11.55 6.14
CA VAL A 111 1.60 -10.12 6.41
C VAL A 111 0.57 -9.24 5.66
N LEU A 112 0.10 -9.73 4.49
CA LEU A 112 -0.92 -9.06 3.66
C LEU A 112 -2.34 -9.59 3.95
N GLU A 113 -2.52 -10.40 4.99
CA GLU A 113 -3.87 -10.87 5.37
C GLU A 113 -4.24 -10.44 6.79
N ILE A 114 -3.38 -9.66 7.50
CA ILE A 114 -3.68 -9.05 8.81
C ILE A 114 -3.61 -10.05 9.99
N ASN A 115 -3.03 -9.53 11.09
CA ASN A 115 -2.98 -10.16 12.42
C ASN A 115 -3.29 -9.07 13.46
N GLU A 116 -3.47 -9.47 14.73
CA GLU A 116 -3.86 -8.55 15.83
C GLU A 116 -2.72 -7.55 16.18
N ASP A 117 -1.46 -7.99 16.02
CA ASP A 117 -0.26 -7.18 16.33
C ASP A 117 -0.20 -5.89 15.51
N LYS A 118 -0.30 -6.03 14.19
CA LYS A 118 -0.26 -4.88 13.26
C LYS A 118 -1.58 -4.10 13.28
N GLU A 119 -2.63 -4.75 13.75
CA GLU A 119 -3.99 -4.18 13.78
C GLU A 119 -4.12 -3.09 14.88
N ARG A 120 -3.57 -3.35 16.08
CA ARG A 120 -3.58 -2.38 17.22
C ARG A 120 -2.61 -1.22 16.95
N LEU A 121 -1.51 -1.57 16.27
CA LEU A 121 -0.54 -0.61 15.74
C LEU A 121 -1.22 0.39 14.76
N ILE A 122 -1.99 -0.17 13.81
CA ILE A 122 -2.67 0.58 12.74
C ILE A 122 -3.62 1.67 13.29
N ARG A 123 -4.35 1.33 14.36
CA ARG A 123 -5.33 2.25 14.94
C ARG A 123 -4.66 3.38 15.72
N GLU A 124 -3.41 3.18 16.19
CA GLU A 124 -2.61 4.28 16.76
C GLU A 124 -2.06 5.28 15.70
N ILE A 125 -1.31 4.84 14.66
CA ILE A 125 -0.71 5.83 13.69
C ILE A 125 -1.74 6.41 12.72
N PHE A 126 -2.77 5.61 12.35
CA PHE A 126 -3.86 6.08 11.47
C PHE A 126 -5.02 6.73 12.27
N LYS A 127 -5.22 6.26 13.52
CA LYS A 127 -6.20 6.83 14.48
C LYS A 127 -7.64 6.71 13.99
N ILE A 128 -8.18 5.49 14.08
CA ILE A 128 -9.55 5.16 13.68
C ILE A 128 -10.38 4.87 14.96
N ARG A 129 -11.31 5.79 15.30
CA ARG A 129 -12.10 5.74 16.56
C ARG A 129 -13.22 4.68 16.47
N GLY A 130 -13.81 4.59 15.27
CA GLY A 130 -14.87 3.61 14.98
C GLY A 130 -14.22 2.36 14.43
N PHE A 131 -14.47 1.19 15.04
CA PHE A 131 -13.72 -0.03 14.70
C PHE A 131 -14.55 -1.30 14.89
N GLY A 132 -14.83 -1.95 13.76
CA GLY A 132 -15.25 -3.35 13.71
C GLY A 132 -14.09 -4.22 13.29
N ASN A 133 -13.87 -4.32 11.96
CA ASN A 133 -12.62 -4.88 11.37
C ASN A 133 -11.66 -3.73 11.02
N VAL A 134 -10.37 -4.04 10.90
CA VAL A 134 -9.36 -3.05 10.47
C VAL A 134 -9.39 -2.78 8.95
N VAL A 135 -9.72 -3.83 8.19
CA VAL A 135 -9.48 -3.88 6.73
C VAL A 135 -10.33 -2.85 5.97
N GLU A 136 -11.65 -2.97 6.11
CA GLU A 136 -12.61 -2.09 5.41
C GLU A 136 -12.62 -0.69 6.03
N ARG A 137 -12.30 -0.63 7.33
CA ARG A 137 -12.44 0.59 8.14
C ARG A 137 -11.32 1.61 7.89
N VAL A 138 -10.11 1.10 7.58
CA VAL A 138 -8.96 1.98 7.22
C VAL A 138 -9.20 2.58 5.82
N LEU A 139 -9.83 1.79 4.95
CA LEU A 139 -10.32 2.22 3.62
C LEU A 139 -11.24 3.46 3.76
N GLU A 140 -12.08 3.47 4.81
CA GLU A 140 -12.97 4.60 5.15
C GLU A 140 -12.14 5.83 5.59
N LYS A 141 -11.06 5.57 6.35
CA LYS A 141 -10.17 6.62 6.90
C LYS A 141 -9.38 7.33 5.80
N ILE A 142 -8.77 6.54 4.92
CA ILE A 142 -7.90 7.03 3.83
C ILE A 142 -8.72 7.58 2.65
N ALA A 143 -10.04 7.33 2.68
CA ALA A 143 -10.99 7.93 1.74
C ALA A 143 -11.46 9.31 2.25
N LEU A 144 -11.31 9.57 3.57
CA LEU A 144 -11.90 10.77 4.25
C LEU A 144 -11.13 12.10 3.89
N ILE A 145 -10.22 12.05 2.90
CA ILE A 145 -9.43 13.24 2.47
C ILE A 145 -10.19 13.95 1.32
N GLU A 146 -10.66 13.15 0.34
CA GLU A 146 -11.37 13.66 -0.88
C GLU A 146 -12.78 13.05 -1.02
N LEU A 147 -13.05 11.98 -0.26
CA LEU A 147 -14.40 11.36 -0.14
C LEU A 147 -14.86 11.53 1.32
N LYS A 148 -14.61 12.76 1.83
CA LYS A 148 -14.92 13.20 3.20
C LYS A 148 -16.29 12.68 3.71
N LYS A 149 -16.23 11.95 4.82
CA LYS A 149 -17.40 11.40 5.51
C LYS A 149 -17.87 12.37 6.63
N GLU A 150 -17.11 13.46 6.79
CA GLU A 150 -17.30 14.44 7.86
C GLU A 150 -16.52 15.71 7.50
#